data_2VM6
# 
_entry.id   2VM6 
# 
_audit_conform.dict_name       mmcif_pdbx.dic 
_audit_conform.dict_version    5.391 
_audit_conform.dict_location   http://mmcif.pdb.org/dictionaries/ascii/mmcif_pdbx.dic 
# 
loop_
_database_2.database_id 
_database_2.database_code 
_database_2.pdbx_database_accession 
_database_2.pdbx_DOI 
PDB   2VM6         pdb_00002vm6 10.2210/pdb2vm6/pdb 
PDBE  EBI-35095    ?            ?                   
WWPDB D_1290035095 ?            ?                   
# 
loop_
_pdbx_audit_revision_history.ordinal 
_pdbx_audit_revision_history.data_content_type 
_pdbx_audit_revision_history.major_revision 
_pdbx_audit_revision_history.minor_revision 
_pdbx_audit_revision_history.revision_date 
1 'Structure model' 1 0 2008-02-05 
2 'Structure model' 1 1 2011-07-13 
3 'Structure model' 1 2 2019-09-25 
4 'Structure model' 1 3 2024-05-08 
# 
_pdbx_audit_revision_details.ordinal             1 
_pdbx_audit_revision_details.revision_ordinal    1 
_pdbx_audit_revision_details.data_content_type   'Structure model' 
_pdbx_audit_revision_details.provider            repository 
_pdbx_audit_revision_details.type                'Initial release' 
_pdbx_audit_revision_details.description         ? 
_pdbx_audit_revision_details.details             ? 
# 
loop_
_pdbx_audit_revision_group.ordinal 
_pdbx_audit_revision_group.revision_ordinal 
_pdbx_audit_revision_group.data_content_type 
_pdbx_audit_revision_group.group 
1 2 'Structure model' Advisory                    
2 2 'Structure model' 'Refinement description'    
3 2 'Structure model' 'Version format compliance' 
4 3 'Structure model' 'Data collection'           
5 3 'Structure model' 'Experimental preparation'  
6 3 'Structure model' Other                       
7 4 'Structure model' 'Data collection'           
8 4 'Structure model' 'Database references'       
# 
loop_
_pdbx_audit_revision_category.ordinal 
_pdbx_audit_revision_category.revision_ordinal 
_pdbx_audit_revision_category.data_content_type 
_pdbx_audit_revision_category.category 
1 3 'Structure model' exptl_crystal_grow   
2 3 'Structure model' pdbx_database_status 
3 3 'Structure model' reflns               
4 4 'Structure model' chem_comp_atom       
5 4 'Structure model' chem_comp_bond       
6 4 'Structure model' database_2           
# 
loop_
_pdbx_audit_revision_item.ordinal 
_pdbx_audit_revision_item.revision_ordinal 
_pdbx_audit_revision_item.data_content_type 
_pdbx_audit_revision_item.item 
1 3 'Structure model' '_exptl_crystal_grow.method'           
2 3 'Structure model' '_exptl_crystal_grow.temp'             
3 3 'Structure model' '_pdbx_database_status.status_code_sf' 
4 3 'Structure model' '_reflns.pdbx_Rmerge_I_obs'            
5 4 'Structure model' '_database_2.pdbx_DOI'                 
6 4 'Structure model' '_database_2.pdbx_database_accession'  
# 
_pdbx_database_status.status_code                     REL 
_pdbx_database_status.entry_id                        2VM6 
_pdbx_database_status.deposit_site                    PDBE 
_pdbx_database_status.process_site                    PDBE 
_pdbx_database_status.SG_entry                        . 
_pdbx_database_status.recvd_initial_deposition_date   2008-01-23 
_pdbx_database_status.pdb_format_compatible           Y 
_pdbx_database_status.status_code_sf                  REL 
_pdbx_database_status.status_code_mr                  ? 
_pdbx_database_status.status_code_cs                  ? 
_pdbx_database_status.methods_development_category    ? 
_pdbx_database_status.status_code_nmr_data            ? 
# 
loop_
_pdbx_database_related.db_name 
_pdbx_database_related.db_id 
_pdbx_database_related.content_type 
_pdbx_database_related.details 
PDB 2VM5 unspecified 'HUMAN BIR2 DOMAIN OF BACULOVIRAL INHIBITOR OF APOPTOSIS REPEAT-CONTAINING 1 (BIRC1' 
PDB 2V6Q unspecified 'CRYSTAL STRUCTURE OF A BHRF-1 : BIM BH3 COMPLEX'                                    
# 
loop_
_audit_author.name 
_audit_author.pdbx_ordinal 
'Herman, M.D.'                         1  
'Lehtio, L.'                           2  
'Arrowsmith, C.H.'                     3  
'Berglund, H.'                         4  
'Busam, R.D.'                          5  
'Collins, R.'                          6  
'Dahlgren, L.G.'                       7  
'Edwards, A.M.'                        8  
'Flodin, S.'                           9  
'Flores, A.'                           10 
'Graslund, S.'                         11 
'Hammarstrom, M.'                      12 
'Johansson, I.'                        13 
'Kallas, A.'                           14 
'Karlberg, T.'                         15 
'Kotenyova, T.'                        16 
'Moche, M.'                            17 
'Nilsson, M.E.'                        18 
'Nyman, T.'                            19 
'Persson, C.'                          20 
'Sagemark, J.'                         21 
'Svensson, L.'                         22 
'Thorsell, A.G.'                       23 
'Tresaugues, L.'                       24 
'van den Berg, S.'                     25 
'Weigelt, J.'                          26 
'Welin, M.'                            27 
'Nordlund, P.'                         28 
'Structural Genomics Consortium (SGC)' 29 
# 
_citation.id                        primary 
_citation.title                     
'Completing the Family Portrait of the Anti- Apoptotic Bcl-2 Proteins: Crystal Structure of Human Bfl-1 in Complex with Bim.' 
_citation.journal_abbrev            'FEBS Lett.' 
_citation.journal_volume            582 
_citation.page_first                3590 
_citation.page_last                 ? 
_citation.year                      2008 
_citation.journal_id_ASTM           FEBLAL 
_citation.country                   NE 
_citation.journal_id_ISSN           0014-5793 
_citation.journal_id_CSD            0165 
_citation.book_publisher            ? 
_citation.pdbx_database_id_PubMed   18812174 
_citation.pdbx_database_id_DOI      10.1016/J.FEBSLET.2008.09.028 
# 
loop_
_citation_author.citation_id 
_citation_author.name 
_citation_author.ordinal 
_citation_author.identifier_ORCID 
primary 'Herman, M.D.'   1 ? 
primary 'Nyman, T.'      2 ? 
primary 'Welin, M.'      3 ? 
primary 'Lehtio, L.'     4 ? 
primary 'Flodin, S.'     5 ? 
primary 'Tresaugues, L.' 6 ? 
primary 'Kotenyova, T.'  7 ? 
primary 'Flores, A.'     8 ? 
primary 'Nordlund, P.'   9 ? 
# 
loop_
_entity.id 
_entity.type 
_entity.src_method 
_entity.pdbx_description 
_entity.formula_weight 
_entity.pdbx_number_of_molecules 
_entity.pdbx_ec 
_entity.pdbx_mutation 
_entity.pdbx_fragment 
_entity.details 
1 polymer     man 'BCL-2-RELATED PROTEIN A1' 17246.617 1  ? ? 'RESIDUES 1-149'   ? 
2 polymer     man 'BCL-2-LIKE PROTEIN 11'    3117.497  1  ? ? 'RESIDUES 141-165' ? 
3 non-polymer syn 'SULFATE ION'              96.063    1  ? ? ?                  ? 
4 water       nat water                      18.015    38 ? ? ?                  ? 
# 
loop_
_entity_name_com.entity_id 
_entity_name_com.name 
1 'PROTEIN BFL-1, HEMOPOIETIC-SPECIFIC EARLY RESPONSE PROTEIN, PROTEIN GRS, BCL-2A1, A1' 
2 'BCL2-INTERACTING MEDIATOR OF CELL DEATH'                                              
# 
loop_
_entity_poly.entity_id 
_entity_poly.type 
_entity_poly.nstd_linkage 
_entity_poly.nstd_monomer 
_entity_poly.pdbx_seq_one_letter_code 
_entity_poly.pdbx_seq_one_letter_code_can 
_entity_poly.pdbx_strand_id 
_entity_poly.pdbx_target_identifier 
1 'polypeptide(L)' no no 
;SMTDCEFGYIYRLAQDYLQCVLQIPQPGSGPSKTSRVLQNVAFSVQKEVEKNLKSCLDNVNVVSVDTARTLFNQVMEKEF
EDGIINWGRIVTIFAFEGILIKKLLRQQIAPDVDTYKEISYFVAEFIMNNTGEWIRQNGGWENGFVKKFE
;
;SMTDCEFGYIYRLAQDYLQCVLQIPQPGSGPSKTSRVLQNVAFSVQKEVEKNLKSCLDNVNVVSVDTARTLFNQVMEKEF
EDGIINWGRIVTIFAFEGILIKKLLRQQIAPDVDTYKEISYFVAEFIMNNTGEWIRQNGGWENGFVKKFE
;
A ? 
2 'polypeptide(L)' no no DMRPEIWIAQELRRIGDEFNAYYAR DMRPEIWIAQELRRIGDEFNAYYAR B ? 
# 
loop_
_pdbx_entity_nonpoly.entity_id 
_pdbx_entity_nonpoly.name 
_pdbx_entity_nonpoly.comp_id 
3 'SULFATE ION' SO4 
4 water         HOH 
# 
loop_
_entity_poly_seq.entity_id 
_entity_poly_seq.num 
_entity_poly_seq.mon_id 
_entity_poly_seq.hetero 
1 1   SER n 
1 2   MET n 
1 3   THR n 
1 4   ASP n 
1 5   CYS n 
1 6   GLU n 
1 7   PHE n 
1 8   GLY n 
1 9   TYR n 
1 10  ILE n 
1 11  TYR n 
1 12  ARG n 
1 13  LEU n 
1 14  ALA n 
1 15  GLN n 
1 16  ASP n 
1 17  TYR n 
1 18  LEU n 
1 19  GLN n 
1 20  CYS n 
1 21  VAL n 
1 22  LEU n 
1 23  GLN n 
1 24  ILE n 
1 25  PRO n 
1 26  GLN n 
1 27  PRO n 
1 28  GLY n 
1 29  SER n 
1 30  GLY n 
1 31  PRO n 
1 32  SER n 
1 33  LYS n 
1 34  THR n 
1 35  SER n 
1 36  ARG n 
1 37  VAL n 
1 38  LEU n 
1 39  GLN n 
1 40  ASN n 
1 41  VAL n 
1 42  ALA n 
1 43  PHE n 
1 44  SER n 
1 45  VAL n 
1 46  GLN n 
1 47  LYS n 
1 48  GLU n 
1 49  VAL n 
1 50  GLU n 
1 51  LYS n 
1 52  ASN n 
1 53  LEU n 
1 54  LYS n 
1 55  SER n 
1 56  CYS n 
1 57  LEU n 
1 58  ASP n 
1 59  ASN n 
1 60  VAL n 
1 61  ASN n 
1 62  VAL n 
1 63  VAL n 
1 64  SER n 
1 65  VAL n 
1 66  ASP n 
1 67  THR n 
1 68  ALA n 
1 69  ARG n 
1 70  THR n 
1 71  LEU n 
1 72  PHE n 
1 73  ASN n 
1 74  GLN n 
1 75  VAL n 
1 76  MET n 
1 77  GLU n 
1 78  LYS n 
1 79  GLU n 
1 80  PHE n 
1 81  GLU n 
1 82  ASP n 
1 83  GLY n 
1 84  ILE n 
1 85  ILE n 
1 86  ASN n 
1 87  TRP n 
1 88  GLY n 
1 89  ARG n 
1 90  ILE n 
1 91  VAL n 
1 92  THR n 
1 93  ILE n 
1 94  PHE n 
1 95  ALA n 
1 96  PHE n 
1 97  GLU n 
1 98  GLY n 
1 99  ILE n 
1 100 LEU n 
1 101 ILE n 
1 102 LYS n 
1 103 LYS n 
1 104 LEU n 
1 105 LEU n 
1 106 ARG n 
1 107 GLN n 
1 108 GLN n 
1 109 ILE n 
1 110 ALA n 
1 111 PRO n 
1 112 ASP n 
1 113 VAL n 
1 114 ASP n 
1 115 THR n 
1 116 TYR n 
1 117 LYS n 
1 118 GLU n 
1 119 ILE n 
1 120 SER n 
1 121 TYR n 
1 122 PHE n 
1 123 VAL n 
1 124 ALA n 
1 125 GLU n 
1 126 PHE n 
1 127 ILE n 
1 128 MET n 
1 129 ASN n 
1 130 ASN n 
1 131 THR n 
1 132 GLY n 
1 133 GLU n 
1 134 TRP n 
1 135 ILE n 
1 136 ARG n 
1 137 GLN n 
1 138 ASN n 
1 139 GLY n 
1 140 GLY n 
1 141 TRP n 
1 142 GLU n 
1 143 ASN n 
1 144 GLY n 
1 145 PHE n 
1 146 VAL n 
1 147 LYS n 
1 148 LYS n 
1 149 PHE n 
1 150 GLU n 
2 1   ASP n 
2 2   MET n 
2 3   ARG n 
2 4   PRO n 
2 5   GLU n 
2 6   ILE n 
2 7   TRP n 
2 8   ILE n 
2 9   ALA n 
2 10  GLN n 
2 11  GLU n 
2 12  LEU n 
2 13  ARG n 
2 14  ARG n 
2 15  ILE n 
2 16  GLY n 
2 17  ASP n 
2 18  GLU n 
2 19  PHE n 
2 20  ASN n 
2 21  ALA n 
2 22  TYR n 
2 23  TYR n 
2 24  ALA n 
2 25  ARG n 
# 
loop_
_entity_src_gen.entity_id 
_entity_src_gen.pdbx_src_id 
_entity_src_gen.pdbx_alt_source_flag 
_entity_src_gen.pdbx_seq_type 
_entity_src_gen.pdbx_beg_seq_num 
_entity_src_gen.pdbx_end_seq_num 
_entity_src_gen.gene_src_common_name 
_entity_src_gen.gene_src_genus 
_entity_src_gen.pdbx_gene_src_gene 
_entity_src_gen.gene_src_species 
_entity_src_gen.gene_src_strain 
_entity_src_gen.gene_src_tissue 
_entity_src_gen.gene_src_tissue_fraction 
_entity_src_gen.gene_src_details 
_entity_src_gen.pdbx_gene_src_fragment 
_entity_src_gen.pdbx_gene_src_scientific_name 
_entity_src_gen.pdbx_gene_src_ncbi_taxonomy_id 
_entity_src_gen.pdbx_gene_src_variant 
_entity_src_gen.pdbx_gene_src_cell_line 
_entity_src_gen.pdbx_gene_src_atcc 
_entity_src_gen.pdbx_gene_src_organ 
_entity_src_gen.pdbx_gene_src_organelle 
_entity_src_gen.pdbx_gene_src_cell 
_entity_src_gen.pdbx_gene_src_cellular_location 
_entity_src_gen.host_org_common_name 
_entity_src_gen.pdbx_host_org_scientific_name 
_entity_src_gen.pdbx_host_org_ncbi_taxonomy_id 
_entity_src_gen.host_org_genus 
_entity_src_gen.pdbx_host_org_gene 
_entity_src_gen.pdbx_host_org_organ 
_entity_src_gen.host_org_species 
_entity_src_gen.pdbx_host_org_tissue 
_entity_src_gen.pdbx_host_org_tissue_fraction 
_entity_src_gen.pdbx_host_org_strain 
_entity_src_gen.pdbx_host_org_variant 
_entity_src_gen.pdbx_host_org_cell_line 
_entity_src_gen.pdbx_host_org_atcc 
_entity_src_gen.pdbx_host_org_culture_collection 
_entity_src_gen.pdbx_host_org_cell 
_entity_src_gen.pdbx_host_org_organelle 
_entity_src_gen.pdbx_host_org_cellular_location 
_entity_src_gen.pdbx_host_org_vector_type 
_entity_src_gen.pdbx_host_org_vector 
_entity_src_gen.host_org_details 
_entity_src_gen.expression_system_id 
_entity_src_gen.plasmid_name 
_entity_src_gen.plasmid_details 
_entity_src_gen.pdbx_description 
1 1 sample ? ? ? HUMAN ? ? ? ? ? ? ? ? 'HOMO SAPIENS' 9606 ? ? ? ? ? ? ? ? 'ESCHERICHIA COLI' 469008 ? ? ? ? ? ? 
'BL21(DE3) R3 PRARE' ? ? ? ? ? ? ? ? ? ? ? PNIC-BSA4 ? ? 
2 1 sample ? ? ? HUMAN ? ? ? ? ? ? ? ? 'HOMO SAPIENS' 9606 ? ? ? ? ? ? ? ? 'ESCHERICHIA COLI' 469008 ? ? ? ? ? ? 
'BL21(DE3) R3 PRARE' ? ? ? ? ? ? ? ? ? ? ? PNIC-BSA4 ? ? 
# 
loop_
_chem_comp.id 
_chem_comp.type 
_chem_comp.mon_nstd_flag 
_chem_comp.name 
_chem_comp.pdbx_synonyms 
_chem_comp.formula 
_chem_comp.formula_weight 
ALA 'L-peptide linking' y ALANINE         ? 'C3 H7 N O2'     89.093  
ARG 'L-peptide linking' y ARGININE        ? 'C6 H15 N4 O2 1' 175.209 
ASN 'L-peptide linking' y ASPARAGINE      ? 'C4 H8 N2 O3'    132.118 
ASP 'L-peptide linking' y 'ASPARTIC ACID' ? 'C4 H7 N O4'     133.103 
CYS 'L-peptide linking' y CYSTEINE        ? 'C3 H7 N O2 S'   121.158 
GLN 'L-peptide linking' y GLUTAMINE       ? 'C5 H10 N2 O3'   146.144 
GLU 'L-peptide linking' y 'GLUTAMIC ACID' ? 'C5 H9 N O4'     147.129 
GLY 'peptide linking'   y GLYCINE         ? 'C2 H5 N O2'     75.067  
HOH non-polymer         . WATER           ? 'H2 O'           18.015  
ILE 'L-peptide linking' y ISOLEUCINE      ? 'C6 H13 N O2'    131.173 
LEU 'L-peptide linking' y LEUCINE         ? 'C6 H13 N O2'    131.173 
LYS 'L-peptide linking' y LYSINE          ? 'C6 H15 N2 O2 1' 147.195 
MET 'L-peptide linking' y METHIONINE      ? 'C5 H11 N O2 S'  149.211 
PHE 'L-peptide linking' y PHENYLALANINE   ? 'C9 H11 N O2'    165.189 
PRO 'L-peptide linking' y PROLINE         ? 'C5 H9 N O2'     115.130 
SER 'L-peptide linking' y SERINE          ? 'C3 H7 N O3'     105.093 
SO4 non-polymer         . 'SULFATE ION'   ? 'O4 S -2'        96.063  
THR 'L-peptide linking' y THREONINE       ? 'C4 H9 N O3'     119.119 
TRP 'L-peptide linking' y TRYPTOPHAN      ? 'C11 H12 N2 O2'  204.225 
TYR 'L-peptide linking' y TYROSINE        ? 'C9 H11 N O3'    181.189 
VAL 'L-peptide linking' y VALINE          ? 'C5 H11 N O2'    117.146 
# 
loop_
_pdbx_poly_seq_scheme.asym_id 
_pdbx_poly_seq_scheme.entity_id 
_pdbx_poly_seq_scheme.seq_id 
_pdbx_poly_seq_scheme.mon_id 
_pdbx_poly_seq_scheme.ndb_seq_num 
_pdbx_poly_seq_scheme.pdb_seq_num 
_pdbx_poly_seq_scheme.auth_seq_num 
_pdbx_poly_seq_scheme.pdb_mon_id 
_pdbx_poly_seq_scheme.auth_mon_id 
_pdbx_poly_seq_scheme.pdb_strand_id 
_pdbx_poly_seq_scheme.pdb_ins_code 
_pdbx_poly_seq_scheme.hetero 
A 1 1   SER 1   0   0   SER SER A . n 
A 1 2   MET 2   1   1   MET MET A . n 
A 1 3   THR 3   2   2   THR THR A . n 
A 1 4   ASP 4   3   3   ASP ASP A . n 
A 1 5   CYS 5   4   4   CYS CYS A . n 
A 1 6   GLU 6   5   5   GLU GLU A . n 
A 1 7   PHE 7   6   6   PHE PHE A . n 
A 1 8   GLY 8   7   7   GLY GLY A . n 
A 1 9   TYR 9   8   8   TYR TYR A . n 
A 1 10  ILE 10  9   9   ILE ILE A . n 
A 1 11  TYR 11  10  10  TYR TYR A . n 
A 1 12  ARG 12  11  11  ARG ARG A . n 
A 1 13  LEU 13  12  12  LEU LEU A . n 
A 1 14  ALA 14  13  13  ALA ALA A . n 
A 1 15  GLN 15  14  14  GLN GLN A . n 
A 1 16  ASP 16  15  15  ASP ASP A . n 
A 1 17  TYR 17  16  16  TYR TYR A . n 
A 1 18  LEU 18  17  17  LEU LEU A . n 
A 1 19  GLN 19  18  18  GLN GLN A . n 
A 1 20  CYS 20  19  19  CYS CYS A . n 
A 1 21  VAL 21  20  20  VAL VAL A . n 
A 1 22  LEU 22  21  21  LEU LEU A . n 
A 1 23  GLN 23  22  22  GLN GLN A . n 
A 1 24  ILE 24  23  23  ILE ILE A . n 
A 1 25  PRO 25  24  24  PRO PRO A . n 
A 1 26  GLN 26  25  ?   ?   ?   A . n 
A 1 27  PRO 27  26  ?   ?   ?   A . n 
A 1 28  GLY 28  27  ?   ?   ?   A . n 
A 1 29  SER 29  28  ?   ?   ?   A . n 
A 1 30  GLY 30  29  ?   ?   ?   A . n 
A 1 31  PRO 31  30  ?   ?   ?   A . n 
A 1 32  SER 32  31  31  SER SER A . n 
A 1 33  LYS 33  32  32  LYS LYS A . n 
A 1 34  THR 34  33  33  THR THR A . n 
A 1 35  SER 35  34  34  SER SER A . n 
A 1 36  ARG 36  35  35  ARG ARG A . n 
A 1 37  VAL 37  36  36  VAL VAL A . n 
A 1 38  LEU 38  37  37  LEU LEU A . n 
A 1 39  GLN 39  38  38  GLN GLN A . n 
A 1 40  ASN 40  39  39  ASN ASN A . n 
A 1 41  VAL 41  40  40  VAL VAL A . n 
A 1 42  ALA 42  41  41  ALA ALA A . n 
A 1 43  PHE 43  42  42  PHE PHE A . n 
A 1 44  SER 44  43  43  SER SER A . n 
A 1 45  VAL 45  44  44  VAL VAL A . n 
A 1 46  GLN 46  45  45  GLN GLN A . n 
A 1 47  LYS 47  46  46  LYS LYS A . n 
A 1 48  GLU 48  47  47  GLU GLU A . n 
A 1 49  VAL 49  48  48  VAL VAL A . n 
A 1 50  GLU 50  49  49  GLU GLU A . n 
A 1 51  LYS 51  50  50  LYS LYS A . n 
A 1 52  ASN 52  51  51  ASN ASN A . n 
A 1 53  LEU 53  52  52  LEU LEU A . n 
A 1 54  LYS 54  53  53  LYS LYS A . n 
A 1 55  SER 55  54  54  SER SER A . n 
A 1 56  CYS 56  55  55  CYS CYS A . n 
A 1 57  LEU 57  56  56  LEU LEU A . n 
A 1 58  ASP 58  57  57  ASP ASP A . n 
A 1 59  ASN 59  58  58  ASN ASN A . n 
A 1 60  VAL 60  59  59  VAL VAL A . n 
A 1 61  ASN 61  60  60  ASN ASN A . n 
A 1 62  VAL 62  61  61  VAL VAL A . n 
A 1 63  VAL 63  62  62  VAL VAL A . n 
A 1 64  SER 64  63  63  SER SER A . n 
A 1 65  VAL 65  64  64  VAL VAL A . n 
A 1 66  ASP 66  65  65  ASP ASP A . n 
A 1 67  THR 67  66  66  THR THR A . n 
A 1 68  ALA 68  67  67  ALA ALA A . n 
A 1 69  ARG 69  68  68  ARG ARG A . n 
A 1 70  THR 70  69  69  THR THR A . n 
A 1 71  LEU 71  70  70  LEU LEU A . n 
A 1 72  PHE 72  71  71  PHE PHE A . n 
A 1 73  ASN 73  72  72  ASN ASN A . n 
A 1 74  GLN 74  73  73  GLN GLN A . n 
A 1 75  VAL 75  74  74  VAL VAL A . n 
A 1 76  MET 76  75  75  MET MET A . n 
A 1 77  GLU 77  76  76  GLU GLU A . n 
A 1 78  LYS 78  77  77  LYS LYS A . n 
A 1 79  GLU 79  78  78  GLU GLU A . n 
A 1 80  PHE 80  79  79  PHE PHE A . n 
A 1 81  GLU 81  80  80  GLU GLU A . n 
A 1 82  ASP 82  81  81  ASP ASP A . n 
A 1 83  GLY 83  82  82  GLY GLY A . n 
A 1 84  ILE 84  83  83  ILE ILE A . n 
A 1 85  ILE 85  84  84  ILE ILE A . n 
A 1 86  ASN 86  85  85  ASN ASN A . n 
A 1 87  TRP 87  86  86  TRP TRP A . n 
A 1 88  GLY 88  87  87  GLY GLY A . n 
A 1 89  ARG 89  88  88  ARG ARG A . n 
A 1 90  ILE 90  89  89  ILE ILE A . n 
A 1 91  VAL 91  90  90  VAL VAL A . n 
A 1 92  THR 92  91  91  THR THR A . n 
A 1 93  ILE 93  92  92  ILE ILE A . n 
A 1 94  PHE 94  93  93  PHE PHE A . n 
A 1 95  ALA 95  94  94  ALA ALA A . n 
A 1 96  PHE 96  95  95  PHE PHE A . n 
A 1 97  GLU 97  96  96  GLU GLU A . n 
A 1 98  GLY 98  97  97  GLY GLY A . n 
A 1 99  ILE 99  98  98  ILE ILE A . n 
A 1 100 LEU 100 99  99  LEU LEU A . n 
A 1 101 ILE 101 100 100 ILE ILE A . n 
A 1 102 LYS 102 101 101 LYS LYS A . n 
A 1 103 LYS 103 102 102 LYS LYS A . n 
A 1 104 LEU 104 103 103 LEU LEU A . n 
A 1 105 LEU 105 104 104 LEU LEU A . n 
A 1 106 ARG 106 105 105 ARG ARG A . n 
A 1 107 GLN 107 106 106 GLN GLN A . n 
A 1 108 GLN 108 107 107 GLN GLN A . n 
A 1 109 ILE 109 108 108 ILE ILE A . n 
A 1 110 ALA 110 109 109 ALA ALA A . n 
A 1 111 PRO 111 110 110 PRO PRO A . n 
A 1 112 ASP 112 111 111 ASP ASP A . n 
A 1 113 VAL 113 112 112 VAL VAL A . n 
A 1 114 ASP 114 113 113 ASP ASP A . n 
A 1 115 THR 115 114 114 THR THR A . n 
A 1 116 TYR 116 115 115 TYR TYR A . n 
A 1 117 LYS 117 116 116 LYS LYS A . n 
A 1 118 GLU 118 117 117 GLU GLU A . n 
A 1 119 ILE 119 118 118 ILE ILE A . n 
A 1 120 SER 120 119 119 SER SER A . n 
A 1 121 TYR 121 120 120 TYR TYR A . n 
A 1 122 PHE 122 121 121 PHE PHE A . n 
A 1 123 VAL 123 122 122 VAL VAL A . n 
A 1 124 ALA 124 123 123 ALA ALA A . n 
A 1 125 GLU 125 124 124 GLU GLU A . n 
A 1 126 PHE 126 125 125 PHE PHE A . n 
A 1 127 ILE 127 126 126 ILE ILE A . n 
A 1 128 MET 128 127 127 MET MET A . n 
A 1 129 ASN 129 128 128 ASN ASN A . n 
A 1 130 ASN 130 129 129 ASN ASN A . n 
A 1 131 THR 131 130 130 THR THR A . n 
A 1 132 GLY 132 131 131 GLY GLY A . n 
A 1 133 GLU 133 132 132 GLU GLU A . n 
A 1 134 TRP 134 133 133 TRP TRP A . n 
A 1 135 ILE 135 134 134 ILE ILE A . n 
A 1 136 ARG 136 135 135 ARG ARG A . n 
A 1 137 GLN 137 136 136 GLN GLN A . n 
A 1 138 ASN 138 137 137 ASN ASN A . n 
A 1 139 GLY 139 138 138 GLY GLY A . n 
A 1 140 GLY 140 139 139 GLY GLY A . n 
A 1 141 TRP 141 140 140 TRP TRP A . n 
A 1 142 GLU 142 141 141 GLU GLU A . n 
A 1 143 ASN 143 142 142 ASN ASN A . n 
A 1 144 GLY 144 143 143 GLY GLY A . n 
A 1 145 PHE 145 144 144 PHE PHE A . n 
A 1 146 VAL 146 145 145 VAL VAL A . n 
A 1 147 LYS 147 146 146 LYS LYS A . n 
A 1 148 LYS 148 147 147 LYS LYS A . n 
A 1 149 PHE 149 148 148 PHE PHE A . n 
A 1 150 GLU 150 149 149 GLU GLU A . n 
B 2 1   ASP 1   141 141 ASP ASP B . n 
B 2 2   MET 2   142 142 MET MET B . n 
B 2 3   ARG 3   143 143 ARG ARG B . n 
B 2 4   PRO 4   144 144 PRO PRO B . n 
B 2 5   GLU 5   145 145 GLU GLU B . n 
B 2 6   ILE 6   146 146 ILE ILE B . n 
B 2 7   TRP 7   147 147 TRP TRP B . n 
B 2 8   ILE 8   148 148 ILE ILE B . n 
B 2 9   ALA 9   149 149 ALA ALA B . n 
B 2 10  GLN 10  150 150 GLN GLN B . n 
B 2 11  GLU 11  151 151 GLU GLU B . n 
B 2 12  LEU 12  152 152 LEU LEU B . n 
B 2 13  ARG 13  153 153 ARG ARG B . n 
B 2 14  ARG 14  154 154 ARG ARG B . n 
B 2 15  ILE 15  155 155 ILE ILE B . n 
B 2 16  GLY 16  156 156 GLY GLY B . n 
B 2 17  ASP 17  157 157 ASP ASP B . n 
B 2 18  GLU 18  158 158 GLU GLU B . n 
B 2 19  PHE 19  159 159 PHE PHE B . n 
B 2 20  ASN 20  160 160 ASN ASN B . n 
B 2 21  ALA 21  161 161 ALA ALA B . n 
B 2 22  TYR 22  162 162 TYR TYR B . n 
B 2 23  TYR 23  163 163 TYR TYR B . n 
B 2 24  ALA 24  164 164 ALA ALA B . n 
B 2 25  ARG 25  165 165 ARG ARG B . n 
# 
loop_
_pdbx_nonpoly_scheme.asym_id 
_pdbx_nonpoly_scheme.entity_id 
_pdbx_nonpoly_scheme.mon_id 
_pdbx_nonpoly_scheme.ndb_seq_num 
_pdbx_nonpoly_scheme.pdb_seq_num 
_pdbx_nonpoly_scheme.auth_seq_num 
_pdbx_nonpoly_scheme.pdb_mon_id 
_pdbx_nonpoly_scheme.auth_mon_id 
_pdbx_nonpoly_scheme.pdb_strand_id 
_pdbx_nonpoly_scheme.pdb_ins_code 
C 3 SO4 1  1150 1150 SO4 SO4 A . 
D 4 HOH 1  2001 2001 HOH HOH A . 
D 4 HOH 2  2002 2002 HOH HOH A . 
D 4 HOH 3  2003 2003 HOH HOH A . 
D 4 HOH 4  2004 2004 HOH HOH A . 
D 4 HOH 5  2005 2005 HOH HOH A . 
D 4 HOH 6  2006 2006 HOH HOH A . 
D 4 HOH 7  2007 2007 HOH HOH A . 
D 4 HOH 8  2008 2008 HOH HOH A . 
D 4 HOH 9  2009 2009 HOH HOH A . 
D 4 HOH 10 2010 2010 HOH HOH A . 
D 4 HOH 11 2011 2011 HOH HOH A . 
D 4 HOH 12 2012 2012 HOH HOH A . 
D 4 HOH 13 2013 2013 HOH HOH A . 
D 4 HOH 14 2014 2014 HOH HOH A . 
D 4 HOH 15 2015 2015 HOH HOH A . 
D 4 HOH 16 2016 2016 HOH HOH A . 
D 4 HOH 17 2017 2017 HOH HOH A . 
D 4 HOH 18 2018 2018 HOH HOH A . 
D 4 HOH 19 2019 2019 HOH HOH A . 
D 4 HOH 20 2020 2020 HOH HOH A . 
D 4 HOH 21 2021 2021 HOH HOH A . 
D 4 HOH 22 2022 2022 HOH HOH A . 
D 4 HOH 23 2023 2023 HOH HOH A . 
D 4 HOH 24 2024 2024 HOH HOH A . 
D 4 HOH 25 2025 2025 HOH HOH A . 
D 4 HOH 26 2026 2026 HOH HOH A . 
D 4 HOH 27 2027 2027 HOH HOH A . 
D 4 HOH 28 2028 2028 HOH HOH A . 
D 4 HOH 29 2029 2029 HOH HOH A . 
D 4 HOH 30 2030 2030 HOH HOH A . 
D 4 HOH 31 2031 2031 HOH HOH A . 
D 4 HOH 32 2032 2032 HOH HOH A . 
E 4 HOH 1  2001 2001 HOH HOH B . 
E 4 HOH 2  2002 2002 HOH HOH B . 
E 4 HOH 3  2003 2003 HOH HOH B . 
E 4 HOH 4  2004 2004 HOH HOH B . 
E 4 HOH 5  2005 2005 HOH HOH B . 
E 4 HOH 6  2006 2006 HOH HOH B . 
# 
loop_
_pdbx_unobs_or_zero_occ_atoms.id 
_pdbx_unobs_or_zero_occ_atoms.PDB_model_num 
_pdbx_unobs_or_zero_occ_atoms.polymer_flag 
_pdbx_unobs_or_zero_occ_atoms.occupancy_flag 
_pdbx_unobs_or_zero_occ_atoms.auth_asym_id 
_pdbx_unobs_or_zero_occ_atoms.auth_comp_id 
_pdbx_unobs_or_zero_occ_atoms.auth_seq_id 
_pdbx_unobs_or_zero_occ_atoms.PDB_ins_code 
_pdbx_unobs_or_zero_occ_atoms.auth_atom_id 
_pdbx_unobs_or_zero_occ_atoms.label_alt_id 
_pdbx_unobs_or_zero_occ_atoms.label_asym_id 
_pdbx_unobs_or_zero_occ_atoms.label_comp_id 
_pdbx_unobs_or_zero_occ_atoms.label_seq_id 
_pdbx_unobs_or_zero_occ_atoms.label_atom_id 
1 1 Y 1 A MET 1 ? CG ? A MET 2 CG 
2 1 Y 1 A MET 1 ? SD ? A MET 2 SD 
3 1 Y 1 A MET 1 ? CE ? A MET 2 CE 
# 
loop_
_software.name 
_software.classification 
_software.version 
_software.citation_id 
_software.pdbx_ordinal 
_software.date 
_software.type 
_software.location 
_software.language 
REFMAC refinement       5.3.0040 ? 1 ? ? ? ? 
XDS    'data reduction' .        ? 2 ? ? ? ? 
XSCALE 'data scaling'   .        ? 3 ? ? ? ? 
SOLVE  phasing          .        ? 4 ? ? ? ? 
# 
_cell.entry_id           2VM6 
_cell.length_a           70.800 
_cell.length_b           70.800 
_cell.length_c           208.800 
_cell.angle_alpha        90.00 
_cell.angle_beta         90.00 
_cell.angle_gamma        120.00 
_cell.Z_PDB              18 
_cell.pdbx_unique_axis   ? 
# 
_symmetry.entry_id                         2VM6 
_symmetry.space_group_name_H-M             'H 3 2' 
_symmetry.pdbx_full_space_group_name_H-M   ? 
_symmetry.cell_setting                     ? 
_symmetry.Int_Tables_number                155 
# 
_exptl.entry_id          2VM6 
_exptl.method            'X-RAY DIFFRACTION' 
_exptl.crystals_number   2 
# 
_exptl_crystal.id                    1 
_exptl_crystal.density_meas          ? 
_exptl_crystal.density_Matthews      2.48 
_exptl_crystal.density_percent_sol   50.4 
_exptl_crystal.description           NONE 
_exptl_crystal.preparation           ? 
# 
_exptl_crystal_grow.crystal_id      1 
_exptl_crystal_grow.method          'VAPOR DIFFUSION, HANGING DROP' 
_exptl_crystal_grow.temp            293 
_exptl_crystal_grow.temp_details    ? 
_exptl_crystal_grow.pH              5.8 
_exptl_crystal_grow.pdbx_pH_range   ? 
_exptl_crystal_grow.pdbx_details    '0.1M BIS, TRIS PH 5.8, 2M AMSO4' 
# 
_diffrn.id                               1 
_diffrn.ambient_temp                     100 
_diffrn.ambient_temp_details             ? 
_diffrn.crystal_id                       1 
_diffrn.pdbx_serial_crystal_experiment   ? 
# 
_diffrn_detector.diffrn_id              1 
_diffrn_detector.detector               CCD 
_diffrn_detector.type                   'ADSC CCD' 
_diffrn_detector.pdbx_collection_date   2007-09-27 
_diffrn_detector.details                MIRRORS 
# 
_diffrn_radiation.diffrn_id                        1 
_diffrn_radiation.wavelength_id                    1 
_diffrn_radiation.pdbx_monochromatic_or_laue_m_l   M 
_diffrn_radiation.monochromator                    'DIAMOND (111), GE(220)' 
_diffrn_radiation.pdbx_diffrn_protocol             'SINGLE WAVELENGTH' 
_diffrn_radiation.pdbx_scattering_type             x-ray 
# 
_diffrn_radiation_wavelength.id           1 
_diffrn_radiation_wavelength.wavelength   0.934000 
_diffrn_radiation_wavelength.wt           1.0 
# 
_diffrn_source.diffrn_id                   1 
_diffrn_source.source                      SYNCHROTRON 
_diffrn_source.type                        'ESRF BEAMLINE ID14-1' 
_diffrn_source.pdbx_synchrotron_site       ESRF 
_diffrn_source.pdbx_synchrotron_beamline   ID14-1 
_diffrn_source.pdbx_wavelength             0.934000 
_diffrn_source.pdbx_wavelength_list        ? 
# 
_reflns.pdbx_diffrn_id               1 
_reflns.pdbx_ordinal                 1 
_reflns.entry_id                     2VM6 
_reflns.observed_criterion_sigma_I   2.0 
_reflns.observed_criterion_sigma_F   ? 
_reflns.d_resolution_low             20.00 
_reflns.d_resolution_high            2.20 
_reflns.number_obs                   10576 
_reflns.number_all                   ? 
_reflns.percent_possible_obs         99.7 
_reflns.pdbx_Rmerge_I_obs            0.066 
_reflns.pdbx_Rsym_value              ? 
_reflns.pdbx_netI_over_sigmaI        30.27 
_reflns.B_iso_Wilson_estimate        ? 
_reflns.pdbx_redundancy              11.7 
_reflns.pdbx_CC_half                 ? 
_reflns.pdbx_Rpim_I_all              ? 
_reflns.pdbx_Rrim_I_all              ? 
# 
_reflns_shell.pdbx_diffrn_id         1 
_reflns_shell.pdbx_ordinal           1 
_reflns_shell.d_res_high             2.20 
_reflns_shell.d_res_low              2.30 
_reflns_shell.percent_possible_all   100.0 
_reflns_shell.Rmerge_I_obs           0.52 
_reflns_shell.pdbx_Rsym_value        ? 
_reflns_shell.meanI_over_sigI_obs    4.75 
_reflns_shell.pdbx_redundancy        8.9 
_reflns_shell.number_measured_obs    ? 
_reflns_shell.number_unique_all      ? 
_reflns_shell.number_unique_obs      ? 
_reflns_shell.pdbx_CC_half           ? 
_reflns_shell.pdbx_Rpim_I_all        ? 
_reflns_shell.pdbx_Rrim_I_all        ? 
# 
_refine.pdbx_refine_id                           'X-RAY DIFFRACTION' 
_refine.entry_id                                 2VM6 
_refine.pdbx_diffrn_id                           1 
_refine.pdbx_TLS_residual_ADP_flag               'LIKELY RESIDUAL' 
_refine.ls_number_reflns_obs                     10075 
_refine.ls_number_reflns_all                     ? 
_refine.pdbx_ls_sigma_I                          ? 
_refine.pdbx_ls_sigma_F                          ? 
_refine.pdbx_data_cutoff_high_absF               ? 
_refine.pdbx_data_cutoff_low_absF                ? 
_refine.pdbx_data_cutoff_high_rms_absF           ? 
_refine.ls_d_res_low                             20.00 
_refine.ls_d_res_high                            2.20 
_refine.ls_percent_reflns_obs                    99.9 
_refine.ls_R_factor_obs                          0.196 
_refine.ls_R_factor_all                          ? 
_refine.ls_R_factor_R_work                       0.194 
_refine.ls_R_factor_R_free                       0.250 
_refine.ls_R_factor_R_free_error                 ? 
_refine.ls_R_factor_R_free_error_details         ? 
_refine.ls_percent_reflns_R_free                 4.800 
_refine.ls_number_reflns_R_free                  503 
_refine.ls_number_parameters                     ? 
_refine.ls_number_restraints                     ? 
_refine.occupancy_min                            ? 
_refine.occupancy_max                            ? 
_refine.correlation_coeff_Fo_to_Fc               0.947 
_refine.correlation_coeff_Fo_to_Fc_free          0.902 
_refine.B_iso_mean                               37.38 
_refine.aniso_B[1][1]                            -0.24000 
_refine.aniso_B[2][2]                            -0.24000 
_refine.aniso_B[3][3]                            0.36000 
_refine.aniso_B[1][2]                            -0.12000 
_refine.aniso_B[1][3]                            0.00000 
_refine.aniso_B[2][3]                            0.00000 
_refine.solvent_model_details                    MASK 
_refine.solvent_model_param_ksol                 ? 
_refine.solvent_model_param_bsol                 ? 
_refine.pdbx_solvent_vdw_probe_radii             1.20 
_refine.pdbx_solvent_ion_probe_radii             0.80 
_refine.pdbx_solvent_shrinkage_radii             0.80 
_refine.pdbx_ls_cross_valid_method               THROUGHOUT 
_refine.details                                  
'HYDROGENS HAVE BEEN ADDED IN THE RIDING POSITIONS. RESIDUES 25-30 ARE DISORDERED, FIRST SER IS FROM VECTOR.' 
_refine.pdbx_starting_model                      NONE 
_refine.pdbx_method_to_determine_struct          MAD 
_refine.pdbx_isotropic_thermal_model             ? 
_refine.pdbx_stereochemistry_target_values       'MAXIMUM LIKELIHOOD' 
_refine.pdbx_stereochem_target_val_spec_case     ? 
_refine.pdbx_R_Free_selection_details            RANDOM 
_refine.pdbx_overall_ESU_R                       0.250 
_refine.pdbx_overall_ESU_R_Free                  0.211 
_refine.overall_SU_ML                            0.137 
_refine.pdbx_overall_phase_error                 ? 
_refine.overall_SU_B                             10.977 
_refine.overall_SU_R_Cruickshank_DPI             ? 
_refine.pdbx_overall_SU_R_free_Cruickshank_DPI   ? 
_refine.pdbx_overall_SU_R_Blow_DPI               ? 
_refine.pdbx_overall_SU_R_free_Blow_DPI          ? 
# 
_refine_hist.pdbx_refine_id                   'X-RAY DIFFRACTION' 
_refine_hist.cycle_id                         LAST 
_refine_hist.pdbx_number_atoms_protein        1393 
_refine_hist.pdbx_number_atoms_nucleic_acid   0 
_refine_hist.pdbx_number_atoms_ligand         5 
_refine_hist.number_atoms_solvent             38 
_refine_hist.number_atoms_total               1436 
_refine_hist.d_res_high                       2.20 
_refine_hist.d_res_low                        20.00 
# 
loop_
_refine_ls_restr.type 
_refine_ls_restr.dev_ideal 
_refine_ls_restr.dev_ideal_target 
_refine_ls_restr.weight 
_refine_ls_restr.number 
_refine_ls_restr.pdbx_refine_id 
_refine_ls_restr.pdbx_restraint_function 
r_bond_refined_d             0.014  0.022  ? 1423 'X-RAY DIFFRACTION' ? 
r_bond_other_d               ?      ?      ? ?    'X-RAY DIFFRACTION' ? 
r_angle_refined_deg          1.401  1.939  ? 1920 'X-RAY DIFFRACTION' ? 
r_angle_other_deg            ?      ?      ? ?    'X-RAY DIFFRACTION' ? 
r_dihedral_angle_1_deg       5.748  5.000  ? 166  'X-RAY DIFFRACTION' ? 
r_dihedral_angle_2_deg       35.804 24.545 ? 77   'X-RAY DIFFRACTION' ? 
r_dihedral_angle_3_deg       15.772 15.000 ? 254  'X-RAY DIFFRACTION' ? 
r_dihedral_angle_4_deg       19.945 15.000 ? 10   'X-RAY DIFFRACTION' ? 
r_chiral_restr               0.096  0.200  ? 207  'X-RAY DIFFRACTION' ? 
r_gen_planes_refined         0.006  0.020  ? 1083 'X-RAY DIFFRACTION' ? 
r_gen_planes_other           ?      ?      ? ?    'X-RAY DIFFRACTION' ? 
r_nbd_refined                0.209  0.200  ? 715  'X-RAY DIFFRACTION' ? 
r_nbd_other                  ?      ?      ? ?    'X-RAY DIFFRACTION' ? 
r_nbtor_refined              0.308  0.200  ? 1012 'X-RAY DIFFRACTION' ? 
r_nbtor_other                ?      ?      ? ?    'X-RAY DIFFRACTION' ? 
r_xyhbond_nbd_refined        0.131  0.200  ? 52   'X-RAY DIFFRACTION' ? 
r_xyhbond_nbd_other          ?      ?      ? ?    'X-RAY DIFFRACTION' ? 
r_metal_ion_refined          ?      ?      ? ?    'X-RAY DIFFRACTION' ? 
r_metal_ion_other            ?      ?      ? ?    'X-RAY DIFFRACTION' ? 
r_symmetry_vdw_refined       0.178  0.200  ? 44   'X-RAY DIFFRACTION' ? 
r_symmetry_vdw_other         ?      ?      ? ?    'X-RAY DIFFRACTION' ? 
r_symmetry_hbond_refined     0.144  0.200  ? 9    'X-RAY DIFFRACTION' ? 
r_symmetry_hbond_other       ?      ?      ? ?    'X-RAY DIFFRACTION' ? 
r_symmetry_metal_ion_refined ?      ?      ? ?    'X-RAY DIFFRACTION' ? 
r_symmetry_metal_ion_other   ?      ?      ? ?    'X-RAY DIFFRACTION' ? 
r_mcbond_it                  0.852  1.500  ? 872  'X-RAY DIFFRACTION' ? 
r_mcbond_other               ?      ?      ? ?    'X-RAY DIFFRACTION' ? 
r_mcangle_it                 1.387  2.000  ? 1353 'X-RAY DIFFRACTION' ? 
r_mcangle_other              ?      ?      ? ?    'X-RAY DIFFRACTION' ? 
r_scbond_it                  2.157  3.000  ? 652  'X-RAY DIFFRACTION' ? 
r_scbond_other               ?      ?      ? ?    'X-RAY DIFFRACTION' ? 
r_scangle_it                 3.307  4.500  ? 567  'X-RAY DIFFRACTION' ? 
r_scangle_other              ?      ?      ? ?    'X-RAY DIFFRACTION' ? 
r_long_range_B_refined       ?      ?      ? ?    'X-RAY DIFFRACTION' ? 
r_long_range_B_other         ?      ?      ? ?    'X-RAY DIFFRACTION' ? 
r_rigid_bond_restr           ?      ?      ? ?    'X-RAY DIFFRACTION' ? 
r_sphericity_free            ?      ?      ? ?    'X-RAY DIFFRACTION' ? 
r_sphericity_bonded          ?      ?      ? ?    'X-RAY DIFFRACTION' ? 
# 
_refine_ls_shell.pdbx_refine_id                   'X-RAY DIFFRACTION' 
_refine_ls_shell.pdbx_total_number_of_bins_used   20 
_refine_ls_shell.d_res_high                       2.20 
_refine_ls_shell.d_res_low                        2.26 
_refine_ls_shell.number_reflns_R_work             708 
_refine_ls_shell.R_factor_R_work                  0.1930 
_refine_ls_shell.percent_reflns_obs               ? 
_refine_ls_shell.R_factor_R_free                  0.2470 
_refine_ls_shell.R_factor_R_free_error            ? 
_refine_ls_shell.percent_reflns_R_free            ? 
_refine_ls_shell.number_reflns_R_free             40 
_refine_ls_shell.number_reflns_all                ? 
_refine_ls_shell.R_factor_all                     ? 
_refine_ls_shell.R_factor_obs                     ? 
_refine_ls_shell.number_reflns_obs                ? 
# 
_struct.entry_id                  2VM6 
_struct.title                     'Human Bcl2-A1 in complex with Bim-BH3 peptide' 
_struct.pdbx_model_details        ? 
_struct.pdbx_CASP_flag            ? 
_struct.pdbx_model_type_details   ? 
# 
_struct_keywords.entry_id        2VM6 
_struct_keywords.pdbx_keywords   'IMMUNE SYSTEM' 
_struct_keywords.text            'B-CELL LYMPHOMA2, ANTIAPOPTOTIC, IMMUNE SYSTEM, BIM, BFL-1, BCL2A1, BCL-2A1, MEMBRANE, APOPTOSIS' 
# 
loop_
_struct_asym.id 
_struct_asym.pdbx_blank_PDB_chainid_flag 
_struct_asym.pdbx_modified 
_struct_asym.entity_id 
_struct_asym.details 
A N N 1 ? 
B N N 2 ? 
C N N 3 ? 
D N N 4 ? 
E N N 4 ? 
# 
loop_
_struct_ref.id 
_struct_ref.db_name 
_struct_ref.db_code 
_struct_ref.entity_id 
_struct_ref.pdbx_seq_one_letter_code 
_struct_ref.pdbx_align_begin 
_struct_ref.pdbx_db_accession 
_struct_ref.pdbx_db_isoform 
1 PDB 2VM6        1 ? ? 2VM6   ? 
2 UNP B2LA1_HUMAN 1 ? ? Q16548 ? 
3 UNP BIM_HUMAN   2 ? ? O43521 ? 
# 
loop_
_struct_ref_seq.align_id 
_struct_ref_seq.ref_id 
_struct_ref_seq.pdbx_PDB_id_code 
_struct_ref_seq.pdbx_strand_id 
_struct_ref_seq.seq_align_beg 
_struct_ref_seq.pdbx_seq_align_beg_ins_code 
_struct_ref_seq.seq_align_end 
_struct_ref_seq.pdbx_seq_align_end_ins_code 
_struct_ref_seq.pdbx_db_accession 
_struct_ref_seq.db_align_beg 
_struct_ref_seq.pdbx_db_align_beg_ins_code 
_struct_ref_seq.db_align_end 
_struct_ref_seq.pdbx_db_align_end_ins_code 
_struct_ref_seq.pdbx_auth_seq_align_beg 
_struct_ref_seq.pdbx_auth_seq_align_end 
1 1 2VM6 A 1 ? 1   ? 2VM6   0   ? 0   ? 0   0   
2 2 2VM6 A 2 ? 150 ? Q16548 1   ? 149 ? 1   149 
3 3 2VM6 B 1 ? 25  ? O43521 141 ? 165 ? 141 165 
# 
_pdbx_struct_assembly.id                   1 
_pdbx_struct_assembly.details              author_and_software_defined_assembly 
_pdbx_struct_assembly.method_details       PQS 
_pdbx_struct_assembly.oligomeric_details   dimeric 
_pdbx_struct_assembly.oligomeric_count     2 
# 
loop_
_pdbx_struct_assembly_prop.biol_id 
_pdbx_struct_assembly_prop.type 
_pdbx_struct_assembly_prop.value 
_pdbx_struct_assembly_prop.details 
1 'ABSA (A^2)' 2770  ? 
1 MORE         -22.6 ? 
1 'SSA (A^2)'  10260 ? 
# 
_pdbx_struct_assembly_gen.assembly_id       1 
_pdbx_struct_assembly_gen.oper_expression   1 
_pdbx_struct_assembly_gen.asym_id_list      A,B,C,D,E 
# 
_pdbx_struct_oper_list.id                   1 
_pdbx_struct_oper_list.type                 'identity operation' 
_pdbx_struct_oper_list.name                 1_555 
_pdbx_struct_oper_list.symmetry_operation   x,y,z 
_pdbx_struct_oper_list.matrix[1][1]         1.0000000000 
_pdbx_struct_oper_list.matrix[1][2]         0.0000000000 
_pdbx_struct_oper_list.matrix[1][3]         0.0000000000 
_pdbx_struct_oper_list.vector[1]            0.0000000000 
_pdbx_struct_oper_list.matrix[2][1]         0.0000000000 
_pdbx_struct_oper_list.matrix[2][2]         1.0000000000 
_pdbx_struct_oper_list.matrix[2][3]         0.0000000000 
_pdbx_struct_oper_list.vector[2]            0.0000000000 
_pdbx_struct_oper_list.matrix[3][1]         0.0000000000 
_pdbx_struct_oper_list.matrix[3][2]         0.0000000000 
_pdbx_struct_oper_list.matrix[3][3]         1.0000000000 
_pdbx_struct_oper_list.vector[3]            0.0000000000 
# 
loop_
_struct_conf.conf_type_id 
_struct_conf.id 
_struct_conf.pdbx_PDB_helix_id 
_struct_conf.beg_label_comp_id 
_struct_conf.beg_label_asym_id 
_struct_conf.beg_label_seq_id 
_struct_conf.pdbx_beg_PDB_ins_code 
_struct_conf.end_label_comp_id 
_struct_conf.end_label_asym_id 
_struct_conf.end_label_seq_id 
_struct_conf.pdbx_end_PDB_ins_code 
_struct_conf.beg_auth_comp_id 
_struct_conf.beg_auth_asym_id 
_struct_conf.beg_auth_seq_id 
_struct_conf.end_auth_comp_id 
_struct_conf.end_auth_asym_id 
_struct_conf.end_auth_seq_id 
_struct_conf.pdbx_PDB_helix_class 
_struct_conf.details 
_struct_conf.pdbx_PDB_helix_length 
HELX_P HELX_P1  1  SER A 1   ? LEU A 22  ? SER A 0   LEU A 21  1 ? 22 
HELX_P HELX_P2  2  SER A 32  ? LEU A 53  ? SER A 31  LEU A 52  1 ? 22 
HELX_P HELX_P3  3  LEU A 53  ? ASP A 58  ? LEU A 52  ASP A 57  1 ? 6  
HELX_P HELX_P4  4  SER A 64  ? GLU A 81  ? SER A 63  GLU A 80  1 ? 18 
HELX_P HELX_P5  5  ASN A 86  ? GLN A 108 ? ASN A 85  GLN A 107 1 ? 23 
HELX_P HELX_P6  6  VAL A 113 ? THR A 115 ? VAL A 112 THR A 114 5 ? 3  
HELX_P HELX_P7  7  TYR A 116 ? ASN A 138 ? TYR A 115 ASN A 137 1 ? 23 
HELX_P HELX_P8  8  GLY A 139 ? GLY A 144 ? GLY A 138 GLY A 143 1 ? 6  
HELX_P HELX_P9  9  GLY A 144 ? GLU A 150 ? GLY A 143 GLU A 149 1 ? 7  
HELX_P HELX_P10 10 ARG B 3   ? TYR B 23  ? ARG B 143 TYR B 163 1 ? 21 
# 
_struct_conf_type.id          HELX_P 
_struct_conf_type.criteria    ? 
_struct_conf_type.reference   ? 
# 
_struct_site.id                   AC1 
_struct_site.pdbx_evidence_code   Software 
_struct_site.pdbx_auth_asym_id    ? 
_struct_site.pdbx_auth_comp_id    ? 
_struct_site.pdbx_auth_seq_id     ? 
_struct_site.pdbx_auth_ins_code   ? 
_struct_site.pdbx_num_residues    3 
_struct_site.details              'BINDING SITE FOR RESIDUE SO4 A1150' 
# 
loop_
_struct_site_gen.id 
_struct_site_gen.site_id 
_struct_site_gen.pdbx_num_res 
_struct_site_gen.label_comp_id 
_struct_site_gen.label_asym_id 
_struct_site_gen.label_seq_id 
_struct_site_gen.pdbx_auth_ins_code 
_struct_site_gen.auth_comp_id 
_struct_site_gen.auth_asym_id 
_struct_site_gen.auth_seq_id 
_struct_site_gen.label_atom_id 
_struct_site_gen.label_alt_id 
_struct_site_gen.symmetry 
_struct_site_gen.details 
1 AC1 3 LYS A 148 ? LYS A 147 . ? 1_555 ? 
2 AC1 3 ALA B 24  ? ALA B 164 . ? 1_555 ? 
3 AC1 3 ARG B 25  ? ARG B 165 . ? 1_555 ? 
# 
_pdbx_validate_torsion.id              1 
_pdbx_validate_torsion.PDB_model_num   1 
_pdbx_validate_torsion.auth_comp_id    THR 
_pdbx_validate_torsion.auth_asym_id    A 
_pdbx_validate_torsion.auth_seq_id     114 
_pdbx_validate_torsion.PDB_ins_code    ? 
_pdbx_validate_torsion.label_alt_id    ? 
_pdbx_validate_torsion.phi             -62.07 
_pdbx_validate_torsion.psi             5.89 
# 
_pdbx_struct_special_symmetry.id              1 
_pdbx_struct_special_symmetry.PDB_model_num   1 
_pdbx_struct_special_symmetry.auth_asym_id    A 
_pdbx_struct_special_symmetry.auth_comp_id    HOH 
_pdbx_struct_special_symmetry.auth_seq_id     2019 
_pdbx_struct_special_symmetry.PDB_ins_code    ? 
_pdbx_struct_special_symmetry.label_asym_id   D 
_pdbx_struct_special_symmetry.label_comp_id   HOH 
_pdbx_struct_special_symmetry.label_seq_id    . 
# 
_pdbx_refine_tls.pdbx_refine_id   'X-RAY DIFFRACTION' 
_pdbx_refine_tls.id               1 
_pdbx_refine_tls.details          ? 
_pdbx_refine_tls.method           refined 
_pdbx_refine_tls.origin_x         0.0119 
_pdbx_refine_tls.origin_y         0.0330 
_pdbx_refine_tls.origin_z         0.1433 
_pdbx_refine_tls.T[1][1]          -0.0778 
_pdbx_refine_tls.T[2][2]          -0.1007 
_pdbx_refine_tls.T[3][3]          -0.1242 
_pdbx_refine_tls.T[1][2]          0.0701 
_pdbx_refine_tls.T[1][3]          -0.0398 
_pdbx_refine_tls.T[2][3]          -0.0297 
_pdbx_refine_tls.L[1][1]          2.6188 
_pdbx_refine_tls.L[2][2]          3.1147 
_pdbx_refine_tls.L[3][3]          2.7464 
_pdbx_refine_tls.L[1][2]          1.6113 
_pdbx_refine_tls.L[1][3]          -0.4196 
_pdbx_refine_tls.L[2][3]          0.3115 
_pdbx_refine_tls.S[1][1]          0.1975 
_pdbx_refine_tls.S[1][2]          -0.0596 
_pdbx_refine_tls.S[1][3]          -0.0695 
_pdbx_refine_tls.S[2][1]          0.1830 
_pdbx_refine_tls.S[2][2]          -0.0654 
_pdbx_refine_tls.S[2][3]          0.0071 
_pdbx_refine_tls.S[3][1]          0.3842 
_pdbx_refine_tls.S[3][2]          0.1407 
_pdbx_refine_tls.S[3][3]          -0.1320 
# 
loop_
_pdbx_refine_tls_group.pdbx_refine_id 
_pdbx_refine_tls_group.id 
_pdbx_refine_tls_group.refine_tls_id 
_pdbx_refine_tls_group.beg_auth_asym_id 
_pdbx_refine_tls_group.beg_auth_seq_id 
_pdbx_refine_tls_group.beg_label_asym_id 
_pdbx_refine_tls_group.beg_label_seq_id 
_pdbx_refine_tls_group.end_auth_asym_id 
_pdbx_refine_tls_group.end_auth_seq_id 
_pdbx_refine_tls_group.end_label_asym_id 
_pdbx_refine_tls_group.end_label_seq_id 
_pdbx_refine_tls_group.selection 
_pdbx_refine_tls_group.selection_details 
'X-RAY DIFFRACTION' 1 1 A 0   ? ? A 149 ? ? ? ? 
'X-RAY DIFFRACTION' 2 1 B 141 ? ? B 165 ? ? ? ? 
# 
loop_
_pdbx_unobs_or_zero_occ_residues.id 
_pdbx_unobs_or_zero_occ_residues.PDB_model_num 
_pdbx_unobs_or_zero_occ_residues.polymer_flag 
_pdbx_unobs_or_zero_occ_residues.occupancy_flag 
_pdbx_unobs_or_zero_occ_residues.auth_asym_id 
_pdbx_unobs_or_zero_occ_residues.auth_comp_id 
_pdbx_unobs_or_zero_occ_residues.auth_seq_id 
_pdbx_unobs_or_zero_occ_residues.PDB_ins_code 
_pdbx_unobs_or_zero_occ_residues.label_asym_id 
_pdbx_unobs_or_zero_occ_residues.label_comp_id 
_pdbx_unobs_or_zero_occ_residues.label_seq_id 
1 1 Y 1 A GLN 25 ? A GLN 26 
2 1 Y 1 A PRO 26 ? A PRO 27 
3 1 Y 1 A GLY 27 ? A GLY 28 
4 1 Y 1 A SER 28 ? A SER 29 
5 1 Y 1 A GLY 29 ? A GLY 30 
6 1 Y 1 A PRO 30 ? A PRO 31 
# 
loop_
_chem_comp_atom.comp_id 
_chem_comp_atom.atom_id 
_chem_comp_atom.type_symbol 
_chem_comp_atom.pdbx_aromatic_flag 
_chem_comp_atom.pdbx_stereo_config 
_chem_comp_atom.pdbx_ordinal 
ALA N    N N N 1   
ALA CA   C N S 2   
ALA C    C N N 3   
ALA O    O N N 4   
ALA CB   C N N 5   
ALA OXT  O N N 6   
ALA H    H N N 7   
ALA H2   H N N 8   
ALA HA   H N N 9   
ALA HB1  H N N 10  
ALA HB2  H N N 11  
ALA HB3  H N N 12  
ALA HXT  H N N 13  
ARG N    N N N 14  
ARG CA   C N S 15  
ARG C    C N N 16  
ARG O    O N N 17  
ARG CB   C N N 18  
ARG CG   C N N 19  
ARG CD   C N N 20  
ARG NE   N N N 21  
ARG CZ   C N N 22  
ARG NH1  N N N 23  
ARG NH2  N N N 24  
ARG OXT  O N N 25  
ARG H    H N N 26  
ARG H2   H N N 27  
ARG HA   H N N 28  
ARG HB2  H N N 29  
ARG HB3  H N N 30  
ARG HG2  H N N 31  
ARG HG3  H N N 32  
ARG HD2  H N N 33  
ARG HD3  H N N 34  
ARG HE   H N N 35  
ARG HH11 H N N 36  
ARG HH12 H N N 37  
ARG HH21 H N N 38  
ARG HH22 H N N 39  
ARG HXT  H N N 40  
ASN N    N N N 41  
ASN CA   C N S 42  
ASN C    C N N 43  
ASN O    O N N 44  
ASN CB   C N N 45  
ASN CG   C N N 46  
ASN OD1  O N N 47  
ASN ND2  N N N 48  
ASN OXT  O N N 49  
ASN H    H N N 50  
ASN H2   H N N 51  
ASN HA   H N N 52  
ASN HB2  H N N 53  
ASN HB3  H N N 54  
ASN HD21 H N N 55  
ASN HD22 H N N 56  
ASN HXT  H N N 57  
ASP N    N N N 58  
ASP CA   C N S 59  
ASP C    C N N 60  
ASP O    O N N 61  
ASP CB   C N N 62  
ASP CG   C N N 63  
ASP OD1  O N N 64  
ASP OD2  O N N 65  
ASP OXT  O N N 66  
ASP H    H N N 67  
ASP H2   H N N 68  
ASP HA   H N N 69  
ASP HB2  H N N 70  
ASP HB3  H N N 71  
ASP HD2  H N N 72  
ASP HXT  H N N 73  
CYS N    N N N 74  
CYS CA   C N R 75  
CYS C    C N N 76  
CYS O    O N N 77  
CYS CB   C N N 78  
CYS SG   S N N 79  
CYS OXT  O N N 80  
CYS H    H N N 81  
CYS H2   H N N 82  
CYS HA   H N N 83  
CYS HB2  H N N 84  
CYS HB3  H N N 85  
CYS HG   H N N 86  
CYS HXT  H N N 87  
GLN N    N N N 88  
GLN CA   C N S 89  
GLN C    C N N 90  
GLN O    O N N 91  
GLN CB   C N N 92  
GLN CG   C N N 93  
GLN CD   C N N 94  
GLN OE1  O N N 95  
GLN NE2  N N N 96  
GLN OXT  O N N 97  
GLN H    H N N 98  
GLN H2   H N N 99  
GLN HA   H N N 100 
GLN HB2  H N N 101 
GLN HB3  H N N 102 
GLN HG2  H N N 103 
GLN HG3  H N N 104 
GLN HE21 H N N 105 
GLN HE22 H N N 106 
GLN HXT  H N N 107 
GLU N    N N N 108 
GLU CA   C N S 109 
GLU C    C N N 110 
GLU O    O N N 111 
GLU CB   C N N 112 
GLU CG   C N N 113 
GLU CD   C N N 114 
GLU OE1  O N N 115 
GLU OE2  O N N 116 
GLU OXT  O N N 117 
GLU H    H N N 118 
GLU H2   H N N 119 
GLU HA   H N N 120 
GLU HB2  H N N 121 
GLU HB3  H N N 122 
GLU HG2  H N N 123 
GLU HG3  H N N 124 
GLU HE2  H N N 125 
GLU HXT  H N N 126 
GLY N    N N N 127 
GLY CA   C N N 128 
GLY C    C N N 129 
GLY O    O N N 130 
GLY OXT  O N N 131 
GLY H    H N N 132 
GLY H2   H N N 133 
GLY HA2  H N N 134 
GLY HA3  H N N 135 
GLY HXT  H N N 136 
HOH O    O N N 137 
HOH H1   H N N 138 
HOH H2   H N N 139 
ILE N    N N N 140 
ILE CA   C N S 141 
ILE C    C N N 142 
ILE O    O N N 143 
ILE CB   C N S 144 
ILE CG1  C N N 145 
ILE CG2  C N N 146 
ILE CD1  C N N 147 
ILE OXT  O N N 148 
ILE H    H N N 149 
ILE H2   H N N 150 
ILE HA   H N N 151 
ILE HB   H N N 152 
ILE HG12 H N N 153 
ILE HG13 H N N 154 
ILE HG21 H N N 155 
ILE HG22 H N N 156 
ILE HG23 H N N 157 
ILE HD11 H N N 158 
ILE HD12 H N N 159 
ILE HD13 H N N 160 
ILE HXT  H N N 161 
LEU N    N N N 162 
LEU CA   C N S 163 
LEU C    C N N 164 
LEU O    O N N 165 
LEU CB   C N N 166 
LEU CG   C N N 167 
LEU CD1  C N N 168 
LEU CD2  C N N 169 
LEU OXT  O N N 170 
LEU H    H N N 171 
LEU H2   H N N 172 
LEU HA   H N N 173 
LEU HB2  H N N 174 
LEU HB3  H N N 175 
LEU HG   H N N 176 
LEU HD11 H N N 177 
LEU HD12 H N N 178 
LEU HD13 H N N 179 
LEU HD21 H N N 180 
LEU HD22 H N N 181 
LEU HD23 H N N 182 
LEU HXT  H N N 183 
LYS N    N N N 184 
LYS CA   C N S 185 
LYS C    C N N 186 
LYS O    O N N 187 
LYS CB   C N N 188 
LYS CG   C N N 189 
LYS CD   C N N 190 
LYS CE   C N N 191 
LYS NZ   N N N 192 
LYS OXT  O N N 193 
LYS H    H N N 194 
LYS H2   H N N 195 
LYS HA   H N N 196 
LYS HB2  H N N 197 
LYS HB3  H N N 198 
LYS HG2  H N N 199 
LYS HG3  H N N 200 
LYS HD2  H N N 201 
LYS HD3  H N N 202 
LYS HE2  H N N 203 
LYS HE3  H N N 204 
LYS HZ1  H N N 205 
LYS HZ2  H N N 206 
LYS HZ3  H N N 207 
LYS HXT  H N N 208 
MET N    N N N 209 
MET CA   C N S 210 
MET C    C N N 211 
MET O    O N N 212 
MET CB   C N N 213 
MET CG   C N N 214 
MET SD   S N N 215 
MET CE   C N N 216 
MET OXT  O N N 217 
MET H    H N N 218 
MET H2   H N N 219 
MET HA   H N N 220 
MET HB2  H N N 221 
MET HB3  H N N 222 
MET HG2  H N N 223 
MET HG3  H N N 224 
MET HE1  H N N 225 
MET HE2  H N N 226 
MET HE3  H N N 227 
MET HXT  H N N 228 
PHE N    N N N 229 
PHE CA   C N S 230 
PHE C    C N N 231 
PHE O    O N N 232 
PHE CB   C N N 233 
PHE CG   C Y N 234 
PHE CD1  C Y N 235 
PHE CD2  C Y N 236 
PHE CE1  C Y N 237 
PHE CE2  C Y N 238 
PHE CZ   C Y N 239 
PHE OXT  O N N 240 
PHE H    H N N 241 
PHE H2   H N N 242 
PHE HA   H N N 243 
PHE HB2  H N N 244 
PHE HB3  H N N 245 
PHE HD1  H N N 246 
PHE HD2  H N N 247 
PHE HE1  H N N 248 
PHE HE2  H N N 249 
PHE HZ   H N N 250 
PHE HXT  H N N 251 
PRO N    N N N 252 
PRO CA   C N S 253 
PRO C    C N N 254 
PRO O    O N N 255 
PRO CB   C N N 256 
PRO CG   C N N 257 
PRO CD   C N N 258 
PRO OXT  O N N 259 
PRO H    H N N 260 
PRO HA   H N N 261 
PRO HB2  H N N 262 
PRO HB3  H N N 263 
PRO HG2  H N N 264 
PRO HG3  H N N 265 
PRO HD2  H N N 266 
PRO HD3  H N N 267 
PRO HXT  H N N 268 
SER N    N N N 269 
SER CA   C N S 270 
SER C    C N N 271 
SER O    O N N 272 
SER CB   C N N 273 
SER OG   O N N 274 
SER OXT  O N N 275 
SER H    H N N 276 
SER H2   H N N 277 
SER HA   H N N 278 
SER HB2  H N N 279 
SER HB3  H N N 280 
SER HG   H N N 281 
SER HXT  H N N 282 
SO4 S    S N N 283 
SO4 O1   O N N 284 
SO4 O2   O N N 285 
SO4 O3   O N N 286 
SO4 O4   O N N 287 
THR N    N N N 288 
THR CA   C N S 289 
THR C    C N N 290 
THR O    O N N 291 
THR CB   C N R 292 
THR OG1  O N N 293 
THR CG2  C N N 294 
THR OXT  O N N 295 
THR H    H N N 296 
THR H2   H N N 297 
THR HA   H N N 298 
THR HB   H N N 299 
THR HG1  H N N 300 
THR HG21 H N N 301 
THR HG22 H N N 302 
THR HG23 H N N 303 
THR HXT  H N N 304 
TRP N    N N N 305 
TRP CA   C N S 306 
TRP C    C N N 307 
TRP O    O N N 308 
TRP CB   C N N 309 
TRP CG   C Y N 310 
TRP CD1  C Y N 311 
TRP CD2  C Y N 312 
TRP NE1  N Y N 313 
TRP CE2  C Y N 314 
TRP CE3  C Y N 315 
TRP CZ2  C Y N 316 
TRP CZ3  C Y N 317 
TRP CH2  C Y N 318 
TRP OXT  O N N 319 
TRP H    H N N 320 
TRP H2   H N N 321 
TRP HA   H N N 322 
TRP HB2  H N N 323 
TRP HB3  H N N 324 
TRP HD1  H N N 325 
TRP HE1  H N N 326 
TRP HE3  H N N 327 
TRP HZ2  H N N 328 
TRP HZ3  H N N 329 
TRP HH2  H N N 330 
TRP HXT  H N N 331 
TYR N    N N N 332 
TYR CA   C N S 333 
TYR C    C N N 334 
TYR O    O N N 335 
TYR CB   C N N 336 
TYR CG   C Y N 337 
TYR CD1  C Y N 338 
TYR CD2  C Y N 339 
TYR CE1  C Y N 340 
TYR CE2  C Y N 341 
TYR CZ   C Y N 342 
TYR OH   O N N 343 
TYR OXT  O N N 344 
TYR H    H N N 345 
TYR H2   H N N 346 
TYR HA   H N N 347 
TYR HB2  H N N 348 
TYR HB3  H N N 349 
TYR HD1  H N N 350 
TYR HD2  H N N 351 
TYR HE1  H N N 352 
TYR HE2  H N N 353 
TYR HH   H N N 354 
TYR HXT  H N N 355 
VAL N    N N N 356 
VAL CA   C N S 357 
VAL C    C N N 358 
VAL O    O N N 359 
VAL CB   C N N 360 
VAL CG1  C N N 361 
VAL CG2  C N N 362 
VAL OXT  O N N 363 
VAL H    H N N 364 
VAL H2   H N N 365 
VAL HA   H N N 366 
VAL HB   H N N 367 
VAL HG11 H N N 368 
VAL HG12 H N N 369 
VAL HG13 H N N 370 
VAL HG21 H N N 371 
VAL HG22 H N N 372 
VAL HG23 H N N 373 
VAL HXT  H N N 374 
# 
loop_
_chem_comp_bond.comp_id 
_chem_comp_bond.atom_id_1 
_chem_comp_bond.atom_id_2 
_chem_comp_bond.value_order 
_chem_comp_bond.pdbx_aromatic_flag 
_chem_comp_bond.pdbx_stereo_config 
_chem_comp_bond.pdbx_ordinal 
ALA N   CA   sing N N 1   
ALA N   H    sing N N 2   
ALA N   H2   sing N N 3   
ALA CA  C    sing N N 4   
ALA CA  CB   sing N N 5   
ALA CA  HA   sing N N 6   
ALA C   O    doub N N 7   
ALA C   OXT  sing N N 8   
ALA CB  HB1  sing N N 9   
ALA CB  HB2  sing N N 10  
ALA CB  HB3  sing N N 11  
ALA OXT HXT  sing N N 12  
ARG N   CA   sing N N 13  
ARG N   H    sing N N 14  
ARG N   H2   sing N N 15  
ARG CA  C    sing N N 16  
ARG CA  CB   sing N N 17  
ARG CA  HA   sing N N 18  
ARG C   O    doub N N 19  
ARG C   OXT  sing N N 20  
ARG CB  CG   sing N N 21  
ARG CB  HB2  sing N N 22  
ARG CB  HB3  sing N N 23  
ARG CG  CD   sing N N 24  
ARG CG  HG2  sing N N 25  
ARG CG  HG3  sing N N 26  
ARG CD  NE   sing N N 27  
ARG CD  HD2  sing N N 28  
ARG CD  HD3  sing N N 29  
ARG NE  CZ   sing N N 30  
ARG NE  HE   sing N N 31  
ARG CZ  NH1  sing N N 32  
ARG CZ  NH2  doub N N 33  
ARG NH1 HH11 sing N N 34  
ARG NH1 HH12 sing N N 35  
ARG NH2 HH21 sing N N 36  
ARG NH2 HH22 sing N N 37  
ARG OXT HXT  sing N N 38  
ASN N   CA   sing N N 39  
ASN N   H    sing N N 40  
ASN N   H2   sing N N 41  
ASN CA  C    sing N N 42  
ASN CA  CB   sing N N 43  
ASN CA  HA   sing N N 44  
ASN C   O    doub N N 45  
ASN C   OXT  sing N N 46  
ASN CB  CG   sing N N 47  
ASN CB  HB2  sing N N 48  
ASN CB  HB3  sing N N 49  
ASN CG  OD1  doub N N 50  
ASN CG  ND2  sing N N 51  
ASN ND2 HD21 sing N N 52  
ASN ND2 HD22 sing N N 53  
ASN OXT HXT  sing N N 54  
ASP N   CA   sing N N 55  
ASP N   H    sing N N 56  
ASP N   H2   sing N N 57  
ASP CA  C    sing N N 58  
ASP CA  CB   sing N N 59  
ASP CA  HA   sing N N 60  
ASP C   O    doub N N 61  
ASP C   OXT  sing N N 62  
ASP CB  CG   sing N N 63  
ASP CB  HB2  sing N N 64  
ASP CB  HB3  sing N N 65  
ASP CG  OD1  doub N N 66  
ASP CG  OD2  sing N N 67  
ASP OD2 HD2  sing N N 68  
ASP OXT HXT  sing N N 69  
CYS N   CA   sing N N 70  
CYS N   H    sing N N 71  
CYS N   H2   sing N N 72  
CYS CA  C    sing N N 73  
CYS CA  CB   sing N N 74  
CYS CA  HA   sing N N 75  
CYS C   O    doub N N 76  
CYS C   OXT  sing N N 77  
CYS CB  SG   sing N N 78  
CYS CB  HB2  sing N N 79  
CYS CB  HB3  sing N N 80  
CYS SG  HG   sing N N 81  
CYS OXT HXT  sing N N 82  
GLN N   CA   sing N N 83  
GLN N   H    sing N N 84  
GLN N   H2   sing N N 85  
GLN CA  C    sing N N 86  
GLN CA  CB   sing N N 87  
GLN CA  HA   sing N N 88  
GLN C   O    doub N N 89  
GLN C   OXT  sing N N 90  
GLN CB  CG   sing N N 91  
GLN CB  HB2  sing N N 92  
GLN CB  HB3  sing N N 93  
GLN CG  CD   sing N N 94  
GLN CG  HG2  sing N N 95  
GLN CG  HG3  sing N N 96  
GLN CD  OE1  doub N N 97  
GLN CD  NE2  sing N N 98  
GLN NE2 HE21 sing N N 99  
GLN NE2 HE22 sing N N 100 
GLN OXT HXT  sing N N 101 
GLU N   CA   sing N N 102 
GLU N   H    sing N N 103 
GLU N   H2   sing N N 104 
GLU CA  C    sing N N 105 
GLU CA  CB   sing N N 106 
GLU CA  HA   sing N N 107 
GLU C   O    doub N N 108 
GLU C   OXT  sing N N 109 
GLU CB  CG   sing N N 110 
GLU CB  HB2  sing N N 111 
GLU CB  HB3  sing N N 112 
GLU CG  CD   sing N N 113 
GLU CG  HG2  sing N N 114 
GLU CG  HG3  sing N N 115 
GLU CD  OE1  doub N N 116 
GLU CD  OE2  sing N N 117 
GLU OE2 HE2  sing N N 118 
GLU OXT HXT  sing N N 119 
GLY N   CA   sing N N 120 
GLY N   H    sing N N 121 
GLY N   H2   sing N N 122 
GLY CA  C    sing N N 123 
GLY CA  HA2  sing N N 124 
GLY CA  HA3  sing N N 125 
GLY C   O    doub N N 126 
GLY C   OXT  sing N N 127 
GLY OXT HXT  sing N N 128 
HOH O   H1   sing N N 129 
HOH O   H2   sing N N 130 
ILE N   CA   sing N N 131 
ILE N   H    sing N N 132 
ILE N   H2   sing N N 133 
ILE CA  C    sing N N 134 
ILE CA  CB   sing N N 135 
ILE CA  HA   sing N N 136 
ILE C   O    doub N N 137 
ILE C   OXT  sing N N 138 
ILE CB  CG1  sing N N 139 
ILE CB  CG2  sing N N 140 
ILE CB  HB   sing N N 141 
ILE CG1 CD1  sing N N 142 
ILE CG1 HG12 sing N N 143 
ILE CG1 HG13 sing N N 144 
ILE CG2 HG21 sing N N 145 
ILE CG2 HG22 sing N N 146 
ILE CG2 HG23 sing N N 147 
ILE CD1 HD11 sing N N 148 
ILE CD1 HD12 sing N N 149 
ILE CD1 HD13 sing N N 150 
ILE OXT HXT  sing N N 151 
LEU N   CA   sing N N 152 
LEU N   H    sing N N 153 
LEU N   H2   sing N N 154 
LEU CA  C    sing N N 155 
LEU CA  CB   sing N N 156 
LEU CA  HA   sing N N 157 
LEU C   O    doub N N 158 
LEU C   OXT  sing N N 159 
LEU CB  CG   sing N N 160 
LEU CB  HB2  sing N N 161 
LEU CB  HB3  sing N N 162 
LEU CG  CD1  sing N N 163 
LEU CG  CD2  sing N N 164 
LEU CG  HG   sing N N 165 
LEU CD1 HD11 sing N N 166 
LEU CD1 HD12 sing N N 167 
LEU CD1 HD13 sing N N 168 
LEU CD2 HD21 sing N N 169 
LEU CD2 HD22 sing N N 170 
LEU CD2 HD23 sing N N 171 
LEU OXT HXT  sing N N 172 
LYS N   CA   sing N N 173 
LYS N   H    sing N N 174 
LYS N   H2   sing N N 175 
LYS CA  C    sing N N 176 
LYS CA  CB   sing N N 177 
LYS CA  HA   sing N N 178 
LYS C   O    doub N N 179 
LYS C   OXT  sing N N 180 
LYS CB  CG   sing N N 181 
LYS CB  HB2  sing N N 182 
LYS CB  HB3  sing N N 183 
LYS CG  CD   sing N N 184 
LYS CG  HG2  sing N N 185 
LYS CG  HG3  sing N N 186 
LYS CD  CE   sing N N 187 
LYS CD  HD2  sing N N 188 
LYS CD  HD3  sing N N 189 
LYS CE  NZ   sing N N 190 
LYS CE  HE2  sing N N 191 
LYS CE  HE3  sing N N 192 
LYS NZ  HZ1  sing N N 193 
LYS NZ  HZ2  sing N N 194 
LYS NZ  HZ3  sing N N 195 
LYS OXT HXT  sing N N 196 
MET N   CA   sing N N 197 
MET N   H    sing N N 198 
MET N   H2   sing N N 199 
MET CA  C    sing N N 200 
MET CA  CB   sing N N 201 
MET CA  HA   sing N N 202 
MET C   O    doub N N 203 
MET C   OXT  sing N N 204 
MET CB  CG   sing N N 205 
MET CB  HB2  sing N N 206 
MET CB  HB3  sing N N 207 
MET CG  SD   sing N N 208 
MET CG  HG2  sing N N 209 
MET CG  HG3  sing N N 210 
MET SD  CE   sing N N 211 
MET CE  HE1  sing N N 212 
MET CE  HE2  sing N N 213 
MET CE  HE3  sing N N 214 
MET OXT HXT  sing N N 215 
PHE N   CA   sing N N 216 
PHE N   H    sing N N 217 
PHE N   H2   sing N N 218 
PHE CA  C    sing N N 219 
PHE CA  CB   sing N N 220 
PHE CA  HA   sing N N 221 
PHE C   O    doub N N 222 
PHE C   OXT  sing N N 223 
PHE CB  CG   sing N N 224 
PHE CB  HB2  sing N N 225 
PHE CB  HB3  sing N N 226 
PHE CG  CD1  doub Y N 227 
PHE CG  CD2  sing Y N 228 
PHE CD1 CE1  sing Y N 229 
PHE CD1 HD1  sing N N 230 
PHE CD2 CE2  doub Y N 231 
PHE CD2 HD2  sing N N 232 
PHE CE1 CZ   doub Y N 233 
PHE CE1 HE1  sing N N 234 
PHE CE2 CZ   sing Y N 235 
PHE CE2 HE2  sing N N 236 
PHE CZ  HZ   sing N N 237 
PHE OXT HXT  sing N N 238 
PRO N   CA   sing N N 239 
PRO N   CD   sing N N 240 
PRO N   H    sing N N 241 
PRO CA  C    sing N N 242 
PRO CA  CB   sing N N 243 
PRO CA  HA   sing N N 244 
PRO C   O    doub N N 245 
PRO C   OXT  sing N N 246 
PRO CB  CG   sing N N 247 
PRO CB  HB2  sing N N 248 
PRO CB  HB3  sing N N 249 
PRO CG  CD   sing N N 250 
PRO CG  HG2  sing N N 251 
PRO CG  HG3  sing N N 252 
PRO CD  HD2  sing N N 253 
PRO CD  HD3  sing N N 254 
PRO OXT HXT  sing N N 255 
SER N   CA   sing N N 256 
SER N   H    sing N N 257 
SER N   H2   sing N N 258 
SER CA  C    sing N N 259 
SER CA  CB   sing N N 260 
SER CA  HA   sing N N 261 
SER C   O    doub N N 262 
SER C   OXT  sing N N 263 
SER CB  OG   sing N N 264 
SER CB  HB2  sing N N 265 
SER CB  HB3  sing N N 266 
SER OG  HG   sing N N 267 
SER OXT HXT  sing N N 268 
SO4 S   O1   doub N N 269 
SO4 S   O2   doub N N 270 
SO4 S   O3   sing N N 271 
SO4 S   O4   sing N N 272 
THR N   CA   sing N N 273 
THR N   H    sing N N 274 
THR N   H2   sing N N 275 
THR CA  C    sing N N 276 
THR CA  CB   sing N N 277 
THR CA  HA   sing N N 278 
THR C   O    doub N N 279 
THR C   OXT  sing N N 280 
THR CB  OG1  sing N N 281 
THR CB  CG2  sing N N 282 
THR CB  HB   sing N N 283 
THR OG1 HG1  sing N N 284 
THR CG2 HG21 sing N N 285 
THR CG2 HG22 sing N N 286 
THR CG2 HG23 sing N N 287 
THR OXT HXT  sing N N 288 
TRP N   CA   sing N N 289 
TRP N   H    sing N N 290 
TRP N   H2   sing N N 291 
TRP CA  C    sing N N 292 
TRP CA  CB   sing N N 293 
TRP CA  HA   sing N N 294 
TRP C   O    doub N N 295 
TRP C   OXT  sing N N 296 
TRP CB  CG   sing N N 297 
TRP CB  HB2  sing N N 298 
TRP CB  HB3  sing N N 299 
TRP CG  CD1  doub Y N 300 
TRP CG  CD2  sing Y N 301 
TRP CD1 NE1  sing Y N 302 
TRP CD1 HD1  sing N N 303 
TRP CD2 CE2  doub Y N 304 
TRP CD2 CE3  sing Y N 305 
TRP NE1 CE2  sing Y N 306 
TRP NE1 HE1  sing N N 307 
TRP CE2 CZ2  sing Y N 308 
TRP CE3 CZ3  doub Y N 309 
TRP CE3 HE3  sing N N 310 
TRP CZ2 CH2  doub Y N 311 
TRP CZ2 HZ2  sing N N 312 
TRP CZ3 CH2  sing Y N 313 
TRP CZ3 HZ3  sing N N 314 
TRP CH2 HH2  sing N N 315 
TRP OXT HXT  sing N N 316 
TYR N   CA   sing N N 317 
TYR N   H    sing N N 318 
TYR N   H2   sing N N 319 
TYR CA  C    sing N N 320 
TYR CA  CB   sing N N 321 
TYR CA  HA   sing N N 322 
TYR C   O    doub N N 323 
TYR C   OXT  sing N N 324 
TYR CB  CG   sing N N 325 
TYR CB  HB2  sing N N 326 
TYR CB  HB3  sing N N 327 
TYR CG  CD1  doub Y N 328 
TYR CG  CD2  sing Y N 329 
TYR CD1 CE1  sing Y N 330 
TYR CD1 HD1  sing N N 331 
TYR CD2 CE2  doub Y N 332 
TYR CD2 HD2  sing N N 333 
TYR CE1 CZ   doub Y N 334 
TYR CE1 HE1  sing N N 335 
TYR CE2 CZ   sing Y N 336 
TYR CE2 HE2  sing N N 337 
TYR CZ  OH   sing N N 338 
TYR OH  HH   sing N N 339 
TYR OXT HXT  sing N N 340 
VAL N   CA   sing N N 341 
VAL N   H    sing N N 342 
VAL N   H2   sing N N 343 
VAL CA  C    sing N N 344 
VAL CA  CB   sing N N 345 
VAL CA  HA   sing N N 346 
VAL C   O    doub N N 347 
VAL C   OXT  sing N N 348 
VAL CB  CG1  sing N N 349 
VAL CB  CG2  sing N N 350 
VAL CB  HB   sing N N 351 
VAL CG1 HG11 sing N N 352 
VAL CG1 HG12 sing N N 353 
VAL CG1 HG13 sing N N 354 
VAL CG2 HG21 sing N N 355 
VAL CG2 HG22 sing N N 356 
VAL CG2 HG23 sing N N 357 
VAL OXT HXT  sing N N 358 
# 
_atom_sites.entry_id                    2VM6 
_atom_sites.fract_transf_matrix[1][1]   0.01349983 
_atom_sites.fract_transf_matrix[1][2]   0.00658247 
_atom_sites.fract_transf_matrix[1][3]   -0.00635744 
_atom_sites.fract_transf_matrix[2][1]   0.00377720 
_atom_sites.fract_transf_matrix[2][2]   -0.00264943 
_atom_sites.fract_transf_matrix[2][3]   -0.01564278 
_atom_sites.fract_transf_matrix[3][1]   -0.00249092 
_atom_sites.fract_transf_matrix[3][2]   0.00389114 
_atom_sites.fract_transf_matrix[3][3]   -0.00126052 
_atom_sites.fract_transf_vector[1]      0.086498 
_atom_sites.fract_transf_vector[2]      0.332101 
_atom_sites.fract_transf_vector[3]      0.250753 
# 
loop_
_atom_type.symbol 
C 
N 
O 
S 
# 
loop_
_atom_site.group_PDB 
_atom_site.id 
_atom_site.type_symbol 
_atom_site.label_atom_id 
_atom_site.label_alt_id 
_atom_site.label_comp_id 
_atom_site.label_asym_id 
_atom_site.label_entity_id 
_atom_site.label_seq_id 
_atom_site.pdbx_PDB_ins_code 
_atom_site.Cartn_x 
_atom_site.Cartn_y 
_atom_site.Cartn_z 
_atom_site.occupancy 
_atom_site.B_iso_or_equiv 
_atom_site.pdbx_formal_charge 
_atom_site.auth_seq_id 
_atom_site.auth_comp_id 
_atom_site.auth_asym_id 
_atom_site.auth_atom_id 
_atom_site.pdbx_PDB_model_num 
ATOM   1    N N   . SER A 1 1   ? -0.385  2.239   -24.661 1.00 46.30 ? 0    SER A N   1 
ATOM   2    C CA  . SER A 1 1   ? -0.451  3.625   -24.072 1.00 46.53 ? 0    SER A CA  1 
ATOM   3    C C   . SER A 1 1   ? 0.571   3.955   -22.960 1.00 46.18 ? 0    SER A C   1 
ATOM   4    O O   . SER A 1 1   ? 1.271   3.073   -22.412 1.00 46.10 ? 0    SER A O   1 
ATOM   5    C CB  . SER A 1 1   ? -1.868  3.912   -23.555 1.00 46.65 ? 0    SER A CB  1 
ATOM   6    O OG  . SER A 1 1   ? -2.111  3.227   -22.339 1.00 48.09 ? 0    SER A OG  1 
ATOM   7    N N   . MET A 1 2   ? 0.641   5.246   -22.633 1.00 45.41 ? 1    MET A N   1 
ATOM   8    C CA  . MET A 1 2   ? 1.398   5.730   -21.482 1.00 44.27 ? 1    MET A CA  1 
ATOM   9    C C   . MET A 1 2   ? 0.877   5.159   -20.180 1.00 42.91 ? 1    MET A C   1 
ATOM   10   O O   . MET A 1 2   ? 1.649   4.908   -19.270 1.00 42.79 ? 1    MET A O   1 
ATOM   11   C CB  . MET A 1 2   ? 1.361   7.258   -21.403 1.00 45.03 ? 1    MET A CB  1 
ATOM   12   N N   . THR A 1 3   ? -0.435  4.971   -20.081 1.00 41.13 ? 2    THR A N   1 
ATOM   13   C CA  . THR A 1 3   ? -1.011  4.337   -18.890 1.00 38.90 ? 2    THR A CA  1 
ATOM   14   C C   . THR A 1 3   ? -0.531  2.864   -18.748 1.00 36.36 ? 2    THR A C   1 
ATOM   15   O O   . THR A 1 3   ? -0.364  2.399   -17.636 1.00 35.25 ? 2    THR A O   1 
ATOM   16   C CB  . THR A 1 3   ? -2.570  4.419   -18.882 1.00 39.24 ? 2    THR A CB  1 
ATOM   17   O OG1 . THR A 1 3   ? -3.003  5.635   -19.496 1.00 41.72 ? 2    THR A OG1 1 
ATOM   18   C CG2 . THR A 1 3   ? -3.124  4.379   -17.483 1.00 41.12 ? 2    THR A CG2 1 
ATOM   19   N N   . ASP A 1 4   ? -0.313  2.143   -19.853 1.00 33.58 ? 3    ASP A N   1 
ATOM   20   C CA  . ASP A 1 4   ? 0.213   0.765   -19.766 1.00 32.50 ? 3    ASP A CA  1 
ATOM   21   C C   . ASP A 1 4   ? 1.586   0.732   -19.098 1.00 32.31 ? 3    ASP A C   1 
ATOM   22   O O   . ASP A 1 4   ? 1.821   -0.084  -18.226 1.00 31.67 ? 3    ASP A O   1 
ATOM   23   C CB  . ASP A 1 4   ? 0.341   0.067   -21.126 1.00 31.82 ? 3    ASP A CB  1 
ATOM   24   C CG  . ASP A 1 4   ? -0.986  -0.107  -21.840 1.00 30.01 ? 3    ASP A CG  1 
ATOM   25   O OD1 . ASP A 1 4   ? -2.037  -0.292  -21.207 1.00 30.20 ? 3    ASP A OD1 1 
ATOM   26   O OD2 . ASP A 1 4   ? -0.961  -0.062  -23.061 1.00 29.43 ? 3    ASP A OD2 1 
ATOM   27   N N   . CYS A 1 5   ? 2.480   1.619   -19.523 1.00 32.22 ? 4    CYS A N   1 
ATOM   28   C CA  . CYS A 1 5   ? 3.829   1.683   -18.979 1.00 33.71 ? 4    CYS A CA  1 
ATOM   29   C C   . CYS A 1 5   ? 3.815   2.188   -17.558 1.00 33.50 ? 4    CYS A C   1 
ATOM   30   O O   . CYS A 1 5   ? 4.556   1.658   -16.711 1.00 33.76 ? 4    CYS A O   1 
ATOM   31   C CB  . CYS A 1 5   ? 4.747   2.554   -19.855 1.00 34.11 ? 4    CYS A CB  1 
ATOM   32   S SG  . CYS A 1 5   ? 4.993   1.804   -21.448 1.00 38.69 ? 4    CYS A SG  1 
ATOM   33   N N   . GLU A 1 6   ? 2.958   3.181   -17.286 1.00 33.26 ? 5    GLU A N   1 
ATOM   34   C CA  . GLU A 1 6   ? 2.759   3.664   -15.926 1.00 34.13 ? 5    GLU A CA  1 
ATOM   35   C C   . GLU A 1 6   ? 2.216   2.555   -15.026 1.00 32.61 ? 5    GLU A C   1 
ATOM   36   O O   . GLU A 1 6   ? 2.665   2.407   -13.893 1.00 32.93 ? 5    GLU A O   1 
ATOM   37   C CB  . GLU A 1 6   ? 1.854   4.909   -15.872 1.00 34.28 ? 5    GLU A CB  1 
ATOM   38   C CG  . GLU A 1 6   ? 2.490   6.166   -16.484 1.00 38.28 ? 5    GLU A CG  1 
ATOM   39   C CD  . GLU A 1 6   ? 1.479   7.281   -16.808 1.00 38.69 ? 5    GLU A CD  1 
ATOM   40   O OE1 . GLU A 1 6   ? 1.256   7.559   -18.001 1.00 46.47 ? 5    GLU A OE1 1 
ATOM   41   O OE2 . GLU A 1 6   ? 0.922   7.900   -15.880 1.00 44.28 ? 5    GLU A OE2 1 
ATOM   42   N N   . PHE A 1 7   ? 1.258   1.776   -15.519 1.00 31.58 ? 6    PHE A N   1 
ATOM   43   C CA  . PHE A 1 7   ? 0.723   0.653   -14.745 1.00 30.70 ? 6    PHE A CA  1 
ATOM   44   C C   . PHE A 1 7   ? 1.798   -0.378  -14.354 1.00 29.48 ? 6    PHE A C   1 
ATOM   45   O O   . PHE A 1 7   ? 1.861   -0.764  -13.197 1.00 28.59 ? 6    PHE A O   1 
ATOM   46   C CB  . PHE A 1 7   ? -0.456  -0.042  -15.458 1.00 31.57 ? 6    PHE A CB  1 
ATOM   47   C CG  . PHE A 1 7   ? -0.997  -1.228  -14.691 1.00 31.49 ? 6    PHE A CG  1 
ATOM   48   C CD1 . PHE A 1 7   ? -1.900  -1.039  -13.652 1.00 31.79 ? 6    PHE A CD1 1 
ATOM   49   C CD2 . PHE A 1 7   ? -0.562  -2.523  -14.985 1.00 31.40 ? 6    PHE A CD2 1 
ATOM   50   C CE1 . PHE A 1 7   ? -2.396  -2.138  -12.897 1.00 33.38 ? 6    PHE A CE1 1 
ATOM   51   C CE2 . PHE A 1 7   ? -1.032  -3.620  -14.235 1.00 34.56 ? 6    PHE A CE2 1 
ATOM   52   C CZ  . PHE A 1 7   ? -1.957  -3.423  -13.185 1.00 31.22 ? 6    PHE A CZ  1 
ATOM   53   N N   . GLY A 1 8   ? 2.611   -0.806  -15.326 1.00 28.78 ? 7    GLY A N   1 
ATOM   54   C CA  . GLY A 1 8   ? 3.731   -1.753  -15.120 1.00 29.43 ? 7    GLY A CA  1 
ATOM   55   C C   . GLY A 1 8   ? 4.771   -1.281  -14.108 1.00 30.03 ? 7    GLY A C   1 
ATOM   56   O O   . GLY A 1 8   ? 5.250   -2.055  -13.287 1.00 29.76 ? 7    GLY A O   1 
ATOM   57   N N   . TYR A 1 9   ? 5.095   0.002   -14.149 1.00 31.28 ? 8    TYR A N   1 
ATOM   58   C CA  . TYR A 1 9   ? 6.020   0.633   -13.205 1.00 31.69 ? 8    TYR A CA  1 
ATOM   59   C C   . TYR A 1 9   ? 5.493   0.478   -11.770 1.00 32.25 ? 8    TYR A C   1 
ATOM   60   O O   . TYR A 1 9   ? 6.216   0.020   -10.853 1.00 31.89 ? 8    TYR A O   1 
ATOM   61   C CB  . TYR A 1 9   ? 6.207   2.108   -13.603 1.00 32.38 ? 8    TYR A CB  1 
ATOM   62   C CG  . TYR A 1 9   ? 7.273   2.836   -12.830 1.00 33.24 ? 8    TYR A CG  1 
ATOM   63   C CD1 . TYR A 1 9   ? 6.993   3.343   -11.573 1.00 33.04 ? 8    TYR A CD1 1 
ATOM   64   C CD2 . TYR A 1 9   ? 8.574   3.004   -13.349 1.00 34.71 ? 8    TYR A CD2 1 
ATOM   65   C CE1 . TYR A 1 9   ? 7.935   3.979   -10.820 1.00 33.13 ? 8    TYR A CE1 1 
ATOM   66   C CE2 . TYR A 1 9   ? 9.565   3.666   -12.587 1.00 35.69 ? 8    TYR A CE2 1 
ATOM   67   C CZ  . TYR A 1 9   ? 9.200   4.167   -11.313 1.00 35.58 ? 8    TYR A CZ  1 
ATOM   68   O OH  . TYR A 1 9   ? 10.073  4.829   -10.498 1.00 35.68 ? 8    TYR A OH  1 
ATOM   69   N N   . ILE A 1 10  ? 4.215   0.809   -11.581 1.00 32.57 ? 9    ILE A N   1 
ATOM   70   C CA  . ILE A 1 10  ? 3.587   0.758   -10.256 1.00 32.20 ? 9    ILE A CA  1 
ATOM   71   C C   . ILE A 1 10  ? 3.441   -0.684  -9.780  1.00 32.17 ? 9    ILE A C   1 
ATOM   72   O O   . ILE A 1 10  ? 3.644   -0.979  -8.612  1.00 30.99 ? 9    ILE A O   1 
ATOM   73   C CB  . ILE A 1 10  ? 2.208   1.411   -10.257 1.00 32.65 ? 9    ILE A CB  1 
ATOM   74   C CG1 . ILE A 1 10  ? 2.317   2.922   -10.474 1.00 33.51 ? 9    ILE A CG1 1 
ATOM   75   C CG2 . ILE A 1 10  ? 1.491   1.160   -8.922  1.00 33.67 ? 9    ILE A CG2 1 
ATOM   76   C CD1 . ILE A 1 10  ? 0.992   3.568   -10.870 1.00 32.63 ? 9    ILE A CD1 1 
ATOM   77   N N   . TYR A 1 11  ? 3.078   -1.564  -10.703 1.00 32.53 ? 10   TYR A N   1 
ATOM   78   C CA  . TYR A 1 11  ? 2.969   -2.997  -10.429 1.00 33.25 ? 10   TYR A CA  1 
ATOM   79   C C   . TYR A 1 11  ? 4.311   -3.610  -9.939  1.00 33.17 ? 10   TYR A C   1 
ATOM   80   O O   . TYR A 1 11  ? 4.323   -4.447  -9.028  1.00 33.02 ? 10   TYR A O   1 
ATOM   81   C CB  . TYR A 1 11  ? 2.435   -3.723  -11.675 1.00 33.57 ? 10   TYR A CB  1 
ATOM   82   C CG  . TYR A 1 11  ? 2.377   -5.210  -11.498 1.00 36.04 ? 10   TYR A CG  1 
ATOM   83   C CD1 . TYR A 1 11  ? 1.450   -5.791  -10.645 1.00 37.01 ? 10   TYR A CD1 1 
ATOM   84   C CD2 . TYR A 1 11  ? 3.282   -6.044  -12.157 1.00 38.07 ? 10   TYR A CD2 1 
ATOM   85   C CE1 . TYR A 1 11  ? 1.408   -7.153  -10.448 1.00 37.32 ? 10   TYR A CE1 1 
ATOM   86   C CE2 . TYR A 1 11  ? 3.232   -7.423  -11.982 1.00 39.91 ? 10   TYR A CE2 1 
ATOM   87   C CZ  . TYR A 1 11  ? 2.290   -7.964  -11.109 1.00 38.77 ? 10   TYR A CZ  1 
ATOM   88   O OH  . TYR A 1 11  ? 2.228   -9.337  -10.911 1.00 40.48 ? 10   TYR A OH  1 
ATOM   89   N N   . ARG A 1 12  ? 5.417   -3.181  -10.552 1.00 32.87 ? 11   ARG A N   1 
ATOM   90   C CA  . ARG A 1 12  ? 6.760   -3.591  -10.163 1.00 32.20 ? 11   ARG A CA  1 
ATOM   91   C C   . ARG A 1 12  ? 7.111   -3.058  -8.747  1.00 31.36 ? 11   ARG A C   1 
ATOM   92   O O   . ARG A 1 12  ? 7.609   -3.811  -7.905  1.00 30.37 ? 11   ARG A O   1 
ATOM   93   C CB  . ARG A 1 12  ? 7.754   -3.174  -11.264 1.00 32.86 ? 11   ARG A CB  1 
ATOM   94   C CG  . ARG A 1 12  ? 9.308   -3.292  -10.996 1.00 36.14 ? 11   ARG A CG  1 
ATOM   95   C CD  . ARG A 1 12  ? 9.827   -4.628  -10.403 1.00 43.24 ? 11   ARG A CD  1 
ATOM   96   N NE  . ARG A 1 12  ? 9.212   -5.832  -10.969 1.00 48.49 ? 11   ARG A NE  1 
ATOM   97   C CZ  . ARG A 1 12  ? 9.095   -6.997  -10.318 1.00 51.23 ? 11   ARG A CZ  1 
ATOM   98   N NH1 . ARG A 1 12  ? 9.554   -7.140  -9.062  1.00 50.39 ? 11   ARG A NH1 1 
ATOM   99   N NH2 . ARG A 1 12  ? 8.508   -8.025  -10.921 1.00 50.64 ? 11   ARG A NH2 1 
ATOM   100  N N   . LEU A 1 13  ? 6.788   -1.791  -8.469  1.00 30.26 ? 12   LEU A N   1 
ATOM   101  C CA  . LEU A 1 13  ? 6.934   -1.255  -7.125  1.00 30.11 ? 12   LEU A CA  1 
ATOM   102  C C   . LEU A 1 13  ? 6.159   -2.073  -6.098  1.00 29.80 ? 12   LEU A C   1 
ATOM   103  O O   . LEU A 1 13  ? 6.694   -2.339  -5.039  1.00 29.59 ? 12   LEU A O   1 
ATOM   104  C CB  . LEU A 1 13  ? 6.454   0.192   -7.041  1.00 30.53 ? 12   LEU A CB  1 
ATOM   105  C CG  . LEU A 1 13  ? 7.249   1.265   -7.722  1.00 31.49 ? 12   LEU A CG  1 
ATOM   106  C CD1 . LEU A 1 13  ? 6.482   2.568   -7.555  1.00 31.62 ? 12   LEU A CD1 1 
ATOM   107  C CD2 . LEU A 1 13  ? 8.634   1.315   -7.119  1.00 33.52 ? 12   LEU A CD2 1 
ATOM   108  N N   . ALA A 1 14  ? 4.914   -2.457  -6.416  1.00 29.19 ? 13   ALA A N   1 
ATOM   109  C CA  . ALA A 1 14  ? 4.050   -3.211  -5.473  1.00 30.91 ? 13   ALA A CA  1 
ATOM   110  C C   . ALA A 1 14  ? 4.537   -4.651  -5.265  1.00 31.32 ? 13   ALA A C   1 
ATOM   111  O O   . ALA A 1 14  ? 4.422   -5.188  -4.158  1.00 32.14 ? 13   ALA A O   1 
ATOM   112  C CB  . ALA A 1 14  ? 2.589   -3.237  -5.967  1.00 29.59 ? 13   ALA A CB  1 
ATOM   113  N N   . GLN A 1 15  ? 4.988   -5.274  -6.351  1.00 30.97 ? 14   GLN A N   1 
ATOM   114  C CA  . GLN A 1 15  ? 5.647   -6.575  -6.331  1.00 33.37 ? 14   GLN A CA  1 
ATOM   115  C C   . GLN A 1 15  ? 6.932   -6.547  -5.530  1.00 32.25 ? 14   GLN A C   1 
ATOM   116  O O   . GLN A 1 15  ? 7.126   -7.387  -4.672  1.00 32.78 ? 14   GLN A O   1 
ATOM   117  C CB  . GLN A 1 15  ? 5.960   -7.067  -7.748  1.00 33.29 ? 14   GLN A CB  1 
ATOM   118  C CG  . GLN A 1 15  ? 4.853   -7.853  -8.402  1.00 38.24 ? 14   GLN A CG  1 
ATOM   119  C CD  . GLN A 1 15  ? 4.824   -9.284  -7.934  1.00 43.22 ? 14   GLN A CD  1 
ATOM   120  O OE1 . GLN A 1 15  ? 5.404   -10.174 -8.579  1.00 45.46 ? 14   GLN A OE1 1 
ATOM   121  N NE2 . GLN A 1 15  ? 4.177   -9.522  -6.789  1.00 43.17 ? 14   GLN A NE2 1 
ATOM   122  N N   . ASP A 1 16  ? 7.805   -5.594  -5.823  1.00 32.43 ? 15   ASP A N   1 
ATOM   123  C CA  . ASP A 1 16  ? 9.023   -5.402  -5.031  1.00 32.80 ? 15   ASP A CA  1 
ATOM   124  C C   . ASP A 1 16  ? 8.718   -5.260  -3.547  1.00 32.83 ? 15   ASP A C   1 
ATOM   125  O O   . ASP A 1 16  ? 9.441   -5.811  -2.715  1.00 32.75 ? 15   ASP A O   1 
ATOM   126  C CB  . ASP A 1 16  ? 9.751   -4.131  -5.431  1.00 33.24 ? 15   ASP A CB  1 
ATOM   127  C CG  . ASP A 1 16  ? 10.512  -4.271  -6.696  1.00 34.16 ? 15   ASP A CG  1 
ATOM   128  O OD1 . ASP A 1 16  ? 10.602  -5.398  -7.221  1.00 38.53 ? 15   ASP A OD1 1 
ATOM   129  O OD2 . ASP A 1 16  ? 11.040  -3.240  -7.157  1.00 36.28 ? 15   ASP A OD2 1 
ATOM   130  N N   . TYR A 1 17  ? 7.688   -4.487  -3.212  1.00 32.08 ? 16   TYR A N   1 
ATOM   131  C CA  . TYR A 1 17  ? 7.422   -4.244  -1.800  1.00 32.44 ? 16   TYR A CA  1 
ATOM   132  C C   . TYR A 1 17  ? 7.031   -5.538  -1.096  1.00 33.55 ? 16   TYR A C   1 
ATOM   133  O O   . TYR A 1 17  ? 7.436   -5.796  0.024   1.00 33.39 ? 16   TYR A O   1 
ATOM   134  C CB  . TYR A 1 17  ? 6.343   -3.161  -1.541  1.00 31.36 ? 16   TYR A CB  1 
ATOM   135  C CG  . TYR A 1 17  ? 6.279   -2.910  -0.047  1.00 29.24 ? 16   TYR A CG  1 
ATOM   136  C CD1 . TYR A 1 17  ? 7.377   -2.434  0.609   1.00 27.17 ? 16   TYR A CD1 1 
ATOM   137  C CD2 . TYR A 1 17  ? 5.138   -3.191  0.699   1.00 27.86 ? 16   TYR A CD2 1 
ATOM   138  C CE1 . TYR A 1 17  ? 7.372   -2.244  1.980   1.00 29.58 ? 16   TYR A CE1 1 
ATOM   139  C CE2 . TYR A 1 17  ? 5.106   -2.971  2.066   1.00 26.71 ? 16   TYR A CE2 1 
ATOM   140  C CZ  . TYR A 1 17  ? 6.234   -2.505  2.700   1.00 28.39 ? 16   TYR A CZ  1 
ATOM   141  O OH  . TYR A 1 17  ? 6.263   -2.323  4.068   1.00 27.84 ? 16   TYR A OH  1 
ATOM   142  N N   . LEU A 1 18  ? 6.229   -6.343  -1.773  1.00 34.34 ? 17   LEU A N   1 
ATOM   143  C CA  . LEU A 1 18  ? 5.734   -7.589  -1.235  1.00 35.16 ? 17   LEU A CA  1 
ATOM   144  C C   . LEU A 1 18  ? 6.882   -8.604  -1.062  1.00 34.98 ? 17   LEU A C   1 
ATOM   145  O O   . LEU A 1 18  ? 6.944   -9.353  -0.077  1.00 34.68 ? 17   LEU A O   1 
ATOM   146  C CB  . LEU A 1 18  ? 4.678   -8.101  -2.212  1.00 36.02 ? 17   LEU A CB  1 
ATOM   147  C CG  . LEU A 1 18  ? 3.622   -9.061  -1.686  1.00 39.30 ? 17   LEU A CG  1 
ATOM   148  C CD1 . LEU A 1 18  ? 2.195   -8.522  -2.029  1.00 38.87 ? 17   LEU A CD1 1 
ATOM   149  C CD2 . LEU A 1 18  ? 3.885   -10.481 -2.201  1.00 41.14 ? 17   LEU A CD2 1 
ATOM   150  N N   . GLN A 1 19  ? 7.807   -8.599  -2.016  1.00 34.99 ? 18   GLN A N   1 
ATOM   151  C CA  . GLN A 1 19  ? 8.995   -9.434  -1.953  1.00 35.19 ? 18   GLN A CA  1 
ATOM   152  C C   . GLN A 1 19  ? 9.926   -9.014  -0.821  1.00 35.73 ? 18   GLN A C   1 
ATOM   153  O O   . GLN A 1 19  ? 10.572  -9.851  -0.192  1.00 35.02 ? 18   GLN A O   1 
ATOM   154  C CB  . GLN A 1 19  ? 9.712   -9.434  -3.304  1.00 35.32 ? 18   GLN A CB  1 
ATOM   155  C CG  . GLN A 1 19  ? 8.939   -10.224 -4.360  1.00 36.23 ? 18   GLN A CG  1 
ATOM   156  C CD  . GLN A 1 19  ? 9.436   -10.002 -5.783  1.00 38.81 ? 18   GLN A CD  1 
ATOM   157  O OE1 . GLN A 1 19  ? 10.244  -9.111  -6.056  1.00 38.23 ? 18   GLN A OE1 1 
ATOM   158  N NE2 . GLN A 1 19  ? 8.948   -10.831 -6.702  1.00 39.49 ? 18   GLN A NE2 1 
ATOM   159  N N   . CYS A 1 20  ? 9.977   -7.713  -0.571  1.00 36.84 ? 19   CYS A N   1 
ATOM   160  C CA  . CYS A 1 20  ? 10.686  -7.153  0.565   1.00 36.70 ? 19   CYS A CA  1 
ATOM   161  C C   . CYS A 1 20  ? 10.029  -7.545  1.896   1.00 35.79 ? 19   CYS A C   1 
ATOM   162  O O   . CYS A 1 20  ? 10.725  -7.900  2.844   1.00 35.75 ? 19   CYS A O   1 
ATOM   163  C CB  . CYS A 1 20  ? 10.728  -5.629  0.428   1.00 37.23 ? 19   CYS A CB  1 
ATOM   164  S SG  . CYS A 1 20  ? 10.938  -4.760  1.989   1.00 40.79 ? 19   CYS A SG  1 
ATOM   165  N N   . VAL A 1 21  ? 8.699   -7.463  1.964   1.00 35.03 ? 20   VAL A N   1 
ATOM   166  C CA  . VAL A 1 21  ? 7.961   -7.820  3.180   1.00 35.01 ? 20   VAL A CA  1 
ATOM   167  C C   . VAL A 1 21  ? 8.161   -9.306  3.551   1.00 34.94 ? 20   VAL A C   1 
ATOM   168  O O   . VAL A 1 21  ? 8.425   -9.636  4.706   1.00 33.73 ? 20   VAL A O   1 
ATOM   169  C CB  . VAL A 1 21  ? 6.442   -7.416  3.118   1.00 34.67 ? 20   VAL A CB  1 
ATOM   170  C CG1 . VAL A 1 21  ? 5.665   -7.997  4.310   1.00 35.44 ? 20   VAL A CG1 1 
ATOM   171  C CG2 . VAL A 1 21  ? 6.296   -5.935  3.130   1.00 33.41 ? 20   VAL A CG2 1 
ATOM   172  N N   . LEU A 1 22  ? 8.070   -10.179 2.551   1.00 35.68 ? 21   LEU A N   1 
ATOM   173  C CA  . LEU A 1 22  ? 8.207   -11.628 2.760   1.00 36.24 ? 21   LEU A CA  1 
ATOM   174  C C   . LEU A 1 22  ? 9.660   -12.096 2.784   1.00 37.25 ? 21   LEU A C   1 
ATOM   175  O O   . LEU A 1 22  ? 9.943   -13.268 3.060   1.00 36.80 ? 21   LEU A O   1 
ATOM   176  C CB  . LEU A 1 22  ? 7.435   -12.404 1.684   1.00 35.79 ? 21   LEU A CB  1 
ATOM   177  C CG  . LEU A 1 22  ? 5.937   -12.131 1.620   1.00 35.36 ? 21   LEU A CG  1 
ATOM   178  C CD1 . LEU A 1 22  ? 5.290   -12.889 0.485   1.00 31.93 ? 21   LEU A CD1 1 
ATOM   179  C CD2 . LEU A 1 22  ? 5.310   -12.472 2.982   1.00 36.21 ? 21   LEU A CD2 1 
ATOM   180  N N   . GLN A 1 23  ? 10.573  -11.173 2.476   1.00 38.26 ? 22   GLN A N   1 
ATOM   181  C CA  . GLN A 1 23  ? 12.002  -11.466 2.364   1.00 39.31 ? 22   GLN A CA  1 
ATOM   182  C C   . GLN A 1 23  ? 12.274  -12.557 1.311   1.00 39.88 ? 22   GLN A C   1 
ATOM   183  O O   . GLN A 1 23  ? 12.986  -13.532 1.566   1.00 39.84 ? 22   GLN A O   1 
ATOM   184  C CB  . GLN A 1 23  ? 12.610  -11.765 3.755   1.00 38.74 ? 22   GLN A CB  1 
ATOM   185  C CG  . GLN A 1 23  ? 11.979  -10.885 4.847   1.00 39.28 ? 22   GLN A CG  1 
ATOM   186  C CD  . GLN A 1 23  ? 12.689  -10.913 6.187   1.00 40.54 ? 22   GLN A CD  1 
ATOM   187  O OE1 . GLN A 1 23  ? 13.921  -10.897 6.264   1.00 42.03 ? 22   GLN A OE1 1 
ATOM   188  N NE2 . GLN A 1 23  ? 11.902  -10.931 7.263   1.00 41.62 ? 22   GLN A NE2 1 
ATOM   189  N N   . ILE A 1 24  ? 11.693  -12.371 0.126   1.00 40.83 ? 23   ILE A N   1 
ATOM   190  C CA  . ILE A 1 24  ? 11.984  -13.216 -1.045  1.00 42.22 ? 23   ILE A CA  1 
ATOM   191  C C   . ILE A 1 24  ? 13.126  -12.592 -1.860  1.00 42.81 ? 23   ILE A C   1 
ATOM   192  O O   . ILE A 1 24  ? 12.976  -11.509 -2.409  1.00 42.75 ? 23   ILE A O   1 
ATOM   193  C CB  . ILE A 1 24  ? 10.734  -13.415 -1.957  1.00 42.28 ? 23   ILE A CB  1 
ATOM   194  C CG1 . ILE A 1 24  ? 9.496   -13.769 -1.125  1.00 42.39 ? 23   ILE A CG1 1 
ATOM   195  C CG2 . ILE A 1 24  ? 11.020  -14.481 -3.031  1.00 43.40 ? 23   ILE A CG2 1 
ATOM   196  C CD1 . ILE A 1 24  ? 8.177   -13.689 -1.876  1.00 41.93 ? 23   ILE A CD1 1 
ATOM   197  N N   . PRO A 1 25  ? 14.282  -13.278 -1.938  1.00 44.27 ? 24   PRO A N   1 
ATOM   198  C CA  . PRO A 1 25  ? 15.469  -12.617 -2.516  1.00 44.69 ? 24   PRO A CA  1 
ATOM   199  C C   . PRO A 1 25  ? 15.365  -12.376 -4.028  1.00 44.93 ? 24   PRO A C   1 
ATOM   200  O O   . PRO A 1 25  ? 14.660  -13.109 -4.722  1.00 45.19 ? 24   PRO A O   1 
ATOM   201  C CB  . PRO A 1 25  ? 16.598  -13.597 -2.197  1.00 44.72 ? 24   PRO A CB  1 
ATOM   202  C CG  . PRO A 1 25  ? 15.912  -14.934 -2.112  1.00 45.02 ? 24   PRO A CG  1 
ATOM   203  C CD  . PRO A 1 25  ? 14.567  -14.668 -1.522  1.00 44.10 ? 24   PRO A CD  1 
ATOM   204  N N   . SER A 1 32  ? 15.659  -1.368  -7.835  1.00 43.32 ? 31   SER A N   1 
ATOM   205  C CA  . SER A 1 32  ? 15.808  0.033   -8.263  1.00 43.63 ? 31   SER A CA  1 
ATOM   206  C C   . SER A 1 32  ? 15.773  1.019   -7.085  1.00 43.68 ? 31   SER A C   1 
ATOM   207  O O   . SER A 1 32  ? 15.197  0.713   -6.033  1.00 43.91 ? 31   SER A O   1 
ATOM   208  C CB  . SER A 1 32  ? 14.718  0.418   -9.264  1.00 43.91 ? 31   SER A CB  1 
ATOM   209  O OG  . SER A 1 32  ? 13.623  1.081   -8.613  1.00 44.84 ? 31   SER A OG  1 
ATOM   210  N N   . LYS A 1 33  ? 16.370  2.201   -7.297  1.00 43.14 ? 32   LYS A N   1 
ATOM   211  C CA  . LYS A 1 33  ? 16.473  3.283   -6.310  1.00 42.50 ? 32   LYS A CA  1 
ATOM   212  C C   . LYS A 1 33  ? 15.132  3.692   -5.703  1.00 41.44 ? 32   LYS A C   1 
ATOM   213  O O   . LYS A 1 33  ? 14.961  3.676   -4.481  1.00 40.87 ? 32   LYS A O   1 
ATOM   214  C CB  . LYS A 1 33  ? 17.157  4.503   -6.953  1.00 43.04 ? 32   LYS A CB  1 
ATOM   215  C CG  . LYS A 1 33  ? 17.095  5.824   -6.160  1.00 43.88 ? 32   LYS A CG  1 
ATOM   216  C CD  . LYS A 1 33  ? 18.223  6.779   -6.573  1.00 43.82 ? 32   LYS A CD  1 
ATOM   217  C CE  . LYS A 1 33  ? 18.057  8.164   -5.907  1.00 45.22 ? 32   LYS A CE  1 
ATOM   218  N NZ  . LYS A 1 33  ? 19.306  9.026   -6.017  1.00 45.28 ? 32   LYS A NZ  1 
ATOM   219  N N   . THR A 1 34  ? 14.202  4.073   -6.580  1.00 40.32 ? 33   THR A N   1 
ATOM   220  C CA  . THR A 1 34  ? 12.853  4.474   -6.222  1.00 38.53 ? 33   THR A CA  1 
ATOM   221  C C   . THR A 1 34  ? 12.221  3.384   -5.372  1.00 37.41 ? 33   THR A C   1 
ATOM   222  O O   . THR A 1 34  ? 11.694  3.650   -4.281  1.00 35.08 ? 33   THR A O   1 
ATOM   223  C CB  . THR A 1 34  ? 12.052  4.743   -7.501  1.00 39.04 ? 33   THR A CB  1 
ATOM   224  O OG1 . THR A 1 34  ? 12.696  5.804   -8.221  1.00 40.98 ? 33   THR A OG1 1 
ATOM   225  C CG2 . THR A 1 34  ? 10.628  5.139   -7.193  1.00 37.32 ? 33   THR A CG2 1 
ATOM   226  N N   . SER A 1 35  ? 12.346  2.151   -5.854  1.00 36.26 ? 34   SER A N   1 
ATOM   227  C CA  . SER A 1 35  ? 11.838  0.989   -5.157  1.00 36.41 ? 34   SER A CA  1 
ATOM   228  C C   . SER A 1 35  ? 12.489  0.806   -3.768  1.00 36.02 ? 34   SER A C   1 
ATOM   229  O O   . SER A 1 35  ? 11.778  0.563   -2.784  1.00 36.54 ? 34   SER A O   1 
ATOM   230  C CB  . SER A 1 35  ? 11.980  -0.256  -6.025  1.00 36.29 ? 34   SER A CB  1 
ATOM   231  O OG  . SER A 1 35  ? 11.148  -1.285  -5.538  1.00 38.29 ? 34   SER A OG  1 
ATOM   232  N N   . ARG A 1 36  ? 13.806  0.995   -3.668  1.00 35.39 ? 35   ARG A N   1 
ATOM   233  C CA  . ARG A 1 36  ? 14.510  0.852   -2.369  1.00 35.30 ? 35   ARG A CA  1 
ATOM   234  C C   . ARG A 1 36  ? 14.105  1.927   -1.366  1.00 33.92 ? 35   ARG A C   1 
ATOM   235  O O   . ARG A 1 36  ? 13.880  1.634   -0.188  1.00 33.63 ? 35   ARG A O   1 
ATOM   236  C CB  . ARG A 1 36  ? 16.021  0.837   -2.549  1.00 35.83 ? 35   ARG A CB  1 
ATOM   237  C CG  . ARG A 1 36  ? 16.523  -0.457  -3.138  1.00 40.90 ? 35   ARG A CG  1 
ATOM   238  C CD  . ARG A 1 36  ? 17.735  -0.220  -4.064  1.00 47.45 ? 35   ARG A CD  1 
ATOM   239  N NE  . ARG A 1 36  ? 18.879  0.387   -3.394  1.00 50.26 ? 35   ARG A NE  1 
ATOM   240  C CZ  . ARG A 1 36  ? 19.680  1.294   -3.955  1.00 54.01 ? 35   ARG A CZ  1 
ATOM   241  N NH1 . ARG A 1 36  ? 19.445  1.723   -5.196  1.00 53.95 ? 35   ARG A NH1 1 
ATOM   242  N NH2 . ARG A 1 36  ? 20.723  1.776   -3.273  1.00 55.23 ? 35   ARG A NH2 1 
ATOM   243  N N   . VAL A 1 37  ? 13.990  3.157   -1.848  1.00 32.34 ? 36   VAL A N   1 
ATOM   244  C CA  . VAL A 1 37  ? 13.457  4.256   -1.051  1.00 31.14 ? 36   VAL A CA  1 
ATOM   245  C C   . VAL A 1 37  ? 12.025  3.954   -0.551  1.00 31.30 ? 36   VAL A C   1 
ATOM   246  O O   . VAL A 1 37  ? 11.732  4.122   0.635   1.00 31.57 ? 36   VAL A O   1 
ATOM   247  C CB  . VAL A 1 37  ? 13.524  5.576   -1.847  1.00 31.23 ? 36   VAL A CB  1 
ATOM   248  C CG1 . VAL A 1 37  ? 12.736  6.728   -1.124  1.00 29.42 ? 36   VAL A CG1 1 
ATOM   249  C CG2 . VAL A 1 37  ? 14.997  5.946   -2.107  1.00 29.67 ? 36   VAL A CG2 1 
ATOM   250  N N   . LEU A 1 38  ? 11.141  3.531   -1.458  1.00 30.87 ? 37   LEU A N   1 
ATOM   251  C CA  . LEU A 1 38  ? 9.776   3.140   -1.112  1.00 30.52 ? 37   LEU A CA  1 
ATOM   252  C C   . LEU A 1 38  ? 9.756   2.037   -0.057  1.00 31.35 ? 37   LEU A C   1 
ATOM   253  O O   . LEU A 1 38  ? 9.031   2.139   0.937   1.00 31.28 ? 37   LEU A O   1 
ATOM   254  C CB  . LEU A 1 38  ? 8.952   2.750   -2.348  1.00 30.08 ? 37   LEU A CB  1 
ATOM   255  C CG  . LEU A 1 38  ? 7.533   2.208   -2.030  1.00 31.05 ? 37   LEU A CG  1 
ATOM   256  C CD1 . LEU A 1 38  ? 6.691   3.200   -1.184  1.00 29.69 ? 37   LEU A CD1 1 
ATOM   257  C CD2 . LEU A 1 38  ? 6.809   1.845   -3.341  1.00 30.15 ? 37   LEU A CD2 1 
ATOM   258  N N   . GLN A 1 39  ? 10.586  1.013   -0.238  1.00 32.48 ? 38   GLN A N   1 
ATOM   259  C CA  . GLN A 1 39  ? 10.670  -0.081  0.724   1.00 33.51 ? 38   GLN A CA  1 
ATOM   260  C C   . GLN A 1 39  ? 11.078  0.384   2.141   1.00 34.30 ? 38   GLN A C   1 
ATOM   261  O O   . GLN A 1 39  ? 10.479  -0.032  3.141   1.00 34.24 ? 38   GLN A O   1 
ATOM   262  C CB  . GLN A 1 39  ? 11.617  -1.168  0.184   1.00 34.52 ? 38   GLN A CB  1 
ATOM   263  C CG  . GLN A 1 39  ? 11.073  -1.849  -1.114  1.00 33.48 ? 38   GLN A CG  1 
ATOM   264  C CD  . GLN A 1 39  ? 12.120  -2.686  -1.821  1.00 34.70 ? 38   GLN A CD  1 
ATOM   265  O OE1 . GLN A 1 39  ? 13.021  -3.222  -1.189  1.00 36.21 ? 38   GLN A OE1 1 
ATOM   266  N NE2 . GLN A 1 39  ? 12.021  -2.778  -3.148  1.00 35.39 ? 38   GLN A NE2 1 
ATOM   267  N N   . ASN A 1 40  ? 12.070  1.270   2.221   1.00 34.51 ? 39   ASN A N   1 
ATOM   268  C CA  . ASN A 1 40  ? 12.505  1.812   3.499   1.00 34.78 ? 39   ASN A CA  1 
ATOM   269  C C   . ASN A 1 40  ? 11.397  2.608   4.224   1.00 34.54 ? 39   ASN A C   1 
ATOM   270  O O   . ASN A 1 40  ? 11.123  2.347   5.386   1.00 34.41 ? 39   ASN A O   1 
ATOM   271  C CB  . ASN A 1 40  ? 13.785  2.640   3.326   1.00 35.21 ? 39   ASN A CB  1 
ATOM   272  C CG  . ASN A 1 40  ? 14.987  1.790   2.870   1.00 39.39 ? 39   ASN A CG  1 
ATOM   273  O OD1 . ASN A 1 40  ? 15.026  0.559   3.076   1.00 42.08 ? 39   ASN A OD1 1 
ATOM   274  N ND2 . ASN A 1 40  ? 15.983  2.449   2.253   1.00 41.13 ? 39   ASN A ND2 1 
ATOM   275  N N   . VAL A 1 41  ? 10.748  3.551   3.542   1.00 33.32 ? 40   VAL A N   1 
ATOM   276  C CA  . VAL A 1 41  ? 9.700   4.329   4.187   1.00 33.43 ? 40   VAL A CA  1 
ATOM   277  C C   . VAL A 1 41  ? 8.397   3.529   4.429   1.00 33.46 ? 40   VAL A C   1 
ATOM   278  O O   . VAL A 1 41  ? 7.785   3.678   5.483   1.00 34.10 ? 40   VAL A O   1 
ATOM   279  C CB  . VAL A 1 41  ? 9.435   5.713   3.469   1.00 33.49 ? 40   VAL A CB  1 
ATOM   280  C CG1 . VAL A 1 41  ? 8.868   5.520   2.054   1.00 33.86 ? 40   VAL A CG1 1 
ATOM   281  C CG2 . VAL A 1 41  ? 8.470   6.575   4.284   1.00 33.09 ? 40   VAL A CG2 1 
ATOM   282  N N   . ALA A 1 42  ? 7.972   2.683   3.485   1.00 33.60 ? 41   ALA A N   1 
ATOM   283  C CA  . ALA A 1 42  ? 6.737   1.899   3.678   1.00 33.93 ? 41   ALA A CA  1 
ATOM   284  C C   . ALA A 1 42  ? 6.848   0.880   4.811   1.00 35.18 ? 41   ALA A C   1 
ATOM   285  O O   . ALA A 1 42  ? 5.856   0.608   5.506   1.00 35.14 ? 41   ALA A O   1 
ATOM   286  C CB  . ALA A 1 42  ? 6.292   1.216   2.398   1.00 32.92 ? 41   ALA A CB  1 
ATOM   287  N N   . PHE A 1 43  ? 8.049   0.322   4.981   1.00 35.71 ? 42   PHE A N   1 
ATOM   288  C CA  . PHE A 1 43  ? 8.326   -0.615  6.057   1.00 36.40 ? 42   PHE A CA  1 
ATOM   289  C C   . PHE A 1 43  ? 8.182   0.053   7.418   1.00 35.82 ? 42   PHE A C   1 
ATOM   290  O O   . PHE A 1 43  ? 7.622   -0.536  8.334   1.00 35.69 ? 42   PHE A O   1 
ATOM   291  C CB  . PHE A 1 43  ? 9.718   -1.247  5.914   1.00 37.52 ? 42   PHE A CB  1 
ATOM   292  C CG  . PHE A 1 43  ? 9.882   -2.545  6.678   1.00 40.08 ? 42   PHE A CG  1 
ATOM   293  C CD1 . PHE A 1 43  ? 9.889   -3.772  6.001   1.00 44.53 ? 42   PHE A CD1 1 
ATOM   294  C CD2 . PHE A 1 43  ? 10.015  -2.551  8.057   1.00 41.84 ? 42   PHE A CD2 1 
ATOM   295  C CE1 . PHE A 1 43  ? 10.042  -4.984  6.699   1.00 42.89 ? 42   PHE A CE1 1 
ATOM   296  C CE2 . PHE A 1 43  ? 10.158  -3.760  8.774   1.00 43.69 ? 42   PHE A CE2 1 
ATOM   297  C CZ  . PHE A 1 43  ? 10.162  -4.975  8.095   1.00 42.56 ? 42   PHE A CZ  1 
ATOM   298  N N   . SER A 1 44  ? 8.679   1.277   7.569   1.00 35.49 ? 43   SER A N   1 
ATOM   299  C CA  . SER A 1 44  ? 8.492   1.946   8.849   1.00 35.31 ? 43   SER A CA  1 
ATOM   300  C C   . SER A 1 44  ? 7.061   2.452   9.024   1.00 34.49 ? 43   SER A C   1 
ATOM   301  O O   . SER A 1 44  ? 6.545   2.452   10.119  1.00 34.45 ? 43   SER A O   1 
ATOM   302  C CB  . SER A 1 44  ? 9.563   3.025   9.129   1.00 35.79 ? 43   SER A CB  1 
ATOM   303  O OG  . SER A 1 44  ? 9.633   3.979   8.103   1.00 39.13 ? 43   SER A OG  1 
ATOM   304  N N   . VAL A 1 45  ? 6.399   2.871   7.945   1.00 34.32 ? 44   VAL A N   1 
ATOM   305  C CA  . VAL A 1 45  ? 4.951   3.084   8.021   1.00 33.86 ? 44   VAL A CA  1 
ATOM   306  C C   . VAL A 1 45  ? 4.214   1.800   8.475   1.00 34.42 ? 44   VAL A C   1 
ATOM   307  O O   . VAL A 1 45  ? 3.407   1.817   9.430   1.00 34.65 ? 44   VAL A O   1 
ATOM   308  C CB  . VAL A 1 45  ? 4.350   3.605   6.689   1.00 33.84 ? 44   VAL A CB  1 
ATOM   309  C CG1 . VAL A 1 45  ? 2.827   3.540   6.720   1.00 32.97 ? 44   VAL A CG1 1 
ATOM   310  C CG2 . VAL A 1 45  ? 4.810   5.046   6.419   1.00 34.70 ? 44   VAL A CG2 1 
ATOM   311  N N   . GLN A 1 46  ? 4.501   0.693   7.810   1.00 33.78 ? 45   GLN A N   1 
ATOM   312  C CA  . GLN A 1 46  ? 3.826   -0.559  8.111   1.00 35.31 ? 45   GLN A CA  1 
ATOM   313  C C   . GLN A 1 46  ? 3.990   -1.021  9.567   1.00 35.84 ? 45   GLN A C   1 
ATOM   314  O O   . GLN A 1 46  ? 3.038   -1.532  10.177  1.00 36.19 ? 45   GLN A O   1 
ATOM   315  C CB  . GLN A 1 46  ? 4.311   -1.677  7.190   1.00 34.36 ? 45   GLN A CB  1 
ATOM   316  C CG  . GLN A 1 46  ? 3.500   -2.952  7.383   1.00 34.95 ? 45   GLN A CG  1 
ATOM   317  C CD  . GLN A 1 46  ? 3.880   -4.025  6.414   1.00 35.19 ? 45   GLN A CD  1 
ATOM   318  O OE1 . GLN A 1 46  ? 4.294   -3.729  5.305   1.00 32.96 ? 45   GLN A OE1 1 
ATOM   319  N NE2 . GLN A 1 46  ? 3.735   -5.295  6.822   1.00 34.82 ? 45   GLN A NE2 1 
ATOM   320  N N   . LYS A 1 47  ? 5.207   -0.897  10.085  1.00 37.35 ? 46   LYS A N   1 
ATOM   321  C CA  . LYS A 1 47  ? 5.511   -1.294  11.467  1.00 39.18 ? 46   LYS A CA  1 
ATOM   322  C C   . LYS A 1 47  ? 4.696   -0.490  12.462  1.00 39.57 ? 46   LYS A C   1 
ATOM   323  O O   . LYS A 1 47  ? 4.130   -1.055  13.398  1.00 40.12 ? 46   LYS A O   1 
ATOM   324  C CB  . LYS A 1 47  ? 7.007   -1.165  11.782  1.00 39.46 ? 46   LYS A CB  1 
ATOM   325  C CG  . LYS A 1 47  ? 7.830   -2.414  11.483  1.00 40.93 ? 46   LYS A CG  1 
ATOM   326  C CD  . LYS A 1 47  ? 9.175   -2.455  12.270  1.00 40.27 ? 46   LYS A CD  1 
ATOM   327  C CE  . LYS A 1 47  ? 9.955   -3.767  11.944  1.00 41.78 ? 46   LYS A CE  1 
ATOM   328  N NZ  . LYS A 1 47  ? 11.307  -3.968  12.616  1.00 42.68 ? 46   LYS A NZ  1 
ATOM   329  N N   . GLU A 1 48  ? 4.647   0.825   12.270  1.00 40.41 ? 47   GLU A N   1 
ATOM   330  C CA  . GLU A 1 48  ? 3.836   1.677   13.120  1.00 41.25 ? 47   GLU A CA  1 
ATOM   331  C C   . GLU A 1 48  ? 2.359   1.303   13.038  1.00 41.26 ? 47   GLU A C   1 
ATOM   332  O O   . GLU A 1 48  ? 1.698   1.135   14.071  1.00 41.61 ? 47   GLU A O   1 
ATOM   333  C CB  . GLU A 1 48  ? 4.019   3.149   12.753  1.00 41.89 ? 47   GLU A CB  1 
ATOM   334  C CG  . GLU A 1 48  ? 3.388   4.104   13.786  1.00 45.20 ? 47   GLU A CG  1 
ATOM   335  C CD  . GLU A 1 48  ? 3.974   5.506   13.719  1.00 50.48 ? 47   GLU A CD  1 
ATOM   336  O OE1 . GLU A 1 48  ? 3.236   6.480   14.041  1.00 51.29 ? 47   GLU A OE1 1 
ATOM   337  O OE2 . GLU A 1 48  ? 5.168   5.629   13.329  1.00 52.20 ? 47   GLU A OE2 1 
ATOM   338  N N   . VAL A 1 49  ? 1.848   1.159   11.813  1.00 40.66 ? 48   VAL A N   1 
ATOM   339  C CA  . VAL A 1 49  ? 0.440   0.827   11.598  1.00 39.92 ? 48   VAL A CA  1 
ATOM   340  C C   . VAL A 1 49  ? 0.040   -0.503  12.254  1.00 39.34 ? 48   VAL A C   1 
ATOM   341  O O   . VAL A 1 49  ? -1.032  -0.590  12.839  1.00 38.53 ? 48   VAL A O   1 
ATOM   342  C CB  . VAL A 1 49  ? 0.067   0.838   10.092  1.00 39.88 ? 48   VAL A CB  1 
ATOM   343  C CG1 . VAL A 1 49  ? -1.248  0.129   9.839   1.00 39.21 ? 48   VAL A CG1 1 
ATOM   344  C CG2 . VAL A 1 49  ? 0.019   2.280   9.548   1.00 40.49 ? 48   VAL A CG2 1 
ATOM   345  N N   . GLU A 1 50  ? 0.887   -1.522  12.133  1.00 39.49 ? 49   GLU A N   1 
ATOM   346  C CA  . GLU A 1 50  ? 0.616   -2.850  12.713  1.00 40.74 ? 49   GLU A CA  1 
ATOM   347  C C   . GLU A 1 50  ? 0.512   -2.841  14.236  1.00 41.77 ? 49   GLU A C   1 
ATOM   348  O O   . GLU A 1 50  ? -0.236  -3.643  14.825  1.00 41.94 ? 49   GLU A O   1 
ATOM   349  C CB  . GLU A 1 50  ? 1.710   -3.846  12.322  1.00 40.95 ? 49   GLU A CB  1 
ATOM   350  C CG  . GLU A 1 50  ? 1.561   -4.439  10.936  1.00 40.88 ? 49   GLU A CG  1 
ATOM   351  C CD  . GLU A 1 50  ? 2.806   -5.182  10.477  1.00 40.80 ? 49   GLU A CD  1 
ATOM   352  O OE1 . GLU A 1 50  ? 3.872   -5.049  11.120  1.00 41.68 ? 49   GLU A OE1 1 
ATOM   353  O OE2 . GLU A 1 50  ? 2.722   -5.915  9.471   1.00 39.29 ? 49   GLU A OE2 1 
ATOM   354  N N   . LYS A 1 51  ? 1.271   -1.952  14.875  1.00 42.82 ? 50   LYS A N   1 
ATOM   355  C CA  . LYS A 1 51  ? 1.190   -1.817  16.319  1.00 44.05 ? 50   LYS A CA  1 
ATOM   356  C C   . LYS A 1 51  ? 0.007   -0.922  16.725  1.00 44.59 ? 50   LYS A C   1 
ATOM   357  O O   . LYS A 1 51  ? -0.709  -1.255  17.671  1.00 45.35 ? 50   LYS A O   1 
ATOM   358  C CB  . LYS A 1 51  ? 2.530   -1.388  16.927  1.00 44.14 ? 50   LYS A CB  1 
ATOM   359  C CG  . LYS A 1 51  ? 2.651   0.066   17.336  1.00 44.72 ? 50   LYS A CG  1 
ATOM   360  C CD  . LYS A 1 51  ? 3.956   0.329   18.103  1.00 44.99 ? 50   LYS A CD  1 
ATOM   361  C CE  . LYS A 1 51  ? 4.048   -0.452  19.417  1.00 45.86 ? 50   LYS A CE  1 
ATOM   362  N NZ  . LYS A 1 51  ? 4.982   0.205   20.379  1.00 44.95 ? 50   LYS A NZ  1 
ATOM   363  N N   . ASN A 1 52  ? -0.248  0.169   16.001  1.00 44.44 ? 51   ASN A N   1 
ATOM   364  C CA  . ASN A 1 52  ? -1.416  0.999   16.323  1.00 44.18 ? 51   ASN A CA  1 
ATOM   365  C C   . ASN A 1 52  ? -2.771  0.272   16.124  1.00 44.51 ? 51   ASN A C   1 
ATOM   366  O O   . ASN A 1 52  ? -3.784  0.645   16.745  1.00 44.53 ? 51   ASN A O   1 
ATOM   367  C CB  . ASN A 1 52  ? -1.382  2.341   15.574  1.00 43.96 ? 51   ASN A CB  1 
ATOM   368  C CG  . ASN A 1 52  ? -0.209  3.251   16.009  1.00 45.19 ? 51   ASN A CG  1 
ATOM   369  O OD1 . ASN A 1 52  ? 0.445   3.016   17.031  1.00 47.24 ? 51   ASN A OD1 1 
ATOM   370  N ND2 . ASN A 1 52  ? 0.050   4.289   15.227  1.00 43.05 ? 51   ASN A ND2 1 
ATOM   371  N N   . LEU A 1 53  ? -2.771  -0.785  15.298  1.00 43.88 ? 52   LEU A N   1 
ATOM   372  C CA  . LEU A 1 53  ? -3.997  -1.488  14.902  1.00 43.25 ? 52   LEU A CA  1 
ATOM   373  C C   . LEU A 1 53  ? -4.093  -2.958  15.309  1.00 43.20 ? 52   LEU A C   1 
ATOM   374  O O   . LEU A 1 53  ? -4.975  -3.662  14.814  1.00 42.11 ? 52   LEU A O   1 
ATOM   375  C CB  . LEU A 1 53  ? -4.210  -1.392  13.381  1.00 43.24 ? 52   LEU A CB  1 
ATOM   376  C CG  . LEU A 1 53  ? -4.325  0.001   12.765  1.00 42.51 ? 52   LEU A CG  1 
ATOM   377  C CD1 . LEU A 1 53  ? -4.563  -0.102  11.256  1.00 41.81 ? 52   LEU A CD1 1 
ATOM   378  C CD2 . LEU A 1 53  ? -5.428  0.767   13.435  1.00 42.31 ? 52   LEU A CD2 1 
ATOM   379  N N   . LYS A 1 54  ? -3.221  -3.413  16.216  1.00 43.73 ? 53   LYS A N   1 
ATOM   380  C CA  . LYS A 1 54  ? -3.247  -4.813  16.705  1.00 44.13 ? 53   LYS A CA  1 
ATOM   381  C C   . LYS A 1 54  ? -4.652  -5.281  17.106  1.00 44.13 ? 53   LYS A C   1 
ATOM   382  O O   . LYS A 1 54  ? -5.053  -6.401  16.779  1.00 44.45 ? 53   LYS A O   1 
ATOM   383  C CB  . LYS A 1 54  ? -2.248  -5.045  17.862  1.00 44.14 ? 53   LYS A CB  1 
ATOM   384  C CG  . LYS A 1 54  ? -2.084  -6.534  18.263  1.00 43.97 ? 53   LYS A CG  1 
ATOM   385  C CD  . LYS A 1 54  ? -1.114  -6.750  19.430  1.00 44.61 ? 53   LYS A CD  1 
ATOM   386  C CE  . LYS A 1 54  ? -1.756  -6.482  20.807  1.00 44.69 ? 53   LYS A CE  1 
ATOM   387  N NZ  . LYS A 1 54  ? -2.803  -7.488  21.180  1.00 44.56 ? 53   LYS A NZ  1 
ATOM   388  N N   . SER A 1 55  ? -5.397  -4.417  17.789  1.00 44.61 ? 54   SER A N   1 
ATOM   389  C CA  . SER A 1 55  ? -6.727  -4.783  18.296  1.00 45.08 ? 54   SER A CA  1 
ATOM   390  C C   . SER A 1 55  ? -7.704  -5.042  17.159  1.00 44.67 ? 54   SER A C   1 
ATOM   391  O O   . SER A 1 55  ? -8.437  -6.047  17.178  1.00 44.78 ? 54   SER A O   1 
ATOM   392  C CB  . SER A 1 55  ? -7.280  -3.701  19.223  1.00 45.06 ? 54   SER A CB  1 
ATOM   393  O OG  . SER A 1 55  ? -6.649  -3.741  20.491  1.00 47.95 ? 54   SER A OG  1 
ATOM   394  N N   . CYS A 1 56  ? -7.703  -4.128  16.181  1.00 43.97 ? 55   CYS A N   1 
ATOM   395  C CA  . CYS A 1 56  ? -8.471  -4.272  14.944  1.00 44.00 ? 55   CYS A CA  1 
ATOM   396  C C   . CYS A 1 56  ? -8.017  -5.514  14.196  1.00 44.39 ? 55   CYS A C   1 
ATOM   397  O O   . CYS A 1 56  ? -8.783  -6.472  14.041  1.00 44.37 ? 55   CYS A O   1 
ATOM   398  C CB  . CYS A 1 56  ? -8.277  -3.044  14.041  1.00 43.88 ? 55   CYS A CB  1 
ATOM   399  S SG  . CYS A 1 56  ? -9.244  -3.086  12.491  1.00 42.72 ? 55   CYS A SG  1 
ATOM   400  N N   . LEU A 1 57  ? -6.745  -5.483  13.785  1.00 44.47 ? 56   LEU A N   1 
ATOM   401  C CA  . LEU A 1 57  ? -6.151  -6.433  12.852  1.00 44.50 ? 56   LEU A CA  1 
ATOM   402  C C   . LEU A 1 57  ? -6.124  -7.882  13.323  1.00 45.17 ? 56   LEU A C   1 
ATOM   403  O O   . LEU A 1 57  ? -6.242  -8.795  12.503  1.00 44.98 ? 56   LEU A O   1 
ATOM   404  C CB  . LEU A 1 57  ? -4.740  -5.969  12.464  1.00 43.97 ? 56   LEU A CB  1 
ATOM   405  C CG  . LEU A 1 57  ? -4.664  -4.762  11.523  1.00 43.26 ? 56   LEU A CG  1 
ATOM   406  C CD1 . LEU A 1 57  ? -3.213  -4.425  11.222  1.00 41.37 ? 56   LEU A CD1 1 
ATOM   407  C CD2 . LEU A 1 57  ? -5.446  -5.020  10.224  1.00 41.20 ? 56   LEU A CD2 1 
ATOM   408  N N   . ASP A 1 58  ? -5.969  -8.091  14.634  1.00 45.97 ? 57   ASP A N   1 
ATOM   409  C CA  . ASP A 1 58  ? -6.038  -9.437  15.211  1.00 46.58 ? 57   ASP A CA  1 
ATOM   410  C C   . ASP A 1 58  ? -7.409  -10.064 15.010  1.00 46.42 ? 57   ASP A C   1 
ATOM   411  O O   . ASP A 1 58  ? -7.532  -11.291 15.007  1.00 47.07 ? 57   ASP A O   1 
ATOM   412  C CB  . ASP A 1 58  ? -5.679  -9.436  16.703  1.00 47.11 ? 57   ASP A CB  1 
ATOM   413  C CG  . ASP A 1 58  ? -4.177  -9.579  16.958  1.00 48.46 ? 57   ASP A CG  1 
ATOM   414  O OD1 . ASP A 1 58  ? -3.415  -9.840  16.006  1.00 49.14 ? 57   ASP A OD1 1 
ATOM   415  O OD2 . ASP A 1 58  ? -3.757  -9.447  18.132  1.00 50.66 ? 57   ASP A OD2 1 
ATOM   416  N N   . ASN A 1 59  ? -8.430  -9.223  14.830  1.00 46.02 ? 58   ASN A N   1 
ATOM   417  C CA  . ASN A 1 59  ? -9.798  -9.683  14.571  1.00 45.39 ? 58   ASN A CA  1 
ATOM   418  C C   . ASN A 1 59  ? -10.210 -9.670  13.102  1.00 44.68 ? 58   ASN A C   1 
ATOM   419  O O   . ASN A 1 59  ? -11.387 -9.831  12.788  1.00 44.30 ? 58   ASN A O   1 
ATOM   420  C CB  . ASN A 1 59  ? -10.802 -8.873  15.400  1.00 45.76 ? 58   ASN A CB  1 
ATOM   421  C CG  . ASN A 1 59  ? -10.693 -9.155  16.884  1.00 46.76 ? 58   ASN A CG  1 
ATOM   422  O OD1 . ASN A 1 59  ? -9.612  -9.071  17.471  1.00 48.25 ? 58   ASN A OD1 1 
ATOM   423  N ND2 . ASN A 1 59  ? -11.816 -9.490  17.503  1.00 47.76 ? 58   ASN A ND2 1 
ATOM   424  N N   . VAL A 1 60  ? -9.248  -9.482  12.203  1.00 44.24 ? 59   VAL A N   1 
ATOM   425  C CA  . VAL A 1 60  ? -9.539  -9.474  10.764  1.00 43.48 ? 59   VAL A CA  1 
ATOM   426  C C   . VAL A 1 60  ? -9.067  -10.792 10.133  1.00 43.58 ? 59   VAL A C   1 
ATOM   427  O O   . VAL A 1 60  ? -7.911  -11.175 10.285  1.00 43.38 ? 59   VAL A O   1 
ATOM   428  C CB  . VAL A 1 60  ? -8.905  -8.233  10.029  1.00 43.50 ? 59   VAL A CB  1 
ATOM   429  C CG1 . VAL A 1 60  ? -9.340  -8.179  8.579   1.00 43.29 ? 59   VAL A CG1 1 
ATOM   430  C CG2 . VAL A 1 60  ? -9.279  -6.925  10.719  1.00 42.41 ? 59   VAL A CG2 1 
ATOM   431  N N   . ASN A 1 61  ? -9.973  -11.489 9.449   1.00 43.25 ? 60   ASN A N   1 
ATOM   432  C CA  . ASN A 1 61  ? -9.609  -12.659 8.655   1.00 43.66 ? 60   ASN A CA  1 
ATOM   433  C C   . ASN A 1 61  ? -9.325  -12.294 7.210   1.00 43.41 ? 60   ASN A C   1 
ATOM   434  O O   . ASN A 1 61  ? -10.189 -11.747 6.525   1.00 44.02 ? 60   ASN A O   1 
ATOM   435  C CB  . ASN A 1 61  ? -10.744 -13.684 8.649   1.00 43.49 ? 60   ASN A CB  1 
ATOM   436  C CG  . ASN A 1 61  ? -10.864 -14.433 9.941   1.00 43.71 ? 60   ASN A CG  1 
ATOM   437  O OD1 . ASN A 1 61  ? -10.059 -14.255 10.861  1.00 43.12 ? 60   ASN A OD1 1 
ATOM   438  N ND2 . ASN A 1 61  ? -11.877 -15.303 10.021  1.00 44.40 ? 60   ASN A ND2 1 
ATOM   439  N N   . VAL A 1 62  ? -8.128  -12.610 6.736   1.00 42.91 ? 61   VAL A N   1 
ATOM   440  C CA  . VAL A 1 62  ? -7.844  -12.483 5.316   1.00 42.15 ? 61   VAL A CA  1 
ATOM   441  C C   . VAL A 1 62  ? -7.673  -13.906 4.784   1.00 42.70 ? 61   VAL A C   1 
ATOM   442  O O   . VAL A 1 62  ? -6.569  -14.446 4.793   1.00 42.75 ? 61   VAL A O   1 
ATOM   443  C CB  . VAL A 1 62  ? -6.618  -11.545 5.022   1.00 41.67 ? 61   VAL A CB  1 
ATOM   444  C CG1 . VAL A 1 62  ? -6.351  -11.434 3.527   1.00 39.88 ? 61   VAL A CG1 1 
ATOM   445  C CG2 . VAL A 1 62  ? -6.837  -10.150 5.619   1.00 40.92 ? 61   VAL A CG2 1 
ATOM   446  N N   . VAL A 1 63  ? -8.776  -14.497 4.310   1.00 43.16 ? 62   VAL A N   1 
ATOM   447  C CA  . VAL A 1 63  ? -8.810  -15.931 4.000   1.00 43.79 ? 62   VAL A CA  1 
ATOM   448  C C   . VAL A 1 63  ? -8.440  -16.259 2.563   1.00 43.96 ? 62   VAL A C   1 
ATOM   449  O O   . VAL A 1 63  ? -7.968  -17.363 2.279   1.00 44.29 ? 62   VAL A O   1 
ATOM   450  C CB  . VAL A 1 63  ? -10.161 -16.632 4.417   1.00 44.02 ? 62   VAL A CB  1 
ATOM   451  C CG1 . VAL A 1 63  ? -10.574 -16.232 5.854   1.00 43.77 ? 62   VAL A CG1 1 
ATOM   452  C CG2 . VAL A 1 63  ? -11.289 -16.347 3.408   1.00 43.91 ? 62   VAL A CG2 1 
ATOM   453  N N   . SER A 1 64  ? -8.645  -15.295 1.669   1.00 43.59 ? 63   SER A N   1 
ATOM   454  C CA  . SER A 1 64  ? -8.335  -15.464 0.254   1.00 43.04 ? 63   SER A CA  1 
ATOM   455  C C   . SER A 1 64  ? -7.838  -14.146 -0.362  1.00 42.84 ? 63   SER A C   1 
ATOM   456  O O   . SER A 1 64  ? -7.905  -13.081 0.280   1.00 42.68 ? 63   SER A O   1 
ATOM   457  C CB  . SER A 1 64  ? -9.576  -15.941 -0.487  1.00 43.21 ? 63   SER A CB  1 
ATOM   458  O OG  . SER A 1 64  ? -10.612 -14.985 -0.362  1.00 43.22 ? 63   SER A OG  1 
ATOM   459  N N   . VAL A 1 65  ? -7.332  -14.238 -1.592  1.00 41.81 ? 64   VAL A N   1 
ATOM   460  C CA  . VAL A 1 65  ? -6.958  -13.078 -2.377  1.00 41.86 ? 64   VAL A CA  1 
ATOM   461  C C   . VAL A 1 65  ? -8.198  -12.205 -2.618  1.00 41.53 ? 64   VAL A C   1 
ATOM   462  O O   . VAL A 1 65  ? -8.100  -10.984 -2.610  1.00 41.20 ? 64   VAL A O   1 
ATOM   463  C CB  . VAL A 1 65  ? -6.279  -13.487 -3.713  1.00 41.59 ? 64   VAL A CB  1 
ATOM   464  C CG1 . VAL A 1 65  ? -6.201  -12.321 -4.689  1.00 41.99 ? 64   VAL A CG1 1 
ATOM   465  C CG2 . VAL A 1 65  ? -4.895  -14.020 -3.449  1.00 42.25 ? 64   VAL A CG2 1 
ATOM   466  N N   . ASP A 1 66  ? -9.348  -12.854 -2.818  1.00 40.84 ? 65   ASP A N   1 
ATOM   467  C CA  . ASP A 1 66  ? -10.638 -12.192 -2.968  1.00 40.52 ? 65   ASP A CA  1 
ATOM   468  C C   . ASP A 1 66  ? -11.074 -11.371 -1.772  1.00 39.66 ? 65   ASP A C   1 
ATOM   469  O O   . ASP A 1 66  ? -11.639 -10.286 -1.949  1.00 39.28 ? 65   ASP A O   1 
ATOM   470  C CB  . ASP A 1 66  ? -11.738 -13.204 -3.275  1.00 40.96 ? 65   ASP A CB  1 
ATOM   471  C CG  . ASP A 1 66  ? -11.789 -13.575 -4.732  1.00 42.57 ? 65   ASP A CG  1 
ATOM   472  O OD1 . ASP A 1 66  ? -11.174 -12.856 -5.560  1.00 44.20 ? 65   ASP A OD1 1 
ATOM   473  O OD2 . ASP A 1 66  ? -12.456 -14.585 -5.052  1.00 44.81 ? 65   ASP A OD2 1 
ATOM   474  N N   . THR A 1 67  ? -10.853 -11.894 -0.568  1.00 38.55 ? 66   THR A N   1 
ATOM   475  C CA  . THR A 1 67  ? -11.291 -11.192 0.628   1.00 38.54 ? 66   THR A CA  1 
ATOM   476  C C   . THR A 1 67  ? -10.267 -10.092 0.963   1.00 38.24 ? 66   THR A C   1 
ATOM   477  O O   . THR A 1 67  ? -10.630 -9.041  1.482   1.00 38.59 ? 66   THR A O   1 
ATOM   478  C CB  . THR A 1 67  ? -11.631 -12.149 1.833   1.00 39.14 ? 66   THR A CB  1 
ATOM   479  O OG1 . THR A 1 67  ? -10.448 -12.797 2.321   1.00 40.00 ? 66   THR A OG1 1 
ATOM   480  C CG2 . THR A 1 67  ? -12.668 -13.230 1.422   1.00 38.47 ? 66   THR A CG2 1 
ATOM   481  N N   . ALA A 1 68  ? -9.001  -10.335 0.618   1.00 37.47 ? 67   ALA A N   1 
ATOM   482  C CA  . ALA A 1 68  ? -7.959  -9.312  0.689   1.00 36.93 ? 67   ALA A CA  1 
ATOM   483  C C   . ALA A 1 68  ? -8.309  -8.114  -0.218  1.00 36.89 ? 67   ALA A C   1 
ATOM   484  O O   . ALA A 1 68  ? -8.185  -6.959  0.203   1.00 35.74 ? 67   ALA A O   1 
ATOM   485  C CB  . ALA A 1 68  ? -6.594  -9.896  0.311   1.00 36.24 ? 67   ALA A CB  1 
ATOM   486  N N   . ARG A 1 69  ? -8.773  -8.413  -1.437  1.00 36.10 ? 68   ARG A N   1 
ATOM   487  C CA  . ARG A 1 69  ? -9.180  -7.385  -2.392  1.00 36.93 ? 68   ARG A CA  1 
ATOM   488  C C   . ARG A 1 69  ? -10.362 -6.562  -1.905  1.00 36.49 ? 68   ARG A C   1 
ATOM   489  O O   . ARG A 1 69  ? -10.296 -5.332  -1.959  1.00 36.70 ? 68   ARG A O   1 
ATOM   490  C CB  . ARG A 1 69  ? -9.493  -7.988  -3.768  1.00 36.21 ? 68   ARG A CB  1 
ATOM   491  C CG  . ARG A 1 69  ? -9.685  -6.978  -4.890  1.00 37.15 ? 68   ARG A CG  1 
ATOM   492  C CD  . ARG A 1 69  ? -10.147 -7.679  -6.175  1.00 38.37 ? 68   ARG A CD  1 
ATOM   493  N NE  . ARG A 1 69  ? -9.085  -8.450  -6.825  1.00 44.19 ? 68   ARG A NE  1 
ATOM   494  C CZ  . ARG A 1 69  ? -9.042  -9.785  -6.977  1.00 45.64 ? 68   ARG A CZ  1 
ATOM   495  N NH1 . ARG A 1 69  ? -10.013 -10.573 -6.506  1.00 45.55 ? 68   ARG A NH1 1 
ATOM   496  N NH2 . ARG A 1 69  ? -8.006  -10.339 -7.615  1.00 41.69 ? 68   ARG A NH2 1 
ATOM   497  N N   . THR A 1 70  ? -11.437 -7.236  -1.462  1.00 35.83 ? 69   THR A N   1 
ATOM   498  C CA  . THR A 1 70  ? -12.624 -6.568  -0.924  1.00 35.69 ? 69   THR A CA  1 
ATOM   499  C C   . THR A 1 70  ? -12.227 -5.567  0.154   1.00 35.44 ? 69   THR A C   1 
ATOM   500  O O   . THR A 1 70  ? -12.548 -4.386  0.040   1.00 35.98 ? 69   THR A O   1 
ATOM   501  C CB  . THR A 1 70  ? -13.658 -7.573  -0.346  1.00 35.99 ? 69   THR A CB  1 
ATOM   502  O OG1 . THR A 1 70  ? -14.041 -8.481  -1.363  1.00 37.15 ? 69   THR A OG1 1 
ATOM   503  C CG2 . THR A 1 70  ? -14.922 -6.860  0.121   1.00 36.29 ? 69   THR A CG2 1 
ATOM   504  N N   . LEU A 1 71  ? -11.516 -6.049  1.174   1.00 34.46 ? 70   LEU A N   1 
ATOM   505  C CA  . LEU A 1 71  ? -11.008 -5.202  2.264   1.00 34.75 ? 70   LEU A CA  1 
ATOM   506  C C   . LEU A 1 71  ? -10.069 -4.089  1.788   1.00 33.82 ? 70   LEU A C   1 
ATOM   507  O O   . LEU A 1 71  ? -10.186 -2.977  2.239   1.00 34.55 ? 70   LEU A O   1 
ATOM   508  C CB  . LEU A 1 71  ? -10.339 -6.050  3.371   1.00 33.87 ? 70   LEU A CB  1 
ATOM   509  C CG  . LEU A 1 71  ? -9.840  -5.294  4.611   1.00 35.06 ? 70   LEU A CG  1 
ATOM   510  C CD1 . LEU A 1 71  ? -10.959 -4.519  5.337   1.00 33.10 ? 70   LEU A CD1 1 
ATOM   511  C CD2 . LEU A 1 71  ? -9.116  -6.230  5.569   1.00 35.04 ? 70   LEU A CD2 1 
ATOM   512  N N   . PHE A 1 72  ? -9.156  -4.385  0.872   1.00 33.42 ? 71   PHE A N   1 
ATOM   513  C CA  . PHE A 1 72  ? -8.283  -3.343  0.316   1.00 33.09 ? 71   PHE A CA  1 
ATOM   514  C C   . PHE A 1 72  ? -9.121  -2.196  -0.308  1.00 33.09 ? 71   PHE A C   1 
ATOM   515  O O   . PHE A 1 72  ? -8.934  -1.009  0.027   1.00 33.01 ? 71   PHE A O   1 
ATOM   516  C CB  . PHE A 1 72  ? -7.281  -3.933  -0.687  1.00 32.06 ? 71   PHE A CB  1 
ATOM   517  C CG  . PHE A 1 72  ? -6.393  -2.892  -1.354  1.00 33.03 ? 71   PHE A CG  1 
ATOM   518  C CD1 . PHE A 1 72  ? -5.271  -2.388  -0.704  1.00 30.77 ? 71   PHE A CD1 1 
ATOM   519  C CD2 . PHE A 1 72  ? -6.696  -2.415  -2.626  1.00 32.18 ? 71   PHE A CD2 1 
ATOM   520  C CE1 . PHE A 1 72  ? -4.472  -1.434  -1.304  1.00 31.11 ? 71   PHE A CE1 1 
ATOM   521  C CE2 . PHE A 1 72  ? -5.909  -1.448  -3.227  1.00 33.26 ? 71   PHE A CE2 1 
ATOM   522  C CZ  . PHE A 1 72  ? -4.789  -0.964  -2.574  1.00 31.55 ? 71   PHE A CZ  1 
ATOM   523  N N   . ASN A 1 73  ? -10.066 -2.559  -1.169  1.00 32.27 ? 72   ASN A N   1 
ATOM   524  C CA  . ASN A 1 73  ? -10.935 -1.587  -1.824  1.00 33.02 ? 72   ASN A CA  1 
ATOM   525  C C   . ASN A 1 73  ? -11.778 -0.747  -0.841  1.00 32.94 ? 72   ASN A C   1 
ATOM   526  O O   . ASN A 1 73  ? -11.926 0.477   -1.005  1.00 32.58 ? 72   ASN A O   1 
ATOM   527  C CB  . ASN A 1 73  ? -11.839 -2.280  -2.866  1.00 33.06 ? 72   ASN A CB  1 
ATOM   528  C CG  . ASN A 1 73  ? -11.049 -2.829  -4.063  1.00 34.46 ? 72   ASN A CG  1 
ATOM   529  O OD1 . ASN A 1 73  ? -9.945  -2.381  -4.362  1.00 39.43 ? 72   ASN A OD1 1 
ATOM   530  N ND2 . ASN A 1 73  ? -11.612 -3.817  -4.728  1.00 36.19 ? 72   ASN A ND2 1 
ATOM   531  N N   . GLN A 1 74  ? -12.301 -1.399  0.191   1.00 32.86 ? 73   GLN A N   1 
ATOM   532  C CA  . GLN A 1 74  ? -13.085 -0.680  1.219   1.00 33.30 ? 73   GLN A CA  1 
ATOM   533  C C   . GLN A 1 74  ? -12.199 0.286   2.019   1.00 33.18 ? 73   GLN A C   1 
ATOM   534  O O   . GLN A 1 74  ? -12.635 1.390   2.368   1.00 33.04 ? 73   GLN A O   1 
ATOM   535  C CB  . GLN A 1 74  ? -13.781 -1.666  2.155   1.00 32.81 ? 73   GLN A CB  1 
ATOM   536  C CG  . GLN A 1 74  ? -14.903 -2.450  1.494   1.00 32.33 ? 73   GLN A CG  1 
ATOM   537  C CD  . GLN A 1 74  ? -15.351 -3.671  2.288   1.00 34.99 ? 73   GLN A CD  1 
ATOM   538  O OE1 . GLN A 1 74  ? -14.709 -4.080  3.255   1.00 35.67 ? 73   GLN A OE1 1 
ATOM   539  N NE2 . GLN A 1 74  ? -16.457 -4.289  1.848   1.00 37.19 ? 73   GLN A NE2 1 
ATOM   540  N N   . VAL A 1 75  ? -10.973 -0.137  2.332   1.00 32.65 ? 74   VAL A N   1 
ATOM   541  C CA  . VAL A 1 75  ? -10.074 0.708   3.115   1.00 32.58 ? 74   VAL A CA  1 
ATOM   542  C C   . VAL A 1 75  ? -9.623  1.893   2.261   1.00 33.33 ? 74   VAL A C   1 
ATOM   543  O O   . VAL A 1 75  ? -9.582  3.030   2.744   1.00 33.89 ? 74   VAL A O   1 
ATOM   544  C CB  . VAL A 1 75  ? -8.849  -0.077  3.660   1.00 32.23 ? 74   VAL A CB  1 
ATOM   545  C CG1 . VAL A 1 75  ? -7.810  0.878   4.208   1.00 30.90 ? 74   VAL A CG1 1 
ATOM   546  C CG2 . VAL A 1 75  ? -9.287  -1.023  4.750   1.00 32.59 ? 74   VAL A CG2 1 
ATOM   547  N N   . MET A 1 76  ? -9.298  1.620   0.993   1.00 33.34 ? 75   MET A N   1 
ATOM   548  C CA  . MET A 1 76  ? -8.887  2.670   0.078   1.00 34.54 ? 75   MET A CA  1 
ATOM   549  C C   . MET A 1 76  ? -9.982  3.724   -0.083  1.00 35.70 ? 75   MET A C   1 
ATOM   550  O O   . MET A 1 76  ? -9.703  4.920   0.015   1.00 35.63 ? 75   MET A O   1 
ATOM   551  C CB  . MET A 1 76  ? -8.454  2.098   -1.272  1.00 33.82 ? 75   MET A CB  1 
ATOM   552  C CG  . MET A 1 76  ? -7.138  1.339   -1.229  1.00 32.14 ? 75   MET A CG  1 
ATOM   553  S SD  . MET A 1 76  ? -5.696  2.233   -0.610  1.00 30.32 ? 75   MET A SD  1 
ATOM   554  C CE  . MET A 1 76  ? -5.417  1.678   1.080   1.00 27.95 ? 75   MET A CE  1 
ATOM   555  N N   . GLU A 1 77  ? -11.228 3.279   -0.279  1.00 36.73 ? 76   GLU A N   1 
ATOM   556  C CA  . GLU A 1 77  ? -12.372 4.197   -0.349  1.00 38.09 ? 76   GLU A CA  1 
ATOM   557  C C   . GLU A 1 77  ? -12.499 5.109   0.889   1.00 37.25 ? 76   GLU A C   1 
ATOM   558  O O   . GLU A 1 77  ? -12.623 6.321   0.751   1.00 38.32 ? 76   GLU A O   1 
ATOM   559  C CB  . GLU A 1 77  ? -13.652 3.401   -0.600  1.00 37.51 ? 76   GLU A CB  1 
ATOM   560  C CG  . GLU A 1 77  ? -14.831 4.198   -1.131  1.00 41.76 ? 76   GLU A CG  1 
ATOM   561  C CD  . GLU A 1 77  ? -16.055 3.301   -1.356  1.00 42.19 ? 76   GLU A CD  1 
ATOM   562  O OE1 . GLU A 1 77  ? -16.076 2.541   -2.366  1.00 47.52 ? 76   GLU A OE1 1 
ATOM   563  O OE2 . GLU A 1 77  ? -16.976 3.339   -0.510  1.00 46.36 ? 76   GLU A OE2 1 
ATOM   564  N N   . LYS A 1 78  ? -12.450 4.543   2.089   1.00 36.49 ? 77   LYS A N   1 
ATOM   565  C CA  . LYS A 1 78  ? -12.498 5.340   3.323   1.00 35.70 ? 77   LYS A CA  1 
ATOM   566  C C   . LYS A 1 78  ? -11.261 6.245   3.539   1.00 34.62 ? 77   LYS A C   1 
ATOM   567  O O   . LYS A 1 78  ? -11.392 7.387   3.965   1.00 34.32 ? 77   LYS A O   1 
ATOM   568  C CB  . LYS A 1 78  ? -12.657 4.424   4.538   1.00 36.90 ? 77   LYS A CB  1 
ATOM   569  C CG  . LYS A 1 78  ? -14.003 3.715   4.688   1.00 37.81 ? 77   LYS A CG  1 
ATOM   570  C CD  . LYS A 1 78  ? -15.025 4.619   5.409   1.00 39.67 ? 77   LYS A CD  1 
ATOM   571  C CE  . LYS A 1 78  ? -16.342 3.881   5.699   1.00 40.91 ? 77   LYS A CE  1 
ATOM   572  N NZ  . LYS A 1 78  ? -17.311 3.912   4.571   1.00 43.96 ? 77   LYS A NZ  1 
ATOM   573  N N   . GLU A 1 79  ? -10.059 5.747   3.250   1.00 33.69 ? 78   GLU A N   1 
ATOM   574  C CA  . GLU A 1 79  ? -8.844  6.559   3.432   1.00 32.81 ? 78   GLU A CA  1 
ATOM   575  C C   . GLU A 1 79  ? -8.880  7.853   2.585   1.00 32.96 ? 78   GLU A C   1 
ATOM   576  O O   . GLU A 1 79  ? -8.509  8.923   3.083   1.00 33.63 ? 78   GLU A O   1 
ATOM   577  C CB  . GLU A 1 79  ? -7.571  5.750   3.114   1.00 32.22 ? 78   GLU A CB  1 
ATOM   578  C CG  . GLU A 1 79  ? -6.292  6.531   3.327   1.00 30.52 ? 78   GLU A CG  1 
ATOM   579  C CD  . GLU A 1 79  ? -5.040  5.732   3.095   1.00 33.98 ? 78   GLU A CD  1 
ATOM   580  O OE1 . GLU A 1 79  ? -5.155  4.543   2.696   1.00 31.30 ? 78   GLU A OE1 1 
ATOM   581  O OE2 . GLU A 1 79  ? -3.926  6.307   3.300   1.00 34.72 ? 78   GLU A OE2 1 
ATOM   582  N N   . PHE A 1 80  ? -9.328  7.735   1.328   1.00 31.77 ? 79   PHE A N   1 
ATOM   583  C CA  . PHE A 1 80  ? -9.251  8.814   0.328   1.00 31.83 ? 79   PHE A CA  1 
ATOM   584  C C   . PHE A 1 80  ? -10.523 9.580   0.088   1.00 33.06 ? 79   PHE A C   1 
ATOM   585  O O   . PHE A 1 80  ? -10.546 10.480  -0.753  1.00 32.81 ? 79   PHE A O   1 
ATOM   586  C CB  . PHE A 1 80  ? -8.702  8.282   -1.019  1.00 30.84 ? 79   PHE A CB  1 
ATOM   587  C CG  . PHE A 1 80  ? -7.267  7.908   -0.945  1.00 29.86 ? 79   PHE A CG  1 
ATOM   588  C CD1 . PHE A 1 80  ? -6.266  8.869   -1.127  1.00 28.89 ? 79   PHE A CD1 1 
ATOM   589  C CD2 . PHE A 1 80  ? -6.894  6.587   -0.626  1.00 30.57 ? 79   PHE A CD2 1 
ATOM   590  C CE1 . PHE A 1 80  ? -4.878  8.508   -0.998  1.00 28.29 ? 79   PHE A CE1 1 
ATOM   591  C CE2 . PHE A 1 80  ? -5.528  6.227   -0.486  1.00 28.51 ? 79   PHE A CE2 1 
ATOM   592  C CZ  . PHE A 1 80  ? -4.529  7.202   -0.683  1.00 28.35 ? 79   PHE A CZ  1 
ATOM   593  N N   . GLU A 1 81  ? -11.580 9.260   0.847   1.00 34.16 ? 80   GLU A N   1 
ATOM   594  C CA  . GLU A 1 81  ? -12.858 9.934   0.670   1.00 35.42 ? 80   GLU A CA  1 
ATOM   595  C C   . GLU A 1 81  ? -12.849 11.409  1.051   1.00 34.04 ? 80   GLU A C   1 
ATOM   596  O O   . GLU A 1 81  ? -13.774 12.133  0.684   1.00 33.63 ? 80   GLU A O   1 
ATOM   597  C CB  . GLU A 1 81  ? -14.004 9.203   1.393   1.00 35.81 ? 80   GLU A CB  1 
ATOM   598  C CG  . GLU A 1 81  ? -14.027 9.348   2.913   1.00 37.31 ? 80   GLU A CG  1 
ATOM   599  C CD  . GLU A 1 81  ? -15.152 8.519   3.542   1.00 39.47 ? 80   GLU A CD  1 
ATOM   600  O OE1 . GLU A 1 81  ? -16.315 8.637   3.092   1.00 40.69 ? 80   GLU A OE1 1 
ATOM   601  O OE2 . GLU A 1 81  ? -14.856 7.723   4.471   1.00 47.17 ? 80   GLU A OE2 1 
ATOM   602  N N   . ASP A 1 82  ? -11.828 11.876  1.772   1.00 32.60 ? 81   ASP A N   1 
ATOM   603  C CA  . ASP A 1 82  ? -11.766 13.328  2.041   1.00 30.71 ? 81   ASP A CA  1 
ATOM   604  C C   . ASP A 1 82  ? -11.186 14.100  0.855   1.00 30.01 ? 81   ASP A C   1 
ATOM   605  O O   . ASP A 1 82  ? -11.046 15.302  0.929   1.00 29.82 ? 81   ASP A O   1 
ATOM   606  C CB  . ASP A 1 82  ? -11.030 13.658  3.348   1.00 30.29 ? 81   ASP A CB  1 
ATOM   607  C CG  . ASP A 1 82  ? -9.538  13.305  3.300   1.00 29.97 ? 81   ASP A CG  1 
ATOM   608  O OD1 . ASP A 1 82  ? -9.045  12.754  2.296   1.00 28.23 ? 81   ASP A OD1 1 
ATOM   609  O OD2 . ASP A 1 82  ? -8.842  13.592  4.282   1.00 30.68 ? 81   ASP A OD2 1 
ATOM   610  N N   . GLY A 1 83  ? -10.824 13.406  -0.226  1.00 29.02 ? 82   GLY A N   1 
ATOM   611  C CA  . GLY A 1 83  ? -10.415 14.069  -1.476  1.00 28.16 ? 82   GLY A CA  1 
ATOM   612  C C   . GLY A 1 83  ? -8.939  14.447  -1.535  1.00 28.38 ? 82   GLY A C   1 
ATOM   613  O O   . GLY A 1 83  ? -8.467  15.024  -2.521  1.00 28.42 ? 82   GLY A O   1 
ATOM   614  N N   . ILE A 1 84  ? -8.191  14.094  -0.488  1.00 28.16 ? 83   ILE A N   1 
ATOM   615  C CA  . ILE A 1 84  ? -6.782  14.431  -0.391  1.00 27.11 ? 83   ILE A CA  1 
ATOM   616  C C   . ILE A 1 84  ? -5.915  13.273  -0.879  1.00 27.22 ? 83   ILE A C   1 
ATOM   617  O O   . ILE A 1 84  ? -6.056  12.153  -0.426  1.00 27.93 ? 83   ILE A O   1 
ATOM   618  C CB  . ILE A 1 84  ? -6.422  14.953  1.046   1.00 27.55 ? 83   ILE A CB  1 
ATOM   619  C CG1 . ILE A 1 84  ? -6.999  16.354  1.226   1.00 26.59 ? 83   ILE A CG1 1 
ATOM   620  C CG2 . ILE A 1 84  ? -4.893  14.979  1.298   1.00 27.08 ? 83   ILE A CG2 1 
ATOM   621  C CD1 . ILE A 1 84  ? -7.023  16.832  2.627   1.00 30.33 ? 83   ILE A CD1 1 
ATOM   622  N N   . ILE A 1 85  ? -5.041  13.567  -1.838  1.00 27.36 ? 84   ILE A N   1 
ATOM   623  C CA  . ILE A 1 85  ? -3.934  12.698  -2.204  1.00 27.01 ? 84   ILE A CA  1 
ATOM   624  C C   . ILE A 1 85  ? -2.616  13.410  -1.845  1.00 27.09 ? 84   ILE A C   1 
ATOM   625  O O   . ILE A 1 85  ? -2.406  14.613  -2.131  1.00 25.80 ? 84   ILE A O   1 
ATOM   626  C CB  . ILE A 1 85  ? -3.969  12.265  -3.744  1.00 27.76 ? 84   ILE A CB  1 
ATOM   627  C CG1 . ILE A 1 85  ? -5.302  11.589  -4.098  1.00 28.66 ? 84   ILE A CG1 1 
ATOM   628  C CG2 . ILE A 1 85  ? -2.808  11.275  -4.086  1.00 26.46 ? 84   ILE A CG2 1 
ATOM   629  C CD1 . ILE A 1 85  ? -5.532  11.317  -5.591  1.00 28.26 ? 84   ILE A CD1 1 
ATOM   630  N N   . ASN A 1 86  ? -1.714  12.672  -1.212  1.00 26.63 ? 85   ASN A N   1 
ATOM   631  C CA  . ASN A 1 86  ? -0.339  13.133  -1.088  1.00 26.84 ? 85   ASN A CA  1 
ATOM   632  C C   . ASN A 1 86  ? 0.596   11.929  -1.104  1.00 27.80 ? 85   ASN A C   1 
ATOM   633  O O   . ASN A 1 86  ? 0.119   10.781  -1.104  1.00 27.68 ? 85   ASN A O   1 
ATOM   634  C CB  . ASN A 1 86  ? -0.159  14.070  0.116   1.00 26.61 ? 85   ASN A CB  1 
ATOM   635  C CG  . ASN A 1 86  ? -0.460  13.390  1.428   1.00 27.11 ? 85   ASN A CG  1 
ATOM   636  O OD1 . ASN A 1 86  ? 0.071   12.318  1.716   1.00 29.59 ? 85   ASN A OD1 1 
ATOM   637  N ND2 . ASN A 1 86  ? -1.265  14.022  2.242   1.00 24.28 ? 85   ASN A ND2 1 
ATOM   638  N N   . TRP A 1 87  ? 1.905   12.168  -1.198  1.00 27.75 ? 86   TRP A N   1 
ATOM   639  C CA  . TRP A 1 87  ? 2.861   11.077  -1.313  1.00 27.49 ? 86   TRP A CA  1 
ATOM   640  C C   . TRP A 1 87  ? 2.883   10.195  -0.042  1.00 28.13 ? 86   TRP A C   1 
ATOM   641  O O   . TRP A 1 87  ? 3.083   8.979   -0.126  1.00 30.24 ? 86   TRP A O   1 
ATOM   642  C CB  . TRP A 1 87  ? 4.273   11.630  -1.589  1.00 28.10 ? 86   TRP A CB  1 
ATOM   643  C CG  . TRP A 1 87  ? 4.553   11.987  -3.011  1.00 26.62 ? 86   TRP A CG  1 
ATOM   644  C CD1 . TRP A 1 87  ? 4.895   13.223  -3.497  1.00 26.36 ? 86   TRP A CD1 1 
ATOM   645  C CD2 . TRP A 1 87  ? 4.521   11.095  -4.149  1.00 27.11 ? 86   TRP A CD2 1 
ATOM   646  N NE1 . TRP A 1 87  ? 5.080   13.151  -4.868  1.00 27.72 ? 86   TRP A NE1 1 
ATOM   647  C CE2 . TRP A 1 87  ? 4.844   11.866  -5.290  1.00 26.88 ? 86   TRP A CE2 1 
ATOM   648  C CE3 . TRP A 1 87  ? 4.236   9.725   -4.308  1.00 29.10 ? 86   TRP A CE3 1 
ATOM   649  C CZ2 . TRP A 1 87  ? 4.910   11.319  -6.570  1.00 27.26 ? 86   TRP A CZ2 1 
ATOM   650  C CZ3 . TRP A 1 87  ? 4.326   9.161   -5.610  1.00 28.12 ? 86   TRP A CZ3 1 
ATOM   651  C CH2 . TRP A 1 87  ? 4.655   9.974   -6.717  1.00 27.23 ? 86   TRP A CH2 1 
ATOM   652  N N   . GLY A 1 88  ? 2.699   10.800  1.119   1.00 27.20 ? 87   GLY A N   1 
ATOM   653  C CA  . GLY A 1 88  ? 2.656   10.059  2.373   1.00 28.60 ? 87   GLY A CA  1 
ATOM   654  C C   . GLY A 1 88  ? 1.525   9.037   2.372   1.00 28.72 ? 87   GLY A C   1 
ATOM   655  O O   . GLY A 1 88  ? 1.738   7.880   2.728   1.00 29.02 ? 87   GLY A O   1 
ATOM   656  N N   . ARG A 1 89  ? 0.328   9.459   1.980   1.00 28.51 ? 88   ARG A N   1 
ATOM   657  C CA  . ARG A 1 89  ? -0.795  8.523   1.829   1.00 29.47 ? 88   ARG A CA  1 
ATOM   658  C C   . ARG A 1 89  ? -0.536  7.436   0.790   1.00 30.01 ? 88   ARG A C   1 
ATOM   659  O O   . ARG A 1 89  ? -0.955  6.295   0.951   1.00 30.76 ? 88   ARG A O   1 
ATOM   660  C CB  . ARG A 1 89  ? -2.079  9.259   1.472   1.00 28.92 ? 88   ARG A CB  1 
ATOM   661  C CG  . ARG A 1 89  ? -2.574  10.195  2.551   1.00 27.93 ? 88   ARG A CG  1 
ATOM   662  C CD  . ARG A 1 89  ? -3.927  10.798  2.137   1.00 29.03 ? 88   ARG A CD  1 
ATOM   663  N NE  . ARG A 1 89  ? -4.430  11.698  3.176   1.00 26.45 ? 88   ARG A NE  1 
ATOM   664  C CZ  . ARG A 1 89  ? -5.702  12.042  3.298   1.00 29.00 ? 88   ARG A CZ  1 
ATOM   665  N NH1 . ARG A 1 89  ? -6.606  11.594  2.419   1.00 27.69 ? 88   ARG A NH1 1 
ATOM   666  N NH2 . ARG A 1 89  ? -6.075  12.819  4.308   1.00 27.28 ? 88   ARG A NH2 1 
ATOM   667  N N   . ILE A 1 90  ? 0.150   7.787   -0.284  1.00 30.21 ? 89   ILE A N   1 
ATOM   668  C CA  . ILE A 1 90  ? 0.532   6.768   -1.275  1.00 30.36 ? 89   ILE A CA  1 
ATOM   669  C C   . ILE A 1 90  ? 1.435   5.728   -0.625  1.00 30.14 ? 89   ILE A C   1 
ATOM   670  O O   . ILE A 1 90  ? 1.267   4.541   -0.879  1.00 31.12 ? 89   ILE A O   1 
ATOM   671  C CB  . ILE A 1 90  ? 1.111   7.413   -2.569  1.00 30.78 ? 89   ILE A CB  1 
ATOM   672  C CG1 . ILE A 1 90  ? -0.053  8.075   -3.322  1.00 29.02 ? 89   ILE A CG1 1 
ATOM   673  C CG2 . ILE A 1 90  ? 1.866   6.363   -3.492  1.00 28.58 ? 89   ILE A CG2 1 
ATOM   674  C CD1 . ILE A 1 90  ? 0.359   9.051   -4.369  1.00 30.08 ? 89   ILE A CD1 1 
ATOM   675  N N   . VAL A 1 91  ? 2.360   6.145   0.248   1.00 29.90 ? 90   VAL A N   1 
ATOM   676  C CA  . VAL A 1 91  ? 3.219   5.151   0.932   1.00 29.22 ? 90   VAL A CA  1 
ATOM   677  C C   . VAL A 1 91  ? 2.350   4.147   1.707   1.00 29.50 ? 90   VAL A C   1 
ATOM   678  O O   . VAL A 1 91  ? 2.647   2.957   1.710   1.00 29.34 ? 90   VAL A O   1 
ATOM   679  C CB  . VAL A 1 91  ? 4.325   5.814   1.839   1.00 29.64 ? 90   VAL A CB  1 
ATOM   680  C CG1 . VAL A 1 91  ? 5.011   4.771   2.817   1.00 28.24 ? 90   VAL A CG1 1 
ATOM   681  C CG2 . VAL A 1 91  ? 5.361   6.473   0.970   1.00 26.27 ? 90   VAL A CG2 1 
ATOM   682  N N   . THR A 1 92  ? 1.255   4.630   2.322   1.00 28.77 ? 91   THR A N   1 
ATOM   683  C CA  . THR A 1 92  ? 0.381   3.782   3.172   1.00 27.83 ? 91   THR A CA  1 
ATOM   684  C C   . THR A 1 92  ? -0.351  2.692   2.428   1.00 28.12 ? 91   THR A C   1 
ATOM   685  O O   . THR A 1 92  ? -0.663  1.660   3.004   1.00 28.73 ? 91   THR A O   1 
ATOM   686  C CB  . THR A 1 92  ? -0.683  4.601   3.977   1.00 27.35 ? 91   THR A CB  1 
ATOM   687  O OG1 . THR A 1 92  ? -1.622  5.209   3.072   1.00 28.47 ? 91   THR A OG1 1 
ATOM   688  C CG2 . THR A 1 92  ? -0.007  5.639   4.809   1.00 23.84 ? 91   THR A CG2 1 
ATOM   689  N N   . ILE A 1 93  ? -0.630  2.919   1.150   1.00 28.87 ? 92   ILE A N   1 
ATOM   690  C CA  . ILE A 1 93  ? -1.181  1.885   0.274   1.00 28.45 ? 92   ILE A CA  1 
ATOM   691  C C   . ILE A 1 93  ? -0.238  0.671   0.216   1.00 29.70 ? 92   ILE A C   1 
ATOM   692  O O   . ILE A 1 93  ? -0.686  -0.477  0.305   1.00 29.53 ? 92   ILE A O   1 
ATOM   693  C CB  . ILE A 1 93  ? -1.403  2.455   -1.142  1.00 29.63 ? 92   ILE A CB  1 
ATOM   694  C CG1 . ILE A 1 93  ? -2.361  3.693   -1.099  1.00 26.62 ? 92   ILE A CG1 1 
ATOM   695  C CG2 . ILE A 1 93  ? -1.964  1.397   -2.052  1.00 29.87 ? 92   ILE A CG2 1 
ATOM   696  C CD1 . ILE A 1 93  ? -2.473  4.459   -2.492  1.00 25.06 ? 92   ILE A CD1 1 
ATOM   697  N N   . PHE A 1 94  ? 1.069   0.934   0.127   1.00 29.89 ? 93   PHE A N   1 
ATOM   698  C CA  . PHE A 1 94  ? 2.070   -0.130  0.079   1.00 29.95 ? 93   PHE A CA  1 
ATOM   699  C C   . PHE A 1 94  ? 2.211   -0.810  1.440   1.00 30.51 ? 93   PHE A C   1 
ATOM   700  O O   . PHE A 1 94  ? 2.247   -2.041  1.505   1.00 31.11 ? 93   PHE A O   1 
ATOM   701  C CB  . PHE A 1 94  ? 3.423   0.387   -0.409  1.00 29.94 ? 93   PHE A CB  1 
ATOM   702  C CG  . PHE A 1 94  ? 3.426   0.762   -1.865  1.00 30.92 ? 93   PHE A CG  1 
ATOM   703  C CD1 . PHE A 1 94  ? 3.620   -0.203  -2.834  1.00 29.15 ? 93   PHE A CD1 1 
ATOM   704  C CD2 . PHE A 1 94  ? 3.194   2.085   -2.262  1.00 32.47 ? 93   PHE A CD2 1 
ATOM   705  C CE1 . PHE A 1 94  ? 3.582   0.140   -4.176  1.00 33.39 ? 93   PHE A CE1 1 
ATOM   706  C CE2 . PHE A 1 94  ? 3.166   2.436   -3.607  1.00 31.06 ? 93   PHE A CE2 1 
ATOM   707  C CZ  . PHE A 1 94  ? 3.371   1.475   -4.555  1.00 30.97 ? 93   PHE A CZ  1 
ATOM   708  N N   . ALA A 1 95  ? 2.275   -0.006  2.511   1.00 30.23 ? 94   ALA A N   1 
ATOM   709  C CA  . ALA A 1 95  ? 2.252   -0.515  3.874   1.00 30.81 ? 94   ALA A CA  1 
ATOM   710  C C   . ALA A 1 95  ? 1.035   -1.401  4.103   1.00 30.81 ? 94   ALA A C   1 
ATOM   711  O O   . ALA A 1 95  ? 1.169   -2.484  4.620   1.00 31.47 ? 94   ALA A O   1 
ATOM   712  C CB  . ALA A 1 95  ? 2.309   0.616   4.892   1.00 29.90 ? 94   ALA A CB  1 
ATOM   713  N N   . PHE A 1 96  ? -0.144  -0.971  3.675   1.00 30.97 ? 95   PHE A N   1 
ATOM   714  C CA  . PHE A 1 96  ? -1.309  -1.819  3.836   1.00 30.47 ? 95   PHE A CA  1 
ATOM   715  C C   . PHE A 1 96  ? -1.268  -3.122  3.021   1.00 30.19 ? 95   PHE A C   1 
ATOM   716  O O   . PHE A 1 96  ? -1.722  -4.147  3.507   1.00 30.67 ? 95   PHE A O   1 
ATOM   717  C CB  . PHE A 1 96  ? -2.611  -1.080  3.534   1.00 30.38 ? 95   PHE A CB  1 
ATOM   718  C CG  . PHE A 1 96  ? -3.823  -1.841  3.990   1.00 30.95 ? 95   PHE A CG  1 
ATOM   719  C CD1 . PHE A 1 96  ? -3.852  -2.388  5.272   1.00 28.50 ? 95   PHE A CD1 1 
ATOM   720  C CD2 . PHE A 1 96  ? -4.919  -2.026  3.153   1.00 31.13 ? 95   PHE A CD2 1 
ATOM   721  C CE1 . PHE A 1 96  ? -4.955  -3.118  5.719   1.00 29.47 ? 95   PHE A CE1 1 
ATOM   722  C CE2 . PHE A 1 96  ? -6.025  -2.747  3.593   1.00 29.92 ? 95   PHE A CE2 1 
ATOM   723  C CZ  . PHE A 1 96  ? -6.040  -3.292  4.885   1.00 29.50 ? 95   PHE A CZ  1 
ATOM   724  N N   . GLU A 1 97  ? -0.783  -3.096  1.775   1.00 30.71 ? 96   GLU A N   1 
ATOM   725  C CA  . GLU A 1 97  ? -0.641  -4.355  1.046   1.00 31.18 ? 96   GLU A CA  1 
ATOM   726  C C   . GLU A 1 97  ? 0.316   -5.310  1.740   1.00 31.49 ? 96   GLU A C   1 
ATOM   727  O O   . GLU A 1 97  ? 0.104   -6.510  1.698   1.00 31.80 ? 96   GLU A O   1 
ATOM   728  C CB  . GLU A 1 97  ? -0.243  -4.179  -0.426  1.00 32.01 ? 96   GLU A CB  1 
ATOM   729  C CG  . GLU A 1 97  ? 1.107   -3.617  -0.670  1.00 35.20 ? 96   GLU A CG  1 
ATOM   730  C CD  . GLU A 1 97  ? 1.746   -4.106  -1.962  1.00 38.26 ? 96   GLU A CD  1 
ATOM   731  O OE1 . GLU A 1 97  ? 2.834   -3.612  -2.285  1.00 39.43 ? 96   GLU A OE1 1 
ATOM   732  O OE2 . GLU A 1 97  ? 1.179   -4.969  -2.654  1.00 38.27 ? 96   GLU A OE2 1 
ATOM   733  N N   . GLY A 1 98  ? 1.365   -4.775  2.364   1.00 31.48 ? 97   GLY A N   1 
ATOM   734  C CA  . GLY A 1 98  ? 2.275   -5.588  3.163   1.00 31.84 ? 97   GLY A CA  1 
ATOM   735  C C   . GLY A 1 98  ? 1.560   -6.262  4.324   1.00 31.63 ? 97   GLY A C   1 
ATOM   736  O O   . GLY A 1 98  ? 1.836   -7.413  4.642   1.00 32.34 ? 97   GLY A O   1 
ATOM   737  N N   . ILE A 1 99  ? 0.640   -5.545  4.957   1.00 31.79 ? 98   ILE A N   1 
ATOM   738  C CA  . ILE A 1 99  ? -0.180  -6.116  6.034   1.00 31.92 ? 98   ILE A CA  1 
ATOM   739  C C   . ILE A 1 99  ? -1.109  -7.198  5.506   1.00 32.36 ? 98   ILE A C   1 
ATOM   740  O O   . ILE A 1 99  ? -1.320  -8.192  6.159   1.00 32.35 ? 98   ILE A O   1 
ATOM   741  C CB  . ILE A 1 99  ? -1.019  -5.043  6.746   1.00 31.70 ? 98   ILE A CB  1 
ATOM   742  C CG1 . ILE A 1 99  ? -0.121  -4.166  7.625   1.00 32.76 ? 98   ILE A CG1 1 
ATOM   743  C CG2 . ILE A 1 99  ? -2.092  -5.683  7.632   1.00 30.55 ? 98   ILE A CG2 1 
ATOM   744  C CD1 . ILE A 1 99  ? -0.800  -2.926  8.126   1.00 31.61 ? 98   ILE A CD1 1 
ATOM   745  N N   . LEU A 1 100 ? -1.675  -6.998  4.320   1.00 33.20 ? 99   LEU A N   1 
ATOM   746  C CA  . LEU A 1 100 ? -2.578  -8.001  3.773   1.00 34.44 ? 99   LEU A CA  1 
ATOM   747  C C   . LEU A 1 100 ? -1.825  -9.261  3.383   1.00 35.40 ? 99   LEU A C   1 
ATOM   748  O O   . LEU A 1 100 ? -2.355  -10.356 3.517   1.00 34.75 ? 99   LEU A O   1 
ATOM   749  C CB  . LEU A 1 100 ? -3.333  -7.485  2.563   1.00 33.78 ? 99   LEU A CB  1 
ATOM   750  C CG  . LEU A 1 100 ? -4.327  -6.344  2.811   1.00 34.62 ? 99   LEU A CG  1 
ATOM   751  C CD1 . LEU A 1 100 ? -4.735  -5.701  1.460   1.00 33.90 ? 99   LEU A CD1 1 
ATOM   752  C CD2 . LEU A 1 100 ? -5.542  -6.846  3.572   1.00 33.91 ? 99   LEU A CD2 1 
ATOM   753  N N   . ILE A 1 101 ? -0.603  -9.107  2.887   1.00 36.62 ? 100  ILE A N   1 
ATOM   754  C CA  . ILE A 1 101 ? 0.111   -10.277 2.436   1.00 38.04 ? 100  ILE A CA  1 
ATOM   755  C C   . ILE A 1 101 ? 0.496   -11.170 3.633   1.00 38.24 ? 100  ILE A C   1 
ATOM   756  O O   . ILE A 1 101 ? 0.449   -12.391 3.517   1.00 38.19 ? 100  ILE A O   1 
ATOM   757  C CB  . ILE A 1 101 ? 1.259   -9.959  1.435   1.00 37.83 ? 100  ILE A CB  1 
ATOM   758  C CG1 . ILE A 1 101 ? 1.661   -11.212 0.674   1.00 38.77 ? 100  ILE A CG1 1 
ATOM   759  C CG2 . ILE A 1 101 ? 2.484   -9.430  2.137   1.00 38.55 ? 100  ILE A CG2 1 
ATOM   760  C CD1 . ILE A 1 101 ? 0.530   -12.137 0.345   1.00 42.37 ? 100  ILE A CD1 1 
ATOM   761  N N   . LYS A 1 102 ? 0.804   -10.558 4.781   1.00 38.91 ? 101  LYS A N   1 
ATOM   762  C CA  . LYS A 1 102 ? 1.118   -11.320 6.002   1.00 39.17 ? 101  LYS A CA  1 
ATOM   763  C C   . LYS A 1 102 ? -0.082  -12.061 6.570   1.00 39.90 ? 101  LYS A C   1 
ATOM   764  O O   . LYS A 1 102 ? 0.033   -13.236 6.973   1.00 39.21 ? 101  LYS A O   1 
ATOM   765  C CB  . LYS A 1 102 ? 1.718   -10.424 7.082   1.00 39.11 ? 101  LYS A CB  1 
ATOM   766  C CG  . LYS A 1 102 ? 3.132   -9.959  6.762   1.00 38.45 ? 101  LYS A CG  1 
ATOM   767  C CD  . LYS A 1 102 ? 3.483   -8.731  7.552   1.00 38.96 ? 101  LYS A CD  1 
ATOM   768  C CE  . LYS A 1 102 ? 3.742   -9.062  9.023   1.00 40.19 ? 101  LYS A CE  1 
ATOM   769  N NZ  . LYS A 1 102 ? 4.379   -7.893  9.702   1.00 39.76 ? 101  LYS A NZ  1 
ATOM   770  N N   . LYS A 1 103 ? -1.224  -11.383 6.627   1.00 39.96 ? 102  LYS A N   1 
ATOM   771  C CA  . LYS A 1 103 ? -2.421  -11.995 7.190   1.00 41.17 ? 102  LYS A CA  1 
ATOM   772  C C   . LYS A 1 103 ? -2.908  -13.104 6.275   1.00 41.84 ? 102  LYS A C   1 
ATOM   773  O O   . LYS A 1 103 ? -3.488  -14.093 6.734   1.00 42.01 ? 102  LYS A O   1 
ATOM   774  C CB  . LYS A 1 103 ? -3.527  -10.968 7.390   1.00 41.21 ? 102  LYS A CB  1 
ATOM   775  C CG  . LYS A 1 103 ? -3.127  -9.832  8.346   1.00 43.02 ? 102  LYS A CG  1 
ATOM   776  C CD  . LYS A 1 103 ? -4.302  -8.957  8.722   1.00 44.07 ? 102  LYS A CD  1 
ATOM   777  C CE  . LYS A 1 103 ? -5.317  -9.740  9.541   1.00 43.66 ? 102  LYS A CE  1 
ATOM   778  N NZ  . LYS A 1 103 ? -4.702  -10.447 10.686  1.00 42.85 ? 102  LYS A NZ  1 
ATOM   779  N N   . LEU A 1 104 ? -2.663  -12.937 4.980   1.00 41.93 ? 103  LEU A N   1 
ATOM   780  C CA  . LEU A 1 104 ? -3.110  -13.923 4.023   1.00 42.35 ? 103  LEU A CA  1 
ATOM   781  C C   . LEU A 1 104 ? -2.362  -15.238 4.205   1.00 42.96 ? 103  LEU A C   1 
ATOM   782  O O   . LEU A 1 104 ? -2.997  -16.278 4.345   1.00 42.89 ? 103  LEU A O   1 
ATOM   783  C CB  . LEU A 1 104 ? -2.970  -13.436 2.579   1.00 41.50 ? 103  LEU A CB  1 
ATOM   784  C CG  . LEU A 1 104 ? -3.492  -14.464 1.547   1.00 40.39 ? 103  LEU A CG  1 
ATOM   785  C CD1 . LEU A 1 104 ? -4.958  -14.844 1.800   1.00 39.35 ? 103  LEU A CD1 1 
ATOM   786  C CD2 . LEU A 1 104 ? -3.317  -13.958 0.134   1.00 38.10 ? 103  LEU A CD2 1 
ATOM   787  N N   . LEU A 1 105 ? -1.033  -15.194 4.187   1.00 43.72 ? 104  LEU A N   1 
ATOM   788  C CA  . LEU A 1 105 ? -0.267  -16.434 4.224   1.00 45.65 ? 104  LEU A CA  1 
ATOM   789  C C   . LEU A 1 105 ? -0.091  -16.996 5.625   1.00 45.91 ? 104  LEU A C   1 
ATOM   790  O O   . LEU A 1 105 ? 0.346   -18.135 5.787   1.00 46.64 ? 104  LEU A O   1 
ATOM   791  C CB  . LEU A 1 105 ? 1.068   -16.306 3.482   1.00 46.20 ? 104  LEU A CB  1 
ATOM   792  C CG  . LEU A 1 105 ? 2.146   -15.288 3.829   1.00 46.62 ? 104  LEU A CG  1 
ATOM   793  C CD1 . LEU A 1 105 ? 3.184   -15.917 4.730   1.00 46.38 ? 104  LEU A CD1 1 
ATOM   794  C CD2 . LEU A 1 105 ? 2.780   -14.882 2.521   1.00 47.25 ? 104  LEU A CD2 1 
ATOM   795  N N   . ARG A 1 106 ? -0.446  -16.197 6.621   1.00 46.45 ? 105  ARG A N   1 
ATOM   796  C CA  . ARG A 1 106 ? -0.499  -16.632 7.997   1.00 47.31 ? 105  ARG A CA  1 
ATOM   797  C C   . ARG A 1 106 ? -1.659  -17.591 8.139   1.00 47.99 ? 105  ARG A C   1 
ATOM   798  O O   . ARG A 1 106 ? -1.576  -18.566 8.874   1.00 47.53 ? 105  ARG A O   1 
ATOM   799  C CB  . ARG A 1 106 ? -0.711  -15.431 8.924   1.00 47.57 ? 105  ARG A CB  1 
ATOM   800  C CG  . ARG A 1 106 ? -0.638  -15.719 10.395  1.00 48.07 ? 105  ARG A CG  1 
ATOM   801  C CD  . ARG A 1 106 ? 0.793   -15.912 10.832  1.00 50.00 ? 105  ARG A CD  1 
ATOM   802  N NE  . ARG A 1 106 ? 0.868   -16.297 12.233  1.00 50.27 ? 105  ARG A NE  1 
ATOM   803  C CZ  . ARG A 1 106 ? 1.199   -15.470 13.218  1.00 52.09 ? 105  ARG A CZ  1 
ATOM   804  N NH1 . ARG A 1 106 ? 1.496   -14.200 12.960  1.00 52.64 ? 105  ARG A NH1 1 
ATOM   805  N NH2 . ARG A 1 106 ? 1.239   -15.914 14.466  1.00 52.64 ? 105  ARG A NH2 1 
ATOM   806  N N   . GLN A 1 107 ? -2.733  -17.332 7.404   1.00 48.94 ? 106  GLN A N   1 
ATOM   807  C CA  . GLN A 1 107 ? -3.959  -18.085 7.616   1.00 50.23 ? 106  GLN A CA  1 
ATOM   808  C C   . GLN A 1 107 ? -4.395  -18.915 6.404   1.00 50.63 ? 106  GLN A C   1 
ATOM   809  O O   . GLN A 1 107 ? -5.260  -19.778 6.523   1.00 50.76 ? 106  GLN A O   1 
ATOM   810  C CB  . GLN A 1 107 ? -5.068  -17.142 8.111   1.00 50.83 ? 106  GLN A CB  1 
ATOM   811  C CG  . GLN A 1 107 ? -5.803  -16.396 7.019   1.00 51.24 ? 106  GLN A CG  1 
ATOM   812  C CD  . GLN A 1 107 ? -6.893  -17.228 6.410   1.00 53.52 ? 106  GLN A CD  1 
ATOM   813  O OE1 . GLN A 1 107 ? -6.921  -17.436 5.198   1.00 55.82 ? 106  GLN A OE1 1 
ATOM   814  N NE2 . GLN A 1 107 ? -7.786  -17.747 7.251   1.00 55.12 ? 106  GLN A NE2 1 
ATOM   815  N N   . GLN A 1 108 ? -3.795  -18.645 5.249   1.00 51.38 ? 107  GLN A N   1 
ATOM   816  C CA  . GLN A 1 108 ? -3.998  -19.453 4.055   1.00 52.25 ? 107  GLN A CA  1 
ATOM   817  C C   . GLN A 1 108 ? -3.653  -20.908 4.353   1.00 52.83 ? 107  GLN A C   1 
ATOM   818  O O   . GLN A 1 108 ? -2.617  -21.208 4.953   1.00 53.29 ? 107  GLN A O   1 
ATOM   819  C CB  . GLN A 1 108 ? -3.120  -18.941 2.927   1.00 52.37 ? 107  GLN A CB  1 
ATOM   820  C CG  . GLN A 1 108 ? -3.656  -19.228 1.547   1.00 52.82 ? 107  GLN A CG  1 
ATOM   821  C CD  . GLN A 1 108 ? -2.848  -18.549 0.463   1.00 52.61 ? 107  GLN A CD  1 
ATOM   822  O OE1 . GLN A 1 108 ? -1.641  -18.345 0.604   1.00 51.11 ? 107  GLN A OE1 1 
ATOM   823  N NE2 . GLN A 1 108 ? -3.513  -18.196 -0.631  1.00 53.58 ? 107  GLN A NE2 1 
ATOM   824  N N   . ILE A 1 109 ? -4.533  -21.806 3.932   1.00 53.13 ? 108  ILE A N   1 
ATOM   825  C CA  . ILE A 1 109 ? -4.459  -23.201 4.311   1.00 53.33 ? 108  ILE A CA  1 
ATOM   826  C C   . ILE A 1 109 ? -3.603  -24.024 3.325   1.00 53.39 ? 108  ILE A C   1 
ATOM   827  O O   . ILE A 1 109 ? -2.837  -24.913 3.739   1.00 53.38 ? 108  ILE A O   1 
ATOM   828  C CB  . ILE A 1 109 ? -5.898  -23.773 4.524   1.00 53.55 ? 108  ILE A CB  1 
ATOM   829  C CG1 . ILE A 1 109 ? -5.879  -25.300 4.643   1.00 53.11 ? 108  ILE A CG1 1 
ATOM   830  C CG2 . ILE A 1 109 ? -6.860  -23.251 3.421   1.00 54.24 ? 108  ILE A CG2 1 
ATOM   831  C CD1 . ILE A 1 109 ? -7.153  -25.904 5.208   1.00 53.80 ? 108  ILE A CD1 1 
ATOM   832  N N   . ALA A 1 110 ? -3.739  -23.730 2.032   1.00 52.87 ? 109  ALA A N   1 
ATOM   833  C CA  . ALA A 1 110 ? -2.820  -24.247 1.022   1.00 52.39 ? 109  ALA A CA  1 
ATOM   834  C C   . ALA A 1 110 ? -2.002  -23.062 0.513   1.00 52.13 ? 109  ALA A C   1 
ATOM   835  O O   . ALA A 1 110 ? -2.516  -22.223 -0.238  1.00 51.97 ? 109  ALA A O   1 
ATOM   836  C CB  . ALA A 1 110 ? -3.571  -24.933 -0.113  1.00 52.34 ? 109  ALA A CB  1 
ATOM   837  N N   . PRO A 1 111 ? -0.719  -22.988 0.916   1.00 51.83 ? 110  PRO A N   1 
ATOM   838  C CA  . PRO A 1 111 ? 0.009   -21.750 0.691   1.00 51.47 ? 110  PRO A CA  1 
ATOM   839  C C   . PRO A 1 111 ? 0.350   -21.598 -0.791  1.00 51.31 ? 110  PRO A C   1 
ATOM   840  O O   . PRO A 1 111 ? 0.718   -22.570 -1.460  1.00 50.46 ? 110  PRO A O   1 
ATOM   841  C CB  . PRO A 1 111 ? 1.267   -21.927 1.546   1.00 51.72 ? 110  PRO A CB  1 
ATOM   842  C CG  . PRO A 1 111 ? 1.518   -23.421 1.536   1.00 51.24 ? 110  PRO A CG  1 
ATOM   843  C CD  . PRO A 1 111 ? 0.136   -24.040 1.515   1.00 51.90 ? 110  PRO A CD  1 
ATOM   844  N N   . ASP A 1 112 ? 0.176   -20.392 -1.311  1.00 51.29 ? 111  ASP A N   1 
ATOM   845  C CA  . ASP A 1 112 ? 0.514   -20.125 -2.691  1.00 51.97 ? 111  ASP A CA  1 
ATOM   846  C C   . ASP A 1 112 ? 1.109   -18.747 -2.768  1.00 52.65 ? 111  ASP A C   1 
ATOM   847  O O   . ASP A 1 112 ? 0.396   -17.757 -2.584  1.00 53.06 ? 111  ASP A O   1 
ATOM   848  C CB  . ASP A 1 112 ? -0.713  -20.222 -3.598  1.00 51.65 ? 111  ASP A CB  1 
ATOM   849  C CG  . ASP A 1 112 ? -0.358  -20.045 -5.067  1.00 53.22 ? 111  ASP A CG  1 
ATOM   850  O OD1 . ASP A 1 112 ? -0.842  -20.829 -5.916  1.00 54.32 ? 111  ASP A OD1 1 
ATOM   851  O OD2 . ASP A 1 112 ? 0.428   -19.128 -5.384  1.00 54.67 ? 111  ASP A OD2 1 
ATOM   852  N N   . VAL A 1 113 ? 2.408   -18.677 -3.048  1.00 53.09 ? 112  VAL A N   1 
ATOM   853  C CA  . VAL A 1 113 ? 3.104   -17.385 -3.133  1.00 53.48 ? 112  VAL A CA  1 
ATOM   854  C C   . VAL A 1 113 ? 2.975   -16.713 -4.514  1.00 53.57 ? 112  VAL A C   1 
ATOM   855  O O   . VAL A 1 113 ? 2.838   -15.509 -4.571  1.00 54.12 ? 112  VAL A O   1 
ATOM   856  C CB  . VAL A 1 113 ? 4.581   -17.465 -2.605  1.00 53.41 ? 112  VAL A CB  1 
ATOM   857  C CG1 . VAL A 1 113 ? 5.269   -16.117 -2.666  1.00 53.59 ? 112  VAL A CG1 1 
ATOM   858  C CG2 . VAL A 1 113 ? 4.612   -17.988 -1.165  1.00 53.21 ? 112  VAL A CG2 1 
ATOM   859  N N   . ASP A 1 114 ? 2.978   -17.489 -5.602  1.00 54.39 ? 113  ASP A N   1 
ATOM   860  C CA  . ASP A 1 114 ? 2.854   -16.962 -6.982  1.00 54.85 ? 113  ASP A CA  1 
ATOM   861  C C   . ASP A 1 114 ? 1.608   -16.094 -7.177  1.00 55.09 ? 113  ASP A C   1 
ATOM   862  O O   . ASP A 1 114 ? 1.707   -14.966 -7.673  1.00 55.51 ? 113  ASP A O   1 
ATOM   863  C CB  . ASP A 1 114 ? 2.854   -18.089 -8.016  1.00 55.39 ? 113  ASP A CB  1 
ATOM   864  C CG  . ASP A 1 114 ? 3.054   -17.586 -9.452  1.00 56.53 ? 113  ASP A CG  1 
ATOM   865  O OD1 . ASP A 1 114 ? 4.028   -16.846 -9.712  1.00 58.09 ? 113  ASP A OD1 1 
ATOM   866  O OD2 . ASP A 1 114 ? 2.238   -17.952 -10.327 1.00 56.81 ? 113  ASP A OD2 1 
ATOM   867  N N   . THR A 1 115 ? 0.446   -16.604 -6.757  1.00 54.46 ? 114  THR A N   1 
ATOM   868  C CA  . THR A 1 115 ? -0.804  -15.829 -6.809  1.00 53.47 ? 114  THR A CA  1 
ATOM   869  C C   . THR A 1 115 ? -0.809  -14.545 -5.950  1.00 52.74 ? 114  THR A C   1 
ATOM   870  O O   . THR A 1 115 ? -1.857  -13.901 -5.832  1.00 52.69 ? 114  THR A O   1 
ATOM   871  C CB  . THR A 1 115 ? -2.055  -16.671 -6.427  1.00 53.45 ? 114  THR A CB  1 
ATOM   872  O OG1 . THR A 1 115 ? -2.113  -16.845 -5.000  1.00 53.77 ? 114  THR A OG1 1 
ATOM   873  C CG2 . THR A 1 115 ? -2.083  -18.020 -7.166  1.00 52.60 ? 114  THR A CG2 1 
ATOM   874  N N   . TYR A 1 116 ? 0.329   -14.183 -5.343  1.00 51.64 ? 115  TYR A N   1 
ATOM   875  C CA  . TYR A 1 116 ? 0.465   -12.864 -4.653  1.00 50.47 ? 115  TYR A CA  1 
ATOM   876  C C   . TYR A 1 116 ? 0.891   -11.748 -5.630  1.00 48.56 ? 115  TYR A C   1 
ATOM   877  O O   . TYR A 1 116 ? 1.060   -10.588 -5.256  1.00 48.49 ? 115  TYR A O   1 
ATOM   878  C CB  . TYR A 1 116 ? 1.465   -12.932 -3.513  1.00 51.26 ? 115  TYR A CB  1 
ATOM   879  C CG  . TYR A 1 116 ? 1.158   -13.933 -2.425  1.00 53.69 ? 115  TYR A CG  1 
ATOM   880  C CD1 . TYR A 1 116 ? -0.147  -14.418 -2.210  1.00 55.29 ? 115  TYR A CD1 1 
ATOM   881  C CD2 . TYR A 1 116 ? 2.172   -14.377 -1.579  1.00 55.53 ? 115  TYR A CD2 1 
ATOM   882  C CE1 . TYR A 1 116 ? -0.420  -15.327 -1.187  1.00 54.89 ? 115  TYR A CE1 1 
ATOM   883  C CE2 . TYR A 1 116 ? 1.913   -15.290 -0.553  1.00 55.86 ? 115  TYR A CE2 1 
ATOM   884  C CZ  . TYR A 1 116 ? 0.618   -15.753 -0.355  1.00 55.20 ? 115  TYR A CZ  1 
ATOM   885  O OH  . TYR A 1 116 ? 0.383   -16.654 0.663   1.00 54.95 ? 115  TYR A OH  1 
ATOM   886  N N   . LYS A 1 117 ? 1.134   -12.159 -6.866  1.00 46.48 ? 116  LYS A N   1 
ATOM   887  C CA  . LYS A 1 117 ? 1.113   -11.314 -8.034  1.00 44.42 ? 116  LYS A CA  1 
ATOM   888  C C   . LYS A 1 117 ? -0.219  -10.576 -7.985  1.00 42.09 ? 116  LYS A C   1 
ATOM   889  O O   . LYS A 1 117 ? -0.291  -9.400  -8.307  1.00 40.42 ? 116  LYS A O   1 
ATOM   890  C CB  . LYS A 1 117 ? 1.138   -12.209 -9.291  1.00 44.88 ? 116  LYS A CB  1 
ATOM   891  C CG  . LYS A 1 117 ? 2.500   -12.422 -9.991  1.00 47.03 ? 116  LYS A CG  1 
ATOM   892  C CD  . LYS A 1 117 ? 3.696   -12.558 -9.038  1.00 49.23 ? 116  LYS A CD  1 
ATOM   893  C CE  . LYS A 1 117 ? 4.972   -12.984 -9.788  1.00 48.59 ? 116  LYS A CE  1 
ATOM   894  N NZ  . LYS A 1 117 ? 5.078   -14.459 -9.978  1.00 51.08 ? 116  LYS A NZ  1 
ATOM   895  N N   . GLU A 1 118 ? -1.265  -11.298 -7.570  1.00 40.09 ? 117  GLU A N   1 
ATOM   896  C CA  . GLU A 1 118 ? -2.643  -10.810 -7.637  1.00 39.08 ? 117  GLU A CA  1 
ATOM   897  C C   . GLU A 1 118 ? -2.902  -9.642  -6.703  1.00 36.82 ? 117  GLU A C   1 
ATOM   898  O O   . GLU A 1 118 ? -3.657  -8.743  -7.039  1.00 35.97 ? 117  GLU A O   1 
ATOM   899  C CB  . GLU A 1 118 ? -3.659  -11.937 -7.422  1.00 38.12 ? 117  GLU A CB  1 
ATOM   900  C CG  . GLU A 1 118 ? -3.634  -13.010 -8.547  1.00 41.33 ? 117  GLU A CG  1 
ATOM   901  C CD  . GLU A 1 118 ? -4.749  -14.065 -8.457  1.00 41.60 ? 117  GLU A CD  1 
ATOM   902  O OE1 . GLU A 1 118 ? -4.920  -14.813 -9.448  1.00 46.67 ? 117  GLU A OE1 1 
ATOM   903  O OE2 . GLU A 1 118 ? -5.446  -14.168 -7.420  1.00 45.52 ? 117  GLU A OE2 1 
ATOM   904  N N   . ILE A 1 119 ? -2.274  -9.663  -5.531  1.00 35.89 ? 118  ILE A N   1 
ATOM   905  C CA  . ILE A 1 119 ? -2.399  -8.563  -4.577  1.00 34.55 ? 118  ILE A CA  1 
ATOM   906  C C   . ILE A 1 119 ? -1.696  -7.364  -5.153  1.00 34.39 ? 118  ILE A C   1 
ATOM   907  O O   . ILE A 1 119 ? -2.248  -6.268  -5.181  1.00 34.35 ? 118  ILE A O   1 
ATOM   908  C CB  . ILE A 1 119 ? -1.806  -8.905  -3.206  1.00 35.02 ? 118  ILE A CB  1 
ATOM   909  C CG1 . ILE A 1 119 ? -2.628  -10.015 -2.558  1.00 34.26 ? 118  ILE A CG1 1 
ATOM   910  C CG2 . ILE A 1 119 ? -1.749  -7.649  -2.284  1.00 32.37 ? 118  ILE A CG2 1 
ATOM   911  C CD1 . ILE A 1 119 ? -2.059  -10.422 -1.251  1.00 36.92 ? 118  ILE A CD1 1 
ATOM   912  N N   . SER A 1 120 ? -0.492  -7.587  -5.669  1.00 33.67 ? 119  SER A N   1 
ATOM   913  C CA  . SER A 1 120 ? 0.274   -6.499  -6.267  1.00 33.40 ? 119  SER A CA  1 
ATOM   914  C C   . SER A 1 120 ? -0.531  -5.844  -7.403  1.00 33.15 ? 119  SER A C   1 
ATOM   915  O O   . SER A 1 120 ? -0.505  -4.629  -7.569  1.00 32.87 ? 119  SER A O   1 
ATOM   916  C CB  . SER A 1 120 ? 1.618   -7.038  -6.762  1.00 32.18 ? 119  SER A CB  1 
ATOM   917  O OG  . SER A 1 120 ? 2.504   -7.205  -5.659  1.00 33.04 ? 119  SER A OG  1 
ATOM   918  N N   . TYR A 1 121 ? -1.237  -6.672  -8.165  1.00 33.41 ? 120  TYR A N   1 
ATOM   919  C CA  . TYR A 1 121 ? -2.073  -6.235  -9.305  1.00 33.93 ? 120  TYR A CA  1 
ATOM   920  C C   . TYR A 1 121 ? -3.249  -5.348  -8.900  1.00 33.21 ? 120  TYR A C   1 
ATOM   921  O O   . TYR A 1 121 ? -3.458  -4.342  -9.517  1.00 33.82 ? 120  TYR A O   1 
ATOM   922  C CB  . TYR A 1 121 ? -2.614  -7.429  -10.100 1.00 33.71 ? 120  TYR A CB  1 
ATOM   923  C CG  . TYR A 1 121 ? -3.083  -7.047  -11.501 1.00 35.65 ? 120  TYR A CG  1 
ATOM   924  C CD1 . TYR A 1 121 ? -2.189  -7.013  -12.548 1.00 34.64 ? 120  TYR A CD1 1 
ATOM   925  C CD2 . TYR A 1 121 ? -4.414  -6.684  -11.759 1.00 36.26 ? 120  TYR A CD2 1 
ATOM   926  C CE1 . TYR A 1 121 ? -2.594  -6.666  -13.815 1.00 37.74 ? 120  TYR A CE1 1 
ATOM   927  C CE2 . TYR A 1 121 ? -4.830  -6.320  -13.046 1.00 36.03 ? 120  TYR A CE2 1 
ATOM   928  C CZ  . TYR A 1 121 ? -3.912  -6.318  -14.059 1.00 35.34 ? 120  TYR A CZ  1 
ATOM   929  O OH  . TYR A 1 121 ? -4.257  -5.976  -15.352 1.00 39.74 ? 120  TYR A OH  1 
ATOM   930  N N   . PHE A 1 122 ? -4.022  -5.731  -7.882  1.00 33.13 ? 121  PHE A N   1 
ATOM   931  C CA  . PHE A 1 122 ? -5.109  -4.879  -7.481  1.00 33.27 ? 121  PHE A CA  1 
ATOM   932  C C   . PHE A 1 122 ? -4.623  -3.642  -6.750  1.00 33.03 ? 121  PHE A C   1 
ATOM   933  O O   . PHE A 1 122 ? -5.310  -2.636  -6.740  1.00 33.73 ? 121  PHE A O   1 
ATOM   934  C CB  . PHE A 1 122 ? -6.282  -5.617  -6.783  1.00 32.98 ? 121  PHE A CB  1 
ATOM   935  C CG  . PHE A 1 122 ? -5.995  -6.145  -5.392  1.00 34.60 ? 121  PHE A CG  1 
ATOM   936  C CD1 . PHE A 1 122 ? -5.753  -5.290  -4.330  1.00 33.92 ? 121  PHE A CD1 1 
ATOM   937  C CD2 . PHE A 1 122 ? -6.068  -7.526  -5.132  1.00 34.74 ? 121  PHE A CD2 1 
ATOM   938  C CE1 . PHE A 1 122 ? -5.534  -5.776  -3.036  1.00 35.19 ? 121  PHE A CE1 1 
ATOM   939  C CE2 . PHE A 1 122 ? -5.864  -8.016  -3.875  1.00 32.89 ? 121  PHE A CE2 1 
ATOM   940  C CZ  . PHE A 1 122 ? -5.591  -7.133  -2.801  1.00 34.95 ? 121  PHE A CZ  1 
ATOM   941  N N   . VAL A 1 123 ? -3.443  -3.708  -6.143  1.00 32.61 ? 122  VAL A N   1 
ATOM   942  C CA  . VAL A 1 123 ? -2.832  -2.503  -5.577  1.00 32.82 ? 122  VAL A CA  1 
ATOM   943  C C   . VAL A 1 123 ? -2.425  -1.531  -6.696  1.00 32.87 ? 122  VAL A C   1 
ATOM   944  O O   . VAL A 1 123 ? -2.704  -0.317  -6.617  1.00 33.70 ? 122  VAL A O   1 
ATOM   945  C CB  . VAL A 1 123 ? -1.668  -2.814  -4.621  1.00 32.35 ? 122  VAL A CB  1 
ATOM   946  C CG1 . VAL A 1 123 ? -0.986  -1.520  -4.167  1.00 32.85 ? 122  VAL A CG1 1 
ATOM   947  C CG2 . VAL A 1 123 ? -2.196  -3.582  -3.388  1.00 32.15 ? 122  VAL A CG2 1 
ATOM   948  N N   . ALA A 1 124 ? -1.804  -2.059  -7.740  1.00 31.56 ? 123  ALA A N   1 
ATOM   949  C CA  . ALA A 1 124 ? -1.387  -1.218  -8.846  1.00 32.46 ? 123  ALA A CA  1 
ATOM   950  C C   . ALA A 1 124 ? -2.594  -0.602  -9.559  1.00 33.10 ? 123  ALA A C   1 
ATOM   951  O O   . ALA A 1 124 ? -2.531  0.541   -9.962  1.00 32.36 ? 123  ALA A O   1 
ATOM   952  C CB  . ALA A 1 124 ? -0.532  -2.014  -9.838  1.00 32.48 ? 123  ALA A CB  1 
ATOM   953  N N   . GLU A 1 125 ? -3.660  -1.397  -9.746  1.00 33.53 ? 124  GLU A N   1 
ATOM   954  C CA  . GLU A 1 125 ? -4.908  -0.930  -10.308 1.00 34.33 ? 124  GLU A CA  1 
ATOM   955  C C   . GLU A 1 125 ? -5.487  0.243   -9.521  1.00 33.83 ? 124  GLU A C   1 
ATOM   956  O O   . GLU A 1 125 ? -5.948  1.213   -10.108 1.00 32.80 ? 124  GLU A O   1 
ATOM   957  C CB  . GLU A 1 125 ? -5.953  -2.056  -10.331 1.00 35.05 ? 124  GLU A CB  1 
ATOM   958  C CG  . GLU A 1 125 ? -5.840  -3.016  -11.474 1.00 38.72 ? 124  GLU A CG  1 
ATOM   959  C CD  . GLU A 1 125 ? -7.077  -3.885  -11.592 1.00 45.51 ? 124  GLU A CD  1 
ATOM   960  O OE1 . GLU A 1 125 ? -7.411  -4.566  -10.590 1.00 49.34 ? 124  GLU A OE1 1 
ATOM   961  O OE2 . GLU A 1 125 ? -7.706  -3.886  -12.677 1.00 45.27 ? 124  GLU A OE2 1 
ATOM   962  N N   . PHE A 1 126 ? -5.504  0.137   -8.188  1.00 33.90 ? 125  PHE A N   1 
ATOM   963  C CA  . PHE A 1 126 ? -5.999  1.259   -7.406  1.00 33.76 ? 125  PHE A CA  1 
ATOM   964  C C   . PHE A 1 126 ? -5.127  2.525   -7.593  1.00 33.44 ? 125  PHE A C   1 
ATOM   965  O O   . PHE A 1 126 ? -5.647  3.618   -7.846  1.00 32.88 ? 125  PHE A O   1 
ATOM   966  C CB  . PHE A 1 126 ? -6.146  0.932   -5.908  1.00 32.78 ? 125  PHE A CB  1 
ATOM   967  C CG  . PHE A 1 126 ? -6.637  2.102   -5.119  1.00 33.55 ? 125  PHE A CG  1 
ATOM   968  C CD1 . PHE A 1 126 ? -8.017  2.393   -5.066  1.00 33.95 ? 125  PHE A CD1 1 
ATOM   969  C CD2 . PHE A 1 126 ? -5.737  2.972   -4.509  1.00 33.17 ? 125  PHE A CD2 1 
ATOM   970  C CE1 . PHE A 1 126 ? -8.487  3.526   -4.378  1.00 34.92 ? 125  PHE A CE1 1 
ATOM   971  C CE2 . PHE A 1 126 ? -6.195  4.108   -3.836  1.00 33.01 ? 125  PHE A CE2 1 
ATOM   972  C CZ  . PHE A 1 126 ? -7.582  4.380   -3.766  1.00 31.43 ? 125  PHE A CZ  1 
ATOM   973  N N   . ILE A 1 127 ? -3.816  2.361   -7.432  1.00 33.69 ? 126  ILE A N   1 
ATOM   974  C CA  . ILE A 1 127 ? -2.881  3.489   -7.426  1.00 34.78 ? 126  ILE A CA  1 
ATOM   975  C C   . ILE A 1 127 ? -2.971  4.198   -8.774  1.00 35.24 ? 126  ILE A C   1 
ATOM   976  O O   . ILE A 1 127 ? -3.102  5.414   -8.826  1.00 34.31 ? 126  ILE A O   1 
ATOM   977  C CB  . ILE A 1 127 ? -1.423  3.053   -7.092  1.00 34.62 ? 126  ILE A CB  1 
ATOM   978  C CG1 . ILE A 1 127 ? -1.333  2.613   -5.629  1.00 34.35 ? 126  ILE A CG1 1 
ATOM   979  C CG2 . ILE A 1 127 ? -0.439  4.182   -7.383  1.00 34.56 ? 126  ILE A CG2 1 
ATOM   980  C CD1 . ILE A 1 127 ? -0.025  1.898   -5.243  1.00 35.40 ? 126  ILE A CD1 1 
ATOM   981  N N   . MET A 1 128 ? -2.994  3.405   -9.847  1.00 36.14 ? 127  MET A N   1 
ATOM   982  C CA  . MET A 1 128 ? -3.066  3.909   -11.209 1.00 36.38 ? 127  MET A CA  1 
ATOM   983  C C   . MET A 1 128 ? -4.372  4.659   -11.529 1.00 36.09 ? 127  MET A C   1 
ATOM   984  O O   . MET A 1 128 ? -4.324  5.733   -12.120 1.00 35.88 ? 127  MET A O   1 
ATOM   985  C CB  . MET A 1 128 ? -2.889  2.770   -12.208 1.00 36.37 ? 127  MET A CB  1 
ATOM   986  C CG  . MET A 1 128 ? -2.900  3.236   -13.668 1.00 40.04 ? 127  MET A CG  1 
ATOM   987  S SD  . MET A 1 128 ? -1.297  3.989   -14.046 1.00 46.63 ? 127  MET A SD  1 
ATOM   988  C CE  . MET A 1 128 ? -1.587  5.745   -13.994 1.00 47.62 ? 127  MET A CE  1 
ATOM   989  N N   . ASN A 1 129 ? -5.516  4.063   -11.187 1.00 35.64 ? 128  ASN A N   1 
ATOM   990  C CA  . ASN A 1 129 ? -6.822  4.584   -11.593 1.00 35.54 ? 128  ASN A CA  1 
ATOM   991  C C   . ASN A 1 129 ? -7.258  5.732   -10.698 1.00 34.83 ? 128  ASN A C   1 
ATOM   992  O O   . ASN A 1 129 ? -7.950  6.643   -11.146 1.00 34.05 ? 128  ASN A O   1 
ATOM   993  C CB  . ASN A 1 129 ? -7.916  3.496   -11.583 1.00 35.84 ? 128  ASN A CB  1 
ATOM   994  C CG  . ASN A 1 129 ? -7.651  2.366   -12.583 1.00 37.82 ? 128  ASN A CG  1 
ATOM   995  O OD1 . ASN A 1 129 ? -7.086  2.566   -13.656 1.00 39.02 ? 128  ASN A OD1 1 
ATOM   996  N ND2 . ASN A 1 129 ? -8.094  1.169   -12.232 1.00 40.73 ? 128  ASN A ND2 1 
ATOM   997  N N   . ASN A 1 130 ? -6.849  5.695   -9.435  1.00 34.03 ? 129  ASN A N   1 
ATOM   998  C CA  . ASN A 1 130 ? -7.238  6.735   -8.503  1.00 33.51 ? 129  ASN A CA  1 
ATOM   999  C C   . ASN A 1 130 ? -6.187  7.780   -8.192  1.00 32.97 ? 129  ASN A C   1 
ATOM   1000 O O   . ASN A 1 130 ? -6.542  8.914   -7.901  1.00 33.00 ? 129  ASN A O   1 
ATOM   1001 C CB  . ASN A 1 130 ? -7.759  6.106   -7.215  1.00 34.36 ? 129  ASN A CB  1 
ATOM   1002 C CG  . ASN A 1 130 ? -9.043  5.343   -7.433  1.00 35.69 ? 129  ASN A CG  1 
ATOM   1003 O OD1 . ASN A 1 130 ? -10.111 5.881   -7.232  1.00 38.98 ? 129  ASN A OD1 1 
ATOM   1004 N ND2 . ASN A 1 130 ? -8.946  4.107   -7.885  1.00 36.35 ? 129  ASN A ND2 1 
ATOM   1005 N N   . THR A 1 131 ? -4.899  7.415   -8.198  1.00 32.72 ? 130  THR A N   1 
ATOM   1006 C CA  . THR A 1 131 ? -3.870  8.401   -7.876  1.00 32.37 ? 130  THR A CA  1 
ATOM   1007 C C   . THR A 1 131 ? -2.936  8.719   -9.059  1.00 31.82 ? 130  THR A C   1 
ATOM   1008 O O   . THR A 1 131 ? -2.098  9.609   -8.955  1.00 31.43 ? 130  THR A O   1 
ATOM   1009 C CB  . THR A 1 131 ? -3.028  8.047   -6.608  1.00 32.63 ? 130  THR A CB  1 
ATOM   1010 O OG1 . THR A 1 131 ? -2.158  6.945   -6.901  1.00 35.61 ? 130  THR A OG1 1 
ATOM   1011 C CG2 . THR A 1 131 ? -3.890  7.722   -5.372  1.00 31.55 ? 130  THR A CG2 1 
ATOM   1012 N N   . GLY A 1 132 ? -3.112  8.041   -10.193 1.00 31.63 ? 131  GLY A N   1 
ATOM   1013 C CA  . GLY A 1 132 ? -2.139  8.128   -11.291 1.00 30.77 ? 131  GLY A CA  1 
ATOM   1014 C C   . GLY A 1 132 ? -2.002  9.514   -11.876 1.00 31.61 ? 131  GLY A C   1 
ATOM   1015 O O   . GLY A 1 132 ? -0.902  9.939   -12.243 1.00 31.98 ? 131  GLY A O   1 
ATOM   1016 N N   . GLU A 1 133 ? -3.117  10.245  -11.972 1.00 30.93 ? 132  GLU A N   1 
ATOM   1017 C CA  . GLU A 1 133 ? -3.070  11.560  -12.569 1.00 31.04 ? 132  GLU A CA  1 
ATOM   1018 C C   . GLU A 1 133 ? -2.488  12.548  -11.573 1.00 29.80 ? 132  GLU A C   1 
ATOM   1019 O O   . GLU A 1 133 ? -1.789  13.456  -11.957 1.00 29.12 ? 132  GLU A O   1 
ATOM   1020 C CB  . GLU A 1 133 ? -4.461  11.997  -13.065 1.00 31.40 ? 132  GLU A CB  1 
ATOM   1021 C CG  . GLU A 1 133 ? -4.478  13.343  -13.729 1.00 36.23 ? 132  GLU A CG  1 
ATOM   1022 C CD  . GLU A 1 133 ? -3.570  13.408  -14.955 1.00 42.15 ? 132  GLU A CD  1 
ATOM   1023 O OE1 . GLU A 1 133 ? -3.387  12.349  -15.628 1.00 43.71 ? 132  GLU A OE1 1 
ATOM   1024 O OE2 . GLU A 1 133 ? -3.037  14.514  -15.218 1.00 42.18 ? 132  GLU A OE2 1 
ATOM   1025 N N   . TRP A 1 134 ? -2.793  12.371  -10.290 1.00 29.41 ? 133  TRP A N   1 
ATOM   1026 C CA  . TRP A 1 134 ? -2.145  13.148  -9.242  1.00 29.00 ? 133  TRP A CA  1 
ATOM   1027 C C   . TRP A 1 134 ? -0.604  12.932  -9.303  1.00 29.83 ? 133  TRP A C   1 
ATOM   1028 O O   . TRP A 1 134 ? 0.173   13.887  -9.282  1.00 29.31 ? 133  TRP A O   1 
ATOM   1029 C CB  . TRP A 1 134 ? -2.701  12.779  -7.856  1.00 28.20 ? 133  TRP A CB  1 
ATOM   1030 C CG  . TRP A 1 134 ? -2.141  13.656  -6.795  1.00 27.57 ? 133  TRP A CG  1 
ATOM   1031 C CD1 . TRP A 1 134 ? -2.689  14.821  -6.321  1.00 26.61 ? 133  TRP A CD1 1 
ATOM   1032 C CD2 . TRP A 1 134 ? -0.917  13.453  -6.057  1.00 27.62 ? 133  TRP A CD2 1 
ATOM   1033 N NE1 . TRP A 1 134 ? -1.863  15.376  -5.359  1.00 26.61 ? 133  TRP A NE1 1 
ATOM   1034 C CE2 . TRP A 1 134 ? -0.767  14.557  -5.186  1.00 27.48 ? 133  TRP A CE2 1 
ATOM   1035 C CE3 . TRP A 1 134 ? 0.089   12.457  -6.075  1.00 29.73 ? 133  TRP A CE3 1 
ATOM   1036 C CZ2 . TRP A 1 134 ? 0.335   14.697  -4.340  1.00 26.43 ? 133  TRP A CZ2 1 
ATOM   1037 C CZ3 . TRP A 1 134 ? 1.178   12.596  -5.228  1.00 27.69 ? 133  TRP A CZ3 1 
ATOM   1038 C CH2 . TRP A 1 134 ? 1.288   13.704  -4.365  1.00 28.34 ? 133  TRP A CH2 1 
ATOM   1039 N N   . ILE A 1 135 ? -0.171  11.675  -9.375  1.00 30.43 ? 134  ILE A N   1 
ATOM   1040 C CA  . ILE A 1 135 ? 1.272   11.365  -9.426  1.00 31.92 ? 134  ILE A CA  1 
ATOM   1041 C C   . ILE A 1 135 ? 1.999   12.140  -10.545 1.00 32.59 ? 134  ILE A C   1 
ATOM   1042 O O   . ILE A 1 135 ? 3.050   12.705  -10.309 1.00 31.64 ? 134  ILE A O   1 
ATOM   1043 C CB  . ILE A 1 135 ? 1.506   9.856   -9.577  1.00 31.46 ? 134  ILE A CB  1 
ATOM   1044 C CG1 . ILE A 1 135 ? 1.162   9.157   -8.257  1.00 30.77 ? 134  ILE A CG1 1 
ATOM   1045 C CG2 . ILE A 1 135 ? 2.950   9.578   -10.087 1.00 31.31 ? 134  ILE A CG2 1 
ATOM   1046 C CD1 . ILE A 1 135 ? 1.062   7.626   -8.365  1.00 31.43 ? 134  ILE A CD1 1 
ATOM   1047 N N   . ARG A 1 136 ? 1.394   12.175  -11.736 1.00 34.46 ? 135  ARG A N   1 
ATOM   1048 C CA  . ARG A 1 136 ? 1.871   12.955  -12.882 1.00 36.42 ? 135  ARG A CA  1 
ATOM   1049 C C   . ARG A 1 136 ? 1.895   14.460  -12.644 1.00 36.77 ? 135  ARG A C   1 
ATOM   1050 O O   . ARG A 1 136 ? 2.767   15.151  -13.154 1.00 37.26 ? 135  ARG A O   1 
ATOM   1051 C CB  . ARG A 1 136 ? 0.949   12.706  -14.093 1.00 37.95 ? 135  ARG A CB  1 
ATOM   1052 C CG  . ARG A 1 136 ? 1.022   11.302  -14.703 1.00 41.90 ? 135  ARG A CG  1 
ATOM   1053 C CD  . ARG A 1 136 ? -0.272  11.014  -15.464 1.00 50.29 ? 135  ARG A CD  1 
ATOM   1054 N NE  . ARG A 1 136 ? -0.022  10.501  -16.805 1.00 55.61 ? 135  ARG A NE  1 
ATOM   1055 C CZ  . ARG A 1 136 ? -0.964  10.081  -17.646 1.00 58.80 ? 135  ARG A CZ  1 
ATOM   1056 N NH1 . ARG A 1 136 ? -2.247  10.098  -17.284 1.00 60.49 ? 135  ARG A NH1 1 
ATOM   1057 N NH2 . ARG A 1 136 ? -0.620  9.642   -18.857 1.00 59.72 ? 135  ARG A NH2 1 
ATOM   1058 N N   . GLN A 1 137 ? 0.894   14.991  -11.945 1.00 36.48 ? 136  GLN A N   1 
ATOM   1059 C CA  . GLN A 1 137 ? 0.838   16.429  -11.738 1.00 36.56 ? 136  GLN A CA  1 
ATOM   1060 C C   . GLN A 1 137 ? 1.783   16.804  -10.584 1.00 35.91 ? 136  GLN A C   1 
ATOM   1061 O O   . GLN A 1 137 ? 2.023   17.979  -10.337 1.00 34.75 ? 136  GLN A O   1 
ATOM   1062 C CB  . GLN A 1 137 ? -0.621  16.949  -11.532 1.00 35.77 ? 136  GLN A CB  1 
ATOM   1063 C CG  . GLN A 1 137 ? -1.421  17.176  -12.842 1.00 37.45 ? 136  GLN A CG  1 
ATOM   1064 C CD  . GLN A 1 137 ? -2.693  18.109  -12.726 1.00 39.11 ? 136  GLN A CD  1 
ATOM   1065 O OE1 . GLN A 1 137 ? -2.853  18.875  -11.761 1.00 41.23 ? 136  GLN A OE1 1 
ATOM   1066 N NE2 . GLN A 1 137 ? -3.574  18.045  -13.745 1.00 37.96 ? 136  GLN A NE2 1 
ATOM   1067 N N   . ASN A 1 138 ? 2.327   15.791  -9.898  1.00 35.60 ? 137  ASN A N   1 
ATOM   1068 C CA  . ASN A 1 138 ? 3.159   16.013  -8.706  1.00 35.78 ? 137  ASN A CA  1 
ATOM   1069 C C   . ASN A 1 138 ? 4.592   15.434  -8.760  1.00 35.89 ? 137  ASN A C   1 
ATOM   1070 O O   . ASN A 1 138 ? 5.184   15.059  -7.742  1.00 36.39 ? 137  ASN A O   1 
ATOM   1071 C CB  . ASN A 1 138 ? 2.396   15.583  -7.442  1.00 35.29 ? 137  ASN A CB  1 
ATOM   1072 C CG  . ASN A 1 138 ? 1.274   16.548  -7.096  1.00 35.50 ? 137  ASN A CG  1 
ATOM   1073 O OD1 . ASN A 1 138 ? 1.488   17.484  -6.364  1.00 37.28 ? 137  ASN A OD1 1 
ATOM   1074 N ND2 . ASN A 1 138 ? 0.083   16.332  -7.643  1.00 36.79 ? 137  ASN A ND2 1 
ATOM   1075 N N   . GLY A 1 139 ? 5.145   15.397  -9.958  1.00 36.01 ? 138  GLY A N   1 
ATOM   1076 C CA  . GLY A 1 139 ? 6.553   15.082  -10.149 1.00 35.30 ? 138  GLY A CA  1 
ATOM   1077 C C   . GLY A 1 139 ? 6.908   13.643  -10.484 1.00 34.84 ? 138  GLY A C   1 
ATOM   1078 O O   . GLY A 1 139 ? 8.079   13.328  -10.721 1.00 34.57 ? 138  GLY A O   1 
ATOM   1079 N N   . GLY A 1 140 ? 5.915   12.765  -10.521 1.00 34.15 ? 139  GLY A N   1 
ATOM   1080 C CA  . GLY A 1 140 ? 6.197   11.379  -10.783 1.00 33.72 ? 139  GLY A CA  1 
ATOM   1081 C C   . GLY A 1 140 ? 6.982   10.747  -9.646  1.00 33.56 ? 139  GLY A C   1 
ATOM   1082 O O   . GLY A 1 140 ? 7.307   11.406  -8.625  1.00 33.47 ? 139  GLY A O   1 
ATOM   1083 N N   . TRP A 1 141 ? 7.256   9.458   -9.814  1.00 33.23 ? 140  TRP A N   1 
ATOM   1084 C CA  . TRP A 1 141 ? 8.001   8.666   -8.827  1.00 33.86 ? 140  TRP A CA  1 
ATOM   1085 C C   . TRP A 1 141 ? 9.442   9.108   -8.741  1.00 34.47 ? 140  TRP A C   1 
ATOM   1086 O O   . TRP A 1 141 ? 10.004  9.226   -7.657  1.00 34.40 ? 140  TRP A O   1 
ATOM   1087 C CB  . TRP A 1 141 ? 7.928   7.192   -9.188  1.00 33.14 ? 140  TRP A CB  1 
ATOM   1088 C CG  . TRP A 1 141 ? 6.541   6.668   -8.993  1.00 33.00 ? 140  TRP A CG  1 
ATOM   1089 C CD1 . TRP A 1 141 ? 5.561   6.552   -9.936  1.00 30.35 ? 140  TRP A CD1 1 
ATOM   1090 C CD2 . TRP A 1 141 ? 5.977   6.204   -7.757  1.00 29.48 ? 140  TRP A CD2 1 
ATOM   1091 N NE1 . TRP A 1 141 ? 4.440   6.000   -9.373  1.00 31.28 ? 140  TRP A NE1 1 
ATOM   1092 C CE2 . TRP A 1 141 ? 4.662   5.791   -8.033  1.00 29.85 ? 140  TRP A CE2 1 
ATOM   1093 C CE3 . TRP A 1 141 ? 6.478   6.055   -6.462  1.00 29.64 ? 140  TRP A CE3 1 
ATOM   1094 C CZ2 . TRP A 1 141 ? 3.813   5.275   -7.051  1.00 31.22 ? 140  TRP A CZ2 1 
ATOM   1095 C CZ3 . TRP A 1 141 ? 5.635   5.546   -5.477  1.00 31.50 ? 140  TRP A CZ3 1 
ATOM   1096 C CH2 . TRP A 1 141 ? 4.314   5.160   -5.784  1.00 31.75 ? 140  TRP A CH2 1 
ATOM   1097 N N   . GLU A 1 142 ? 10.011  9.413   -9.896  1.00 35.97 ? 141  GLU A N   1 
ATOM   1098 C CA  . GLU A 1 142 ? 11.434  9.699   -10.007 1.00 37.54 ? 141  GLU A CA  1 
ATOM   1099 C C   . GLU A 1 142 ? 11.838  11.098  -9.551  1.00 38.53 ? 141  GLU A C   1 
ATOM   1100 O O   . GLU A 1 142 ? 12.928  11.250  -9.051  1.00 40.11 ? 141  GLU A O   1 
ATOM   1101 C CB  . GLU A 1 142 ? 11.946  9.390   -11.435 1.00 37.62 ? 141  GLU A CB  1 
ATOM   1102 C CG  . GLU A 1 142 ? 11.641  7.974   -11.911 1.00 38.01 ? 141  GLU A CG  1 
ATOM   1103 C CD  . GLU A 1 142 ? 12.537  6.916   -11.273 1.00 41.63 ? 141  GLU A CD  1 
ATOM   1104 O OE1 . GLU A 1 142 ? 13.509  7.292   -10.559 1.00 41.79 ? 141  GLU A OE1 1 
ATOM   1105 O OE2 . GLU A 1 142 ? 12.276  5.702   -11.504 1.00 41.38 ? 141  GLU A OE2 1 
ATOM   1106 N N   . ASN A 1 143 ? 10.975  12.103  -9.704  1.00 39.63 ? 142  ASN A N   1 
ATOM   1107 C CA  . ASN A 1 143 ? 11.264  13.479  -9.256  1.00 40.44 ? 142  ASN A CA  1 
ATOM   1108 C C   . ASN A 1 143 ? 10.363  13.945  -8.105  1.00 40.96 ? 142  ASN A C   1 
ATOM   1109 O O   . ASN A 1 143 ? 10.726  14.867  -7.385  1.00 42.64 ? 142  ASN A O   1 
ATOM   1110 C CB  . ASN A 1 143 ? 11.111  14.501  -10.391 1.00 40.79 ? 142  ASN A CB  1 
ATOM   1111 C CG  . ASN A 1 143 ? 12.432  14.874  -11.067 1.00 43.02 ? 142  ASN A CG  1 
ATOM   1112 O OD1 . ASN A 1 143 ? 13.375  15.349  -10.422 1.00 46.08 ? 142  ASN A OD1 1 
ATOM   1113 N ND2 . ASN A 1 143 ? 12.477  14.720  -12.396 1.00 43.86 ? 142  ASN A ND2 1 
ATOM   1114 N N   . GLY A 1 144 ? 9.183   13.362  -7.958  1.00 39.58 ? 143  GLY A N   1 
ATOM   1115 C CA  . GLY A 1 144 ? 8.311   13.741  -6.854  1.00 39.01 ? 143  GLY A CA  1 
ATOM   1116 C C   . GLY A 1 144 ? 8.608   12.905  -5.627  1.00 38.04 ? 143  GLY A C   1 
ATOM   1117 O O   . GLY A 1 144 ? 9.082   13.415  -4.608  1.00 38.58 ? 143  GLY A O   1 
ATOM   1118 N N   . PHE A 1 145 ? 8.357   11.612  -5.752  1.00 36.74 ? 144  PHE A N   1 
ATOM   1119 C CA  . PHE A 1 145 ? 8.542   10.669  -4.671  1.00 35.86 ? 144  PHE A CA  1 
ATOM   1120 C C   . PHE A 1 145 ? 10.000  10.526  -4.186  1.00 34.94 ? 144  PHE A C   1 
ATOM   1121 O O   . PHE A 1 145 ? 10.267  10.719  -3.003  1.00 34.49 ? 144  PHE A O   1 
ATOM   1122 C CB  . PHE A 1 145 ? 7.977   9.288   -5.032  1.00 35.95 ? 144  PHE A CB  1 
ATOM   1123 C CG  . PHE A 1 145 ? 8.197   8.274   -3.953  1.00 36.69 ? 144  PHE A CG  1 
ATOM   1124 C CD1 . PHE A 1 145 ? 7.379   8.275   -2.820  1.00 35.72 ? 144  PHE A CD1 1 
ATOM   1125 C CD2 . PHE A 1 145 ? 9.269   7.387   -4.020  1.00 35.99 ? 144  PHE A CD2 1 
ATOM   1126 C CE1 . PHE A 1 145 ? 7.584   7.368   -1.799  1.00 38.81 ? 144  PHE A CE1 1 
ATOM   1127 C CE2 . PHE A 1 145 ? 9.491   6.470   -3.005  1.00 37.39 ? 144  PHE A CE2 1 
ATOM   1128 C CZ  . PHE A 1 145 ? 8.655   6.463   -1.878  1.00 36.46 ? 144  PHE A CZ  1 
ATOM   1129 N N   . VAL A 1 146 ? 10.925  10.182  -5.086  1.00 34.15 ? 145  VAL A N   1 
ATOM   1130 C CA  . VAL A 1 146 ? 12.296  9.881   -4.686  1.00 33.82 ? 145  VAL A CA  1 
ATOM   1131 C C   . VAL A 1 146 ? 12.936  11.059  -3.973  1.00 33.46 ? 145  VAL A C   1 
ATOM   1132 O O   . VAL A 1 146 ? 13.463  10.892  -2.899  1.00 32.67 ? 145  VAL A O   1 
ATOM   1133 C CB  . VAL A 1 146 ? 13.212  9.497   -5.873  1.00 34.21 ? 145  VAL A CB  1 
ATOM   1134 C CG1 . VAL A 1 146 ? 14.633  9.351   -5.384  1.00 33.70 ? 145  VAL A CG1 1 
ATOM   1135 C CG2 . VAL A 1 146 ? 12.797  8.192   -6.432  1.00 36.56 ? 145  VAL A CG2 1 
ATOM   1136 N N   . LYS A 1 147 ? 12.882  12.239  -4.586  1.00 33.78 ? 146  LYS A N   1 
ATOM   1137 C CA  . LYS A 1 147 ? 13.493  13.452  -4.031  1.00 34.93 ? 146  LYS A CA  1 
ATOM   1138 C C   . LYS A 1 147 ? 12.930  13.817  -2.646  1.00 34.92 ? 146  LYS A C   1 
ATOM   1139 O O   . LYS A 1 147 ? 13.637  14.393  -1.815  1.00 35.69 ? 146  LYS A O   1 
ATOM   1140 C CB  . LYS A 1 147 ? 13.327  14.630  -4.997  1.00 34.91 ? 146  LYS A CB  1 
ATOM   1141 C CG  . LYS A 1 147 ? 13.865  14.367  -6.429  1.00 37.85 ? 146  LYS A CG  1 
ATOM   1142 C CD  . LYS A 1 147 ? 15.304  14.739  -6.556  1.00 39.94 ? 146  LYS A CD  1 
ATOM   1143 C CE  . LYS A 1 147 ? 15.831  14.435  -7.957  1.00 43.95 ? 146  LYS A CE  1 
ATOM   1144 N NZ  . LYS A 1 147 ? 16.971  13.456  -7.883  1.00 45.47 ? 146  LYS A NZ  1 
ATOM   1145 N N   . LYS A 1 148 ? 11.671  13.473  -2.406  1.00 34.27 ? 147  LYS A N   1 
ATOM   1146 C CA  . LYS A 1 148 ? 11.023  13.745  -1.117  1.00 34.29 ? 147  LYS A CA  1 
ATOM   1147 C C   . LYS A 1 148 ? 11.432  12.741  -0.015  1.00 34.45 ? 147  LYS A C   1 
ATOM   1148 O O   . LYS A 1 148 ? 11.759  13.138  1.099   1.00 34.89 ? 147  LYS A O   1 
ATOM   1149 C CB  . LYS A 1 148 ? 9.503   13.786  -1.288  1.00 33.04 ? 147  LYS A CB  1 
ATOM   1150 C CG  . LYS A 1 148 ? 8.695   14.105  -0.014  1.00 32.81 ? 147  LYS A CG  1 
ATOM   1151 C CD  . LYS A 1 148 ? 7.162   14.012  -0.321  1.00 33.65 ? 147  LYS A CD  1 
ATOM   1152 C CE  . LYS A 1 148 ? 6.306   14.036  0.974   1.00 31.18 ? 147  LYS A CE  1 
ATOM   1153 N NZ  . LYS A 1 148 ? 6.339   15.456  1.542   1.00 30.05 ? 147  LYS A NZ  1 
ATOM   1154 N N   . PHE A 1 149 ? 11.407  11.455  -0.337  1.00 34.97 ? 148  PHE A N   1 
ATOM   1155 C CA  . PHE A 1 149 ? 11.622  10.403  0.648   1.00 36.33 ? 148  PHE A CA  1 
ATOM   1156 C C   . PHE A 1 149 ? 13.034  9.813   0.765   1.00 37.22 ? 148  PHE A C   1 
ATOM   1157 O O   . PHE A 1 149 ? 13.288  9.019   1.681   1.00 37.23 ? 148  PHE A O   1 
ATOM   1158 C CB  . PHE A 1 149 ? 10.589  9.286   0.456   1.00 35.47 ? 148  PHE A CB  1 
ATOM   1159 C CG  . PHE A 1 149 ? 9.224   9.669   0.910   1.00 38.15 ? 148  PHE A CG  1 
ATOM   1160 C CD1 . PHE A 1 149 ? 8.886   9.623   2.256   1.00 38.41 ? 148  PHE A CD1 1 
ATOM   1161 C CD2 . PHE A 1 149 ? 8.284   10.130  0.010   1.00 38.88 ? 148  PHE A CD2 1 
ATOM   1162 C CE1 . PHE A 1 149 ? 7.621   9.992   2.679   1.00 40.35 ? 148  PHE A CE1 1 
ATOM   1163 C CE2 . PHE A 1 149 ? 7.015   10.494  0.446   1.00 39.22 ? 148  PHE A CE2 1 
ATOM   1164 C CZ  . PHE A 1 149 ? 6.690   10.434  1.768   1.00 37.17 ? 148  PHE A CZ  1 
ATOM   1165 N N   . GLU A 1 150 ? 13.924  10.178  -0.165  1.00 38.27 ? 149  GLU A N   1 
ATOM   1166 C CA  . GLU A 1 150 ? 15.272  9.610   -0.258  1.00 40.15 ? 149  GLU A CA  1 
ATOM   1167 C C   . GLU A 1 150 ? 16.143  10.015  0.922   1.00 40.54 ? 149  GLU A C   1 
ATOM   1168 O O   . GLU A 1 150 ? 15.990  11.117  1.456   1.00 40.62 ? 149  GLU A O   1 
ATOM   1169 C CB  . GLU A 1 150 ? 15.970  10.095  -1.539  1.00 40.27 ? 149  GLU A CB  1 
ATOM   1170 C CG  . GLU A 1 150 ? 16.176  11.629  -1.567  1.00 41.31 ? 149  GLU A CG  1 
ATOM   1171 C CD  . GLU A 1 150 ? 16.881  12.134  -2.821  1.00 42.20 ? 149  GLU A CD  1 
ATOM   1172 O OE1 . GLU A 1 150 ? 17.162  11.318  -3.732  1.00 45.19 ? 149  GLU A OE1 1 
ATOM   1173 O OE2 . GLU A 1 150 ? 17.143  13.362  -2.889  1.00 44.77 ? 149  GLU A OE2 1 
ATOM   1174 O OXT . GLU A 1 150 ? 17.057  9.273   1.333   1.00 41.63 ? 149  GLU A OXT 1 
ATOM   1175 N N   . ASP B 2 1   ? -21.704 -4.017  14.035  1.00 27.12 ? 141  ASP B N   1 
ATOM   1176 C CA  . ASP B 2 1   ? -20.481 -4.854  14.096  1.00 27.89 ? 141  ASP B CA  1 
ATOM   1177 C C   . ASP B 2 1   ? -19.225 -4.025  13.824  1.00 28.29 ? 141  ASP B C   1 
ATOM   1178 O O   . ASP B 2 1   ? -19.318 -2.824  13.522  1.00 27.86 ? 141  ASP B O   1 
ATOM   1179 C CB  . ASP B 2 1   ? -20.599 -6.035  13.118  1.00 28.29 ? 141  ASP B CB  1 
ATOM   1180 C CG  . ASP B 2 1   ? -20.823 -5.599  11.677  1.00 29.99 ? 141  ASP B CG  1 
ATOM   1181 O OD1 . ASP B 2 1   ? -21.025 -4.394  11.388  1.00 31.02 ? 141  ASP B OD1 1 
ATOM   1182 O OD2 . ASP B 2 1   ? -20.785 -6.479  10.811  1.00 34.38 ? 141  ASP B OD2 1 
ATOM   1183 N N   . MET B 2 2   ? -18.054 -4.655  13.925  1.00 28.97 ? 142  MET B N   1 
ATOM   1184 C CA  . MET B 2 2   ? -16.806 -3.954  13.645  1.00 30.44 ? 142  MET B CA  1 
ATOM   1185 C C   . MET B 2 2   ? -16.736 -3.557  12.176  1.00 30.03 ? 142  MET B C   1 
ATOM   1186 O O   . MET B 2 2   ? -17.143 -4.312  11.300  1.00 31.08 ? 142  MET B O   1 
ATOM   1187 C CB  . MET B 2 2   ? -15.585 -4.781  14.014  1.00 29.65 ? 142  MET B CB  1 
ATOM   1188 C CG  . MET B 2 2   ? -14.306 -3.934  14.151  1.00 31.59 ? 142  MET B CG  1 
ATOM   1189 S SD  . MET B 2 2   ? -12.780 -4.894  14.026  1.00 34.27 ? 142  MET B SD  1 
ATOM   1190 C CE  . MET B 2 2   ? -12.820 -5.843  15.535  1.00 35.80 ? 142  MET B CE  1 
ATOM   1191 N N   . ARG B 2 3   ? -16.257 -2.349  11.939  1.00 30.27 ? 143  ARG B N   1 
ATOM   1192 C CA  . ARG B 2 3   ? -16.044 -1.798  10.604  1.00 30.68 ? 143  ARG B CA  1 
ATOM   1193 C C   . ARG B 2 3   ? -14.536 -1.658  10.438  1.00 29.82 ? 143  ARG B C   1 
ATOM   1194 O O   . ARG B 2 3   ? -13.989 -0.586  10.638  1.00 29.68 ? 143  ARG B O   1 
ATOM   1195 C CB  . ARG B 2 3   ? -16.743 -0.422  10.480  1.00 30.60 ? 143  ARG B CB  1 
ATOM   1196 C CG  . ARG B 2 3   ? -18.269 -0.463  10.650  1.00 31.72 ? 143  ARG B CG  1 
ATOM   1197 C CD  . ARG B 2 3   ? -18.852 -1.674  9.922   1.00 34.94 ? 143  ARG B CD  1 
ATOM   1198 N NE  . ARG B 2 3   ? -20.299 -1.788  10.057  1.00 40.22 ? 143  ARG B NE  1 
ATOM   1199 C CZ  . ARG B 2 3   ? -21.176 -1.058  9.368   1.00 41.91 ? 143  ARG B CZ  1 
ATOM   1200 N NH1 . ARG B 2 3   ? -20.744 -0.134  8.498   1.00 41.74 ? 143  ARG B NH1 1 
ATOM   1201 N NH2 . ARG B 2 3   ? -22.483 -1.244  9.560   1.00 41.07 ? 143  ARG B NH2 1 
ATOM   1202 N N   . PRO B 2 4   ? -13.848 -2.759  10.116  1.00 30.24 ? 144  PRO B N   1 
ATOM   1203 C CA  . PRO B 2 4   ? -12.385 -2.611  10.018  1.00 30.26 ? 144  PRO B CA  1 
ATOM   1204 C C   . PRO B 2 4   ? -11.946 -1.621  8.937   1.00 31.24 ? 144  PRO B C   1 
ATOM   1205 O O   . PRO B 2 4   ? -10.916 -0.973  9.119   1.00 31.04 ? 144  PRO B O   1 
ATOM   1206 C CB  . PRO B 2 4   ? -11.881 -4.041  9.750   1.00 30.19 ? 144  PRO B CB  1 
ATOM   1207 C CG  . PRO B 2 4   ? -13.091 -4.841  9.357   1.00 30.28 ? 144  PRO B CG  1 
ATOM   1208 C CD  . PRO B 2 4   ? -14.316 -4.139  9.838   1.00 29.57 ? 144  PRO B CD  1 
ATOM   1209 N N   . GLU B 2 5   ? -12.731 -1.465  7.859   1.00 32.65 ? 145  GLU B N   1 
ATOM   1210 C CA  . GLU B 2 5   ? -12.419 -0.464  6.802   1.00 34.99 ? 145  GLU B CA  1 
ATOM   1211 C C   . GLU B 2 5   ? -12.170 0.911   7.364   1.00 34.77 ? 145  GLU B C   1 
ATOM   1212 O O   . GLU B 2 5   ? -11.283 1.610   6.875   1.00 35.21 ? 145  GLU B O   1 
ATOM   1213 C CB  . GLU B 2 5   ? -13.526 -0.249  5.759   1.00 35.16 ? 145  GLU B CB  1 
ATOM   1214 C CG  . GLU B 2 5   ? -14.413 -1.375  5.488   1.00 39.92 ? 145  GLU B CG  1 
ATOM   1215 C CD  . GLU B 2 5   ? -15.426 -1.529  6.555   1.00 40.25 ? 145  GLU B CD  1 
ATOM   1216 O OE1 . GLU B 2 5   ? -16.436 -0.791  6.558   1.00 41.13 ? 145  GLU B OE1 1 
ATOM   1217 O OE2 . GLU B 2 5   ? -15.181 -2.402  7.395   1.00 42.01 ? 145  GLU B OE2 1 
ATOM   1218 N N   . ILE B 2 6   ? -13.000 1.303   8.337   1.00 34.82 ? 146  ILE B N   1 
ATOM   1219 C CA  . ILE B 2 6   ? -12.939 2.617   8.996   1.00 34.47 ? 146  ILE B CA  1 
ATOM   1220 C C   . ILE B 2 6   ? -11.777 2.685   9.977   1.00 34.33 ? 146  ILE B C   1 
ATOM   1221 O O   . ILE B 2 6   ? -11.015 3.643   9.961   1.00 35.68 ? 146  ILE B O   1 
ATOM   1222 C CB  . ILE B 2 6   ? -14.267 2.945   9.756   1.00 35.03 ? 146  ILE B CB  1 
ATOM   1223 C CG1 . ILE B 2 6   ? -15.461 2.970   8.794   1.00 35.34 ? 146  ILE B CG1 1 
ATOM   1224 C CG2 . ILE B 2 6   ? -14.157 4.256   10.586  1.00 34.68 ? 146  ILE B CG2 1 
ATOM   1225 C CD1 . ILE B 2 6   ? -16.811 3.032   9.499   1.00 34.03 ? 146  ILE B CD1 1 
ATOM   1226 N N   . TRP B 2 7   ? -11.623 1.673   10.824  1.00 33.83 ? 147  TRP B N   1 
ATOM   1227 C CA  . TRP B 2 7   ? -10.529 1.656   11.805  1.00 33.78 ? 147  TRP B CA  1 
ATOM   1228 C C   . TRP B 2 7   ? -9.131  1.711   11.107  1.00 33.73 ? 147  TRP B C   1 
ATOM   1229 O O   . TRP B 2 7   ? -8.264  2.481   11.502  1.00 34.48 ? 147  TRP B O   1 
ATOM   1230 C CB  . TRP B 2 7   ? -10.684 0.423   12.693  1.00 34.27 ? 147  TRP B CB  1 
ATOM   1231 C CG  . TRP B 2 7   ? -9.883  0.360   13.956  1.00 34.37 ? 147  TRP B CG  1 
ATOM   1232 C CD1 . TRP B 2 7   ? -8.717  1.031   14.254  1.00 35.62 ? 147  TRP B CD1 1 
ATOM   1233 C CD2 . TRP B 2 7   ? -10.169 -0.459  15.094  1.00 35.13 ? 147  TRP B CD2 1 
ATOM   1234 N NE1 . TRP B 2 7   ? -8.278  0.691   15.513  1.00 34.60 ? 147  TRP B NE1 1 
ATOM   1235 C CE2 . TRP B 2 7   ? -9.151  -0.221  16.052  1.00 35.29 ? 147  TRP B CE2 1 
ATOM   1236 C CE3 . TRP B 2 7   ? -11.200 -1.356  15.409  1.00 33.74 ? 147  TRP B CE3 1 
ATOM   1237 C CZ2 . TRP B 2 7   ? -9.133  -0.857  17.291  1.00 34.72 ? 147  TRP B CZ2 1 
ATOM   1238 C CZ3 . TRP B 2 7   ? -11.181 -1.985  16.638  1.00 34.65 ? 147  TRP B CZ3 1 
ATOM   1239 C CH2 . TRP B 2 7   ? -10.158 -1.736  17.567  1.00 35.38 ? 147  TRP B CH2 1 
ATOM   1240 N N   . ILE B 2 8   ? -8.935  0.916   10.057  1.00 33.75 ? 148  ILE B N   1 
ATOM   1241 C CA  . ILE B 2 8   ? -7.690  0.891   9.279   1.00 32.20 ? 148  ILE B CA  1 
ATOM   1242 C C   . ILE B 2 8   ? -7.531  2.157   8.450   1.00 32.78 ? 148  ILE B C   1 
ATOM   1243 O O   . ILE B 2 8   ? -6.488  2.795   8.505   1.00 33.42 ? 148  ILE B O   1 
ATOM   1244 C CB  . ILE B 2 8   ? -7.630  -0.351  8.342   1.00 32.72 ? 148  ILE B CB  1 
ATOM   1245 C CG1 . ILE B 2 8   ? -7.739  -1.657  9.155   1.00 32.30 ? 148  ILE B CG1 1 
ATOM   1246 C CG2 . ILE B 2 8   ? -6.351  -0.339  7.439   1.00 30.79 ? 148  ILE B CG2 1 
ATOM   1247 C CD1 . ILE B 2 8   ? -8.324  -2.818  8.339   1.00 30.98 ? 148  ILE B CD1 1 
ATOM   1248 N N   . ALA B 2 9   ? -8.549  2.545   7.680   1.00 32.47 ? 149  ALA B N   1 
ATOM   1249 C CA  . ALA B 2 9   ? -8.420  3.746   6.836   1.00 32.30 ? 149  ALA B CA  1 
ATOM   1250 C C   . ALA B 2 9   ? -7.988  4.949   7.642   1.00 33.31 ? 149  ALA B C   1 
ATOM   1251 O O   . ALA B 2 9   ? -7.191  5.787   7.174   1.00 34.00 ? 149  ALA B O   1 
ATOM   1252 C CB  . ALA B 2 9   ? -9.692  4.058   6.140   1.00 31.44 ? 149  ALA B CB  1 
ATOM   1253 N N   . GLN B 2 10  ? -8.517  5.028   8.857   1.00 33.76 ? 150  GLN B N   1 
ATOM   1254 C CA  . GLN B 2 10  ? -8.319  6.173   9.750   1.00 34.31 ? 150  GLN B CA  1 
ATOM   1255 C C   . GLN B 2 10  ? -6.854  6.265   10.151  1.00 33.12 ? 150  GLN B C   1 
ATOM   1256 O O   . GLN B 2 10  ? -6.259  7.326   10.098  1.00 33.84 ? 150  GLN B O   1 
ATOM   1257 C CB  . GLN B 2 10  ? -9.238  6.036   10.981  1.00 33.77 ? 150  GLN B CB  1 
ATOM   1258 C CG  . GLN B 2 10  ? -9.316  7.250   11.837  1.00 36.14 ? 150  GLN B CG  1 
ATOM   1259 C CD  . GLN B 2 10  ? -10.280 7.092   13.022  1.00 35.83 ? 150  GLN B CD  1 
ATOM   1260 O OE1 . GLN B 2 10  ? -11.487 6.814   12.853  1.00 38.14 ? 150  GLN B OE1 1 
ATOM   1261 N NE2 . GLN B 2 10  ? -9.749  7.288   14.226  1.00 36.15 ? 150  GLN B NE2 1 
ATOM   1262 N N   . GLU B 2 11  ? -6.281  5.137   10.543  1.00 33.16 ? 151  GLU B N   1 
ATOM   1263 C CA  . GLU B 2 11  ? -4.884  5.082   10.898  1.00 33.04 ? 151  GLU B CA  1 
ATOM   1264 C C   . GLU B 2 11  ? -3.995  5.320   9.671   1.00 32.83 ? 151  GLU B C   1 
ATOM   1265 O O   . GLU B 2 11  ? -2.987  5.992   9.802   1.00 33.13 ? 151  GLU B O   1 
ATOM   1266 C CB  . GLU B 2 11  ? -4.556  3.766   11.601  1.00 33.17 ? 151  GLU B CB  1 
ATOM   1267 C CG  . GLU B 2 11  ? -3.097  3.479   11.845  1.00 33.52 ? 151  GLU B CG  1 
ATOM   1268 C CD  . GLU B 2 11  ? -2.409  4.444   12.819  1.00 36.41 ? 151  GLU B CD  1 
ATOM   1269 O OE1 . GLU B 2 11  ? -3.071  5.323   13.433  1.00 36.74 ? 151  GLU B OE1 1 
ATOM   1270 O OE2 . GLU B 2 11  ? -1.177  4.324   12.944  1.00 34.37 ? 151  GLU B OE2 1 
ATOM   1271 N N   . LEU B 2 12  ? -4.370  4.822   8.486   1.00 32.23 ? 152  LEU B N   1 
ATOM   1272 C CA  . LEU B 2 12  ? -3.492  5.011   7.306   1.00 31.94 ? 152  LEU B CA  1 
ATOM   1273 C C   . LEU B 2 12  ? -3.461  6.474   6.877   1.00 31.47 ? 152  LEU B C   1 
ATOM   1274 O O   . LEU B 2 12  ? -2.415  7.023   6.509   1.00 31.61 ? 152  LEU B O   1 
ATOM   1275 C CB  . LEU B 2 12  ? -3.930  4.151   6.104   1.00 30.99 ? 152  LEU B CB  1 
ATOM   1276 C CG  . LEU B 2 12  ? -3.957  2.634   6.218   1.00 29.01 ? 152  LEU B CG  1 
ATOM   1277 C CD1 . LEU B 2 12  ? -4.386  2.052   4.862   1.00 24.06 ? 152  LEU B CD1 1 
ATOM   1278 C CD2 . LEU B 2 12  ? -2.620  2.092   6.678   1.00 27.19 ? 152  LEU B CD2 1 
ATOM   1279 N N   . ARG B 2 13  ? -4.635  7.083   6.900   1.00 31.79 ? 153  ARG B N   1 
ATOM   1280 C CA  . ARG B 2 13  ? -4.794  8.502   6.641   1.00 32.36 ? 153  ARG B CA  1 
ATOM   1281 C C   . ARG B 2 13  ? -3.978  9.366   7.603   1.00 33.11 ? 153  ARG B C   1 
ATOM   1282 O O   . ARG B 2 13  ? -3.366  10.343  7.182   1.00 33.33 ? 153  ARG B O   1 
ATOM   1283 C CB  . ARG B 2 13  ? -6.245  8.874   6.757   1.00 31.81 ? 153  ARG B CB  1 
ATOM   1284 C CG  . ARG B 2 13  ? -6.511  10.231  6.239   1.00 33.65 ? 153  ARG B CG  1 
ATOM   1285 C CD  . ARG B 2 13  ? -7.915  10.667  6.570   1.00 33.89 ? 153  ARG B CD  1 
ATOM   1286 N NE  . ARG B 2 13  ? -8.887  10.213  5.576   1.00 33.79 ? 153  ARG B NE  1 
ATOM   1287 C CZ  . ARG B 2 13  ? -10.163 10.603  5.572   1.00 35.85 ? 153  ARG B CZ  1 
ATOM   1288 N NH1 . ARG B 2 13  ? -10.619 11.416  6.535   1.00 32.74 ? 153  ARG B NH1 1 
ATOM   1289 N NH2 . ARG B 2 13  ? -10.993 10.175  4.632   1.00 33.09 ? 153  ARG B NH2 1 
ATOM   1290 N N   . ARG B 2 14  ? -3.956  8.988   8.886   1.00 33.85 ? 154  ARG B N   1 
ATOM   1291 C CA  . ARG B 2 14  ? -3.260  9.773   9.913   1.00 34.61 ? 154  ARG B CA  1 
ATOM   1292 C C   . ARG B 2 14  ? -1.764  9.713   9.675   1.00 33.37 ? 154  ARG B C   1 
ATOM   1293 O O   . ARG B 2 14  ? -1.127  10.731  9.541   1.00 33.06 ? 154  ARG B O   1 
ATOM   1294 C CB  . ARG B 2 14  ? -3.589  9.265   11.326  1.00 34.56 ? 154  ARG B CB  1 
ATOM   1295 C CG  . ARG B 2 14  ? -2.808  9.961   12.458  1.00 36.42 ? 154  ARG B CG  1 
ATOM   1296 C CD  . ARG B 2 14  ? -2.824  9.134   13.770  1.00 37.26 ? 154  ARG B CD  1 
ATOM   1297 N NE  . ARG B 2 14  ? -2.024  7.904   13.662  1.00 41.67 ? 154  ARG B NE  1 
ATOM   1298 C CZ  . ARG B 2 14  ? -0.686  7.861   13.637  1.00 44.51 ? 154  ARG B CZ  1 
ATOM   1299 N NH1 . ARG B 2 14  ? 0.037   8.976   13.703  1.00 44.77 ? 154  ARG B NH1 1 
ATOM   1300 N NH2 . ARG B 2 14  ? -0.055  6.693   13.533  1.00 44.80 ? 154  ARG B NH2 1 
ATOM   1301 N N   . ILE B 2 15  ? -1.224  8.502   9.593   1.00 33.54 ? 155  ILE B N   1 
ATOM   1302 C CA  . ILE B 2 15  ? 0.202   8.294   9.408   1.00 33.37 ? 155  ILE B CA  1 
ATOM   1303 C C   . ILE B 2 15  ? 0.678   8.764   8.036   1.00 32.66 ? 155  ILE B C   1 
ATOM   1304 O O   . ILE B 2 15  ? 1.802   9.250   7.916   1.00 33.45 ? 155  ILE B O   1 
ATOM   1305 C CB  . ILE B 2 15  ? 0.610   6.793   9.686   1.00 33.32 ? 155  ILE B CB  1 
ATOM   1306 C CG1 . ILE B 2 15  ? 2.093   6.686   10.005  1.00 34.49 ? 155  ILE B CG1 1 
ATOM   1307 C CG2 . ILE B 2 15  ? 0.238   5.875   8.562   1.00 32.47 ? 155  ILE B CG2 1 
ATOM   1308 C CD1 . ILE B 2 15  ? 2.535   5.246   10.396  1.00 35.20 ? 155  ILE B CD1 1 
ATOM   1309 N N   . GLY B 2 16  ? -0.156  8.594   7.009   1.00 31.58 ? 156  GLY B N   1 
ATOM   1310 C CA  . GLY B 2 16  ? 0.163   9.100   5.661   1.00 31.02 ? 156  GLY B CA  1 
ATOM   1311 C C   . GLY B 2 16  ? 0.402   10.590  5.677   1.00 30.26 ? 156  GLY B C   1 
ATOM   1312 O O   . GLY B 2 16  ? 1.379   11.077  5.125   1.00 30.72 ? 156  GLY B O   1 
ATOM   1313 N N   . ASP B 2 17  ? -0.496  11.313  6.333   1.00 30.32 ? 157  ASP B N   1 
ATOM   1314 C CA  . ASP B 2 17  ? -0.380  12.756  6.490   1.00 31.21 ? 157  ASP B CA  1 
ATOM   1315 C C   . ASP B 2 17  ? 0.791   13.223  7.377   1.00 31.27 ? 157  ASP B C   1 
ATOM   1316 O O   . ASP B 2 17  ? 1.377   14.263  7.106   1.00 30.80 ? 157  ASP B O   1 
ATOM   1317 C CB  . ASP B 2 17  ? -1.732  13.350  6.966   1.00 30.76 ? 157  ASP B CB  1 
ATOM   1318 C CG  . ASP B 2 17  ? -2.828  13.245  5.885   1.00 31.32 ? 157  ASP B CG  1 
ATOM   1319 O OD1 . ASP B 2 17  ? -2.516  12.957  4.701   1.00 29.66 ? 157  ASP B OD1 1 
ATOM   1320 O OD2 . ASP B 2 17  ? -4.011  13.435  6.220   1.00 34.20 ? 157  ASP B OD2 1 
ATOM   1321 N N   . GLU B 2 18  ? 1.124   12.463  8.420   1.00 32.25 ? 158  GLU B N   1 
ATOM   1322 C CA  . GLU B 2 18  ? 2.308   12.768  9.250   1.00 33.18 ? 158  GLU B CA  1 
ATOM   1323 C C   . GLU B 2 18  ? 3.599   12.626  8.453   1.00 32.66 ? 158  GLU B C   1 
ATOM   1324 O O   . GLU B 2 18  ? 4.381   13.569  8.371   1.00 32.37 ? 158  GLU B O   1 
ATOM   1325 C CB  . GLU B 2 18  ? 2.373   11.844  10.446  1.00 33.51 ? 158  GLU B CB  1 
ATOM   1326 C CG  . GLU B 2 18  ? 1.583   12.316  11.611  1.00 40.43 ? 158  GLU B CG  1 
ATOM   1327 C CD  . GLU B 2 18  ? 1.452   11.256  12.701  1.00 47.67 ? 158  GLU B CD  1 
ATOM   1328 O OE1 . GLU B 2 18  ? 0.816   11.586  13.731  1.00 50.28 ? 158  GLU B OE1 1 
ATOM   1329 O OE2 . GLU B 2 18  ? 1.966   10.106  12.534  1.00 50.97 ? 158  GLU B OE2 1 
ATOM   1330 N N   . PHE B 2 19  ? 3.791   11.443  7.861   1.00 31.67 ? 159  PHE B N   1 
ATOM   1331 C CA  . PHE B 2 19  ? 4.924   11.155  6.989   1.00 31.72 ? 159  PHE B CA  1 
ATOM   1332 C C   . PHE B 2 19  ? 5.043   12.163  5.826   1.00 31.75 ? 159  PHE B C   1 
ATOM   1333 O O   . PHE B 2 19  ? 6.143   12.626  5.484   1.00 31.03 ? 159  PHE B O   1 
ATOM   1334 C CB  . PHE B 2 19  ? 4.877   9.698   6.516   1.00 31.30 ? 159  PHE B CB  1 
ATOM   1335 C CG  . PHE B 2 19  ? 5.535   8.732   7.484   1.00 31.19 ? 159  PHE B CG  1 
ATOM   1336 C CD1 . PHE B 2 19  ? 6.708   8.055   7.125   1.00 31.60 ? 159  PHE B CD1 1 
ATOM   1337 C CD2 . PHE B 2 19  ? 4.987   8.510   8.750   1.00 31.39 ? 159  PHE B CD2 1 
ATOM   1338 C CE1 . PHE B 2 19  ? 7.343   7.169   8.033   1.00 32.52 ? 159  PHE B CE1 1 
ATOM   1339 C CE2 . PHE B 2 19  ? 5.598   7.633   9.666   1.00 33.87 ? 159  PHE B CE2 1 
ATOM   1340 C CZ  . PHE B 2 19  ? 6.783   6.949   9.291   1.00 32.10 ? 159  PHE B CZ  1 
ATOM   1341 N N   . ASN B 2 20  ? 3.907   12.563  5.271   1.00 30.97 ? 160  ASN B N   1 
ATOM   1342 C CA  . ASN B 2 20  ? 3.927   13.635  4.288   1.00 30.66 ? 160  ASN B CA  1 
ATOM   1343 C C   . ASN B 2 20  ? 4.585   14.942  4.794   1.00 30.03 ? 160  ASN B C   1 
ATOM   1344 O O   . ASN B 2 20  ? 5.208   15.663  4.022   1.00 29.56 ? 160  ASN B O   1 
ATOM   1345 C CB  . ASN B 2 20  ? 2.532   13.944  3.774   1.00 29.83 ? 160  ASN B CB  1 
ATOM   1346 C CG  . ASN B 2 20  ? 2.588   14.758  2.521   1.00 33.83 ? 160  ASN B CG  1 
ATOM   1347 O OD1 . ASN B 2 20  ? 3.131   14.302  1.531   1.00 35.75 ? 160  ASN B OD1 1 
ATOM   1348 N ND2 . ASN B 2 20  ? 2.102   16.003  2.572   1.00 32.88 ? 160  ASN B ND2 1 
ATOM   1349 N N   . ALA B 2 21  ? 4.404   15.252  6.078   1.00 29.87 ? 161  ALA B N   1 
ATOM   1350 C CA  . ALA B 2 21  ? 5.035   16.425  6.702   1.00 30.97 ? 161  ALA B CA  1 
ATOM   1351 C C   . ALA B 2 21  ? 6.504   16.212  7.121   1.00 31.15 ? 161  ALA B C   1 
ATOM   1352 O O   . ALA B 2 21  ? 7.263   17.168  7.261   1.00 32.72 ? 161  ALA B O   1 
ATOM   1353 C CB  . ALA B 2 21  ? 4.185   16.877  7.939   1.00 29.56 ? 161  ALA B CB  1 
ATOM   1354 N N   . TYR B 2 22  ? 6.890   14.969  7.376   1.00 31.94 ? 162  TYR B N   1 
ATOM   1355 C CA  . TYR B 2 22  ? 8.221   14.652  7.910   1.00 33.35 ? 162  TYR B CA  1 
ATOM   1356 C C   . TYR B 2 22  ? 9.313   14.533  6.857   1.00 33.32 ? 162  TYR B C   1 
ATOM   1357 O O   . TYR B 2 22  ? 10.480  14.537  7.216   1.00 33.72 ? 162  TYR B O   1 
ATOM   1358 C CB  . TYR B 2 22  ? 8.200   13.299  8.634   1.00 33.85 ? 162  TYR B CB  1 
ATOM   1359 C CG  . TYR B 2 22  ? 7.254   13.159  9.802   1.00 35.80 ? 162  TYR B CG  1 
ATOM   1360 C CD1 . TYR B 2 22  ? 6.806   14.273  10.542  1.00 34.02 ? 162  TYR B CD1 1 
ATOM   1361 C CD2 . TYR B 2 22  ? 6.831   11.878  10.195  1.00 36.04 ? 162  TYR B CD2 1 
ATOM   1362 C CE1 . TYR B 2 22  ? 5.954   14.092  11.639  1.00 35.81 ? 162  TYR B CE1 1 
ATOM   1363 C CE2 . TYR B 2 22  ? 5.987   11.692  11.271  1.00 36.27 ? 162  TYR B CE2 1 
ATOM   1364 C CZ  . TYR B 2 22  ? 5.560   12.779  11.987  1.00 36.62 ? 162  TYR B CZ  1 
ATOM   1365 O OH  . TYR B 2 22  ? 4.727   12.523  13.042  1.00 39.24 ? 162  TYR B OH  1 
ATOM   1366 N N   . TYR B 2 23  ? 8.929   14.356  5.588   1.00 33.22 ? 163  TYR B N   1 
ATOM   1367 C CA  . TYR B 2 23  ? 9.866   14.316  4.457   1.00 33.31 ? 163  TYR B CA  1 
ATOM   1368 C C   . TYR B 2 23  ? 9.563   15.449  3.493   1.00 34.43 ? 163  TYR B C   1 
ATOM   1369 O O   . TYR B 2 23  ? 8.405   15.671  3.146   1.00 34.04 ? 163  TYR B O   1 
ATOM   1370 C CB  . TYR B 2 23  ? 9.735   12.994  3.676   1.00 33.09 ? 163  TYR B CB  1 
ATOM   1371 C CG  . TYR B 2 23  ? 10.191  11.782  4.444   1.00 31.96 ? 163  TYR B CG  1 
ATOM   1372 C CD1 . TYR B 2 23  ? 11.440  11.203  4.189   1.00 30.24 ? 163  TYR B CD1 1 
ATOM   1373 C CD2 . TYR B 2 23  ? 9.383   11.222  5.432   1.00 28.71 ? 163  TYR B CD2 1 
ATOM   1374 C CE1 . TYR B 2 23  ? 11.859  10.095  4.896   1.00 30.54 ? 163  TYR B CE1 1 
ATOM   1375 C CE2 . TYR B 2 23  ? 9.797   10.128  6.144   1.00 32.11 ? 163  TYR B CE2 1 
ATOM   1376 C CZ  . TYR B 2 23  ? 11.036  9.567   5.872   1.00 31.18 ? 163  TYR B CZ  1 
ATOM   1377 O OH  . TYR B 2 23  ? 11.437  8.481   6.585   1.00 32.55 ? 163  TYR B OH  1 
ATOM   1378 N N   . ALA B 2 24  ? 10.608  16.124  3.038   1.00 35.92 ? 164  ALA B N   1 
ATOM   1379 C CA  . ALA B 2 24  ? 10.476  17.250  2.129   1.00 38.54 ? 164  ALA B CA  1 
ATOM   1380 C C   . ALA B 2 24  ? 11.652  17.341  1.153   1.00 40.15 ? 164  ALA B C   1 
ATOM   1381 O O   . ALA B 2 24  ? 12.811  17.174  1.540   1.00 38.99 ? 164  ALA B O   1 
ATOM   1382 C CB  . ALA B 2 24  ? 10.334  18.577  2.919   1.00 38.16 ? 164  ALA B CB  1 
ATOM   1383 N N   . ARG B 2 25  ? 11.305  17.543  -0.122  1.00 43.01 ? 165  ARG B N   1 
ATOM   1384 C CA  . ARG B 2 25  ? 12.171  18.105  -1.166  1.00 45.69 ? 165  ARG B CA  1 
ATOM   1385 C C   . ARG B 2 25  ? 11.841  17.497  -2.519  1.00 46.74 ? 165  ARG B C   1 
ATOM   1386 O O   . ARG B 2 25  ? 10.801  17.821  -3.107  1.00 48.63 ? 165  ARG B O   1 
ATOM   1387 C CB  . ARG B 2 25  ? 13.661  17.998  -0.826  1.00 46.38 ? 165  ARG B CB  1 
ATOM   1388 C CG  . ARG B 2 25  ? 14.580  18.619  -1.835  1.00 50.49 ? 165  ARG B CG  1 
ATOM   1389 C CD  . ARG B 2 25  ? 15.191  17.547  -2.774  1.00 57.87 ? 165  ARG B CD  1 
ATOM   1390 N NE  . ARG B 2 25  ? 16.199  16.715  -2.096  1.00 63.01 ? 165  ARG B NE  1 
ATOM   1391 C CZ  . ARG B 2 25  ? 17.460  17.092  -1.846  1.00 66.19 ? 165  ARG B CZ  1 
ATOM   1392 N NH1 . ARG B 2 25  ? 17.900  18.301  -2.210  1.00 66.51 ? 165  ARG B NH1 1 
ATOM   1393 N NH2 . ARG B 2 25  ? 18.291  16.256  -1.228  1.00 67.26 ? 165  ARG B NH2 1 
HETATM 1394 S S   . SO4 C 3 .   ? 7.218   18.218  -0.646  1.00 71.72 ? 1150 SO4 A S   1 
HETATM 1395 O O1  . SO4 C 3 .   ? 8.459   17.476  -0.921  1.00 68.49 ? 1150 SO4 A O1  1 
HETATM 1396 O O2  . SO4 C 3 .   ? 6.038   17.333  -0.578  1.00 70.74 ? 1150 SO4 A O2  1 
HETATM 1397 O O3  . SO4 C 3 .   ? 7.366   18.907  0.634   1.00 71.80 ? 1150 SO4 A O3  1 
HETATM 1398 O O4  . SO4 C 3 .   ? 6.972   19.224  -1.689  1.00 71.29 ? 1150 SO4 A O4  1 
HETATM 1399 O O   . HOH D 4 .   ? 2.019   0.420   -24.239 1.00 49.29 ? 2001 HOH A O   1 
HETATM 1400 O O   . HOH D 4 .   ? -1.838  -10.962 -11.387 1.00 48.10 ? 2002 HOH A O   1 
HETATM 1401 O O   . HOH D 4 .   ? 9.314   0.301   -10.949 1.00 42.71 ? 2003 HOH A O   1 
HETATM 1402 O O   . HOH D 4 .   ? 0.328   -10.252 -12.663 1.00 40.29 ? 2004 HOH A O   1 
HETATM 1403 O O   . HOH D 4 .   ? 8.822   -1.243  -3.718  1.00 33.33 ? 2005 HOH A O   1 
HETATM 1404 O O   . HOH D 4 .   ? 12.520  -2.257  -9.004  1.00 37.95 ? 2006 HOH A O   1 
HETATM 1405 O O   . HOH D 4 .   ? -12.084 4.047   -4.284  1.00 39.31 ? 2007 HOH A O   1 
HETATM 1406 O O   . HOH D 4 .   ? -10.908 6.257   -3.334  1.00 41.06 ? 2008 HOH A O   1 
HETATM 1407 O O   . HOH D 4 .   ? 12.866  0.699   7.161   1.00 45.71 ? 2009 HOH A O   1 
HETATM 1408 O O   . HOH D 4 .   ? 15.660  5.509   2.003   1.00 45.82 ? 2010 HOH A O   1 
HETATM 1409 O O   . HOH D 4 .   ? 0.499   -7.591  9.705   1.00 45.44 ? 2011 HOH A O   1 
HETATM 1410 O O   . HOH D 4 .   ? -12.695 -8.800  3.267   1.00 43.34 ? 2012 HOH A O   1 
HETATM 1411 O O   . HOH D 4 .   ? -14.269 -5.602  -4.145  1.00 48.37 ? 2013 HOH A O   1 
HETATM 1412 O O   . HOH D 4 .   ? -11.844 1.705   -3.275  1.00 44.56 ? 2014 HOH A O   1 
HETATM 1413 O O   . HOH D 4 .   ? -15.728 1.360   2.268   1.00 43.24 ? 2015 HOH A O   1 
HETATM 1414 O O   . HOH D 4 .   ? -12.304 7.654   -1.651  1.00 42.34 ? 2016 HOH A O   1 
HETATM 1415 O O   . HOH D 4 .   ? -8.989  14.518  6.508   1.00 43.91 ? 2017 HOH A O   1 
HETATM 1416 O O   . HOH D 4 .   ? -11.181 17.807  0.381   1.00 32.74 ? 2018 HOH A O   1 
HETATM 1417 O O   . HOH D 4 .   ? -6.424  15.702  -4.196  0.50 32.04 ? 2019 HOH A O   1 
HETATM 1418 O O   . HOH D 4 .   ? -4.211  16.615  -2.864  1.00 37.37 ? 2020 HOH A O   1 
HETATM 1419 O O   . HOH D 4 .   ? 2.753   -13.758 7.726   1.00 45.59 ? 2021 HOH A O   1 
HETATM 1420 O O   . HOH D 4 .   ? -5.691  -13.981 8.805   1.00 55.59 ? 2022 HOH A O   1 
HETATM 1421 O O   . HOH D 4 .   ? 2.172   -12.675 10.408  1.00 44.02 ? 2023 HOH A O   1 
HETATM 1422 O O   . HOH D 4 .   ? -5.771  -9.168  -8.708  1.00 30.12 ? 2024 HOH A O   1 
HETATM 1423 O O   . HOH D 4 .   ? -8.110  -2.092  -6.779  1.00 33.27 ? 2025 HOH A O   1 
HETATM 1424 O O   . HOH D 4 .   ? -9.074  0.362   -9.369  1.00 48.38 ? 2026 HOH A O   1 
HETATM 1425 O O   . HOH D 4 .   ? -2.815  20.033  -9.453  1.00 29.67 ? 2027 HOH A O   1 
HETATM 1426 O O   . HOH D 4 .   ? -2.069  18.269  -7.514  1.00 26.70 ? 2028 HOH A O   1 
HETATM 1427 O O   . HOH D 4 .   ? 9.064   16.021  -4.092  1.00 56.10 ? 2029 HOH A O   1 
HETATM 1428 O O   . HOH D 4 .   ? 17.534  11.298  -6.581  1.00 41.83 ? 2030 HOH A O   1 
HETATM 1429 O O   . HOH D 4 .   ? 12.963  6.191   2.308   1.00 42.34 ? 2031 HOH A O   1 
HETATM 1430 O O   . HOH D 4 .   ? 16.162  10.855  4.213   1.00 44.43 ? 2032 HOH A O   1 
HETATM 1431 O O   . HOH E 4 .   ? -7.106  9.797   13.117  1.00 42.15 ? 2001 HOH B O   1 
HETATM 1432 O O   . HOH E 4 .   ? -7.367  9.841   10.358  1.00 44.03 ? 2002 HOH B O   1 
HETATM 1433 O O   . HOH E 4 .   ? -5.106  13.070  9.192   1.00 47.83 ? 2003 HOH B O   1 
HETATM 1434 O O   . HOH E 4 .   ? 0.523   16.320  5.665   1.00 34.28 ? 2004 HOH B O   1 
HETATM 1435 O O   . HOH E 4 .   ? 1.915   17.868  0.236   1.00 46.44 ? 2005 HOH B O   1 
HETATM 1436 O O   . HOH E 4 .   ? 2.886   14.852  -1.246  1.00 25.82 ? 2006 HOH B O   1 
# 
